data_1AVS
# 
_entry.id   1AVS 
# 
_audit_conform.dict_name       mmcif_pdbx.dic 
_audit_conform.dict_version    5.392 
_audit_conform.dict_location   http://mmcif.pdb.org/dictionaries/ascii/mmcif_pdbx.dic 
# 
loop_
_database_2.database_id 
_database_2.database_code 
_database_2.pdbx_database_accession 
_database_2.pdbx_DOI 
PDB   1AVS         pdb_00001avs 10.2210/pdb1avs/pdb 
WWPDB D_1000171317 ?            ?                   
# 
loop_
_pdbx_audit_revision_history.ordinal 
_pdbx_audit_revision_history.data_content_type 
_pdbx_audit_revision_history.major_revision 
_pdbx_audit_revision_history.minor_revision 
_pdbx_audit_revision_history.revision_date 
1 'Structure model' 1 0 1997-12-24 
2 'Structure model' 1 1 2008-03-24 
3 'Structure model' 1 2 2011-07-13 
4 'Structure model' 1 3 2023-08-02 
5 'Structure model' 1 4 2024-05-22 
# 
_pdbx_audit_revision_details.ordinal             1 
_pdbx_audit_revision_details.revision_ordinal    1 
_pdbx_audit_revision_details.data_content_type   'Structure model' 
_pdbx_audit_revision_details.provider            repository 
_pdbx_audit_revision_details.type                'Initial release' 
_pdbx_audit_revision_details.description         ? 
_pdbx_audit_revision_details.details             ? 
# 
loop_
_pdbx_audit_revision_group.ordinal 
_pdbx_audit_revision_group.revision_ordinal 
_pdbx_audit_revision_group.data_content_type 
_pdbx_audit_revision_group.group 
1 2 'Structure model' 'Version format compliance' 
2 3 'Structure model' 'Version format compliance' 
3 4 'Structure model' 'Data collection'           
4 4 'Structure model' 'Database references'       
5 4 'Structure model' 'Derived calculations'      
6 4 'Structure model' 'Refinement description'    
7 5 'Structure model' 'Data collection'           
# 
loop_
_pdbx_audit_revision_category.ordinal 
_pdbx_audit_revision_category.revision_ordinal 
_pdbx_audit_revision_category.data_content_type 
_pdbx_audit_revision_category.category 
1 4 'Structure model' database_2                    
2 4 'Structure model' diffrn_source                 
3 4 'Structure model' pdbx_initial_refinement_model 
4 4 'Structure model' pdbx_struct_conn_angle        
5 4 'Structure model' struct_conn                   
6 4 'Structure model' struct_site                   
7 5 'Structure model' chem_comp_atom                
8 5 'Structure model' chem_comp_bond                
# 
loop_
_pdbx_audit_revision_item.ordinal 
_pdbx_audit_revision_item.revision_ordinal 
_pdbx_audit_revision_item.data_content_type 
_pdbx_audit_revision_item.item 
1  4 'Structure model' '_database_2.pdbx_DOI'                        
2  4 'Structure model' '_database_2.pdbx_database_accession'         
3  4 'Structure model' '_diffrn_source.pdbx_synchrotron_site'        
4  4 'Structure model' '_pdbx_struct_conn_angle.ptnr1_auth_comp_id'  
5  4 'Structure model' '_pdbx_struct_conn_angle.ptnr1_auth_seq_id'   
6  4 'Structure model' '_pdbx_struct_conn_angle.ptnr1_label_asym_id' 
7  4 'Structure model' '_pdbx_struct_conn_angle.ptnr1_label_atom_id' 
8  4 'Structure model' '_pdbx_struct_conn_angle.ptnr1_label_comp_id' 
9  4 'Structure model' '_pdbx_struct_conn_angle.ptnr1_label_seq_id'  
10 4 'Structure model' '_pdbx_struct_conn_angle.ptnr3_auth_comp_id'  
11 4 'Structure model' '_pdbx_struct_conn_angle.ptnr3_auth_seq_id'   
12 4 'Structure model' '_pdbx_struct_conn_angle.ptnr3_label_asym_id' 
13 4 'Structure model' '_pdbx_struct_conn_angle.ptnr3_label_atom_id' 
14 4 'Structure model' '_pdbx_struct_conn_angle.ptnr3_label_comp_id' 
15 4 'Structure model' '_pdbx_struct_conn_angle.ptnr3_label_seq_id'  
16 4 'Structure model' '_pdbx_struct_conn_angle.value'               
17 4 'Structure model' '_struct_conn.pdbx_dist_value'                
18 4 'Structure model' '_struct_conn.ptnr1_auth_asym_id'             
19 4 'Structure model' '_struct_conn.ptnr1_auth_comp_id'             
20 4 'Structure model' '_struct_conn.ptnr1_auth_seq_id'              
21 4 'Structure model' '_struct_conn.ptnr1_label_asym_id'            
22 4 'Structure model' '_struct_conn.ptnr1_label_atom_id'            
23 4 'Structure model' '_struct_conn.ptnr1_label_comp_id'            
24 4 'Structure model' '_struct_conn.ptnr1_label_seq_id'             
25 4 'Structure model' '_struct_conn.ptnr2_auth_asym_id'             
26 4 'Structure model' '_struct_conn.ptnr2_auth_comp_id'             
27 4 'Structure model' '_struct_conn.ptnr2_auth_seq_id'              
28 4 'Structure model' '_struct_conn.ptnr2_label_asym_id'            
29 4 'Structure model' '_struct_conn.ptnr2_label_atom_id'            
30 4 'Structure model' '_struct_conn.ptnr2_label_comp_id'            
31 4 'Structure model' '_struct_conn.ptnr2_label_seq_id'             
32 4 'Structure model' '_struct_site.pdbx_auth_asym_id'              
33 4 'Structure model' '_struct_site.pdbx_auth_comp_id'              
34 4 'Structure model' '_struct_site.pdbx_auth_seq_id'               
# 
_pdbx_database_status.status_code                     REL 
_pdbx_database_status.entry_id                        1AVS 
_pdbx_database_status.recvd_initial_deposition_date   1997-09-19 
_pdbx_database_status.deposit_site                    ? 
_pdbx_database_status.process_site                    BNL 
_pdbx_database_status.SG_entry                        . 
_pdbx_database_status.status_code_sf                  ? 
_pdbx_database_status.status_code_mr                  ? 
_pdbx_database_status.status_code_cs                  ? 
_pdbx_database_status.methods_development_category    ? 
_pdbx_database_status.pdb_format_compatible           Y 
_pdbx_database_status.status_code_nmr_data            ? 
# 
loop_
_audit_author.name 
_audit_author.pdbx_ordinal 
'Strynadka, N.C.J.' 1 
'James, M.N.G.'     2 
# 
_citation.id                        primary 
_citation.title                     
;Structural details of a calcium-induced molecular switch: X-ray crystallographic analysis of the calcium-saturated N-terminal domain of troponin C at 1.75 A resolution.
;
_citation.journal_abbrev            J.Mol.Biol. 
_citation.journal_volume            273 
_citation.page_first                238 
_citation.page_last                 255 
_citation.year                      1997 
_citation.journal_id_ASTM           JMOBAK 
_citation.country                   UK 
_citation.journal_id_ISSN           0022-2836 
_citation.journal_id_CSD            0070 
_citation.book_publisher            ? 
_citation.pdbx_database_id_PubMed   9367759 
_citation.pdbx_database_id_DOI      10.1006/jmbi.1997.1257 
# 
loop_
_citation_author.citation_id 
_citation_author.name 
_citation_author.ordinal 
_citation_author.identifier_ORCID 
primary 'Strynadka, N.C.' 1 ? 
primary 'Cherney, M.'     2 ? 
primary 'Sielecki, A.R.'  3 ? 
primary 'Li, M.X.'        4 ? 
primary 'Smillie, L.B.'   5 ? 
primary 'James, M.N.'     6 ? 
# 
loop_
_entity.id 
_entity.type 
_entity.src_method 
_entity.pdbx_description 
_entity.formula_weight 
_entity.pdbx_number_of_molecules 
_entity.pdbx_ec 
_entity.pdbx_mutation 
_entity.pdbx_fragment 
_entity.details 
1 polymer     man 'TROPONIN C'  9984.085 2  ? ? 'N-TERMINAL DOMAIN, RESIDUES 1 - 90' ? 
2 non-polymer syn 'CALCIUM ION' 40.078   4  ? ? ?                                    ? 
3 water       nat water         18.015   93 ? ? ?                                    ? 
# 
_entity_poly.entity_id                      1 
_entity_poly.type                           'polypeptide(L)' 
_entity_poly.nstd_linkage                   no 
_entity_poly.nstd_monomer                   no 
_entity_poly.pdbx_seq_one_letter_code       
;ASMTDQQAEARAFLSEEMIAEFKAAFDMFDADGGGDISTKELGTVMRMLGQNPTKEELDAIIEEVDEDGSGTIDFEEFLV
MMVRQMKEDA
;
_entity_poly.pdbx_seq_one_letter_code_can   
;ASMTDQQAEARAFLSEEMIAEFKAAFDMFDADGGGDISTKELGTVMRMLGQNPTKEELDAIIEEVDEDGSGTIDFEEFLV
MMVRQMKEDA
;
_entity_poly.pdbx_strand_id                 A,B 
_entity_poly.pdbx_target_identifier         ? 
# 
loop_
_pdbx_entity_nonpoly.entity_id 
_pdbx_entity_nonpoly.name 
_pdbx_entity_nonpoly.comp_id 
2 'CALCIUM ION' CA  
3 water         HOH 
# 
loop_
_entity_poly_seq.entity_id 
_entity_poly_seq.num 
_entity_poly_seq.mon_id 
_entity_poly_seq.hetero 
1 1  ALA n 
1 2  SER n 
1 3  MET n 
1 4  THR n 
1 5  ASP n 
1 6  GLN n 
1 7  GLN n 
1 8  ALA n 
1 9  GLU n 
1 10 ALA n 
1 11 ARG n 
1 12 ALA n 
1 13 PHE n 
1 14 LEU n 
1 15 SER n 
1 16 GLU n 
1 17 GLU n 
1 18 MET n 
1 19 ILE n 
1 20 ALA n 
1 21 GLU n 
1 22 PHE n 
1 23 LYS n 
1 24 ALA n 
1 25 ALA n 
1 26 PHE n 
1 27 ASP n 
1 28 MET n 
1 29 PHE n 
1 30 ASP n 
1 31 ALA n 
1 32 ASP n 
1 33 GLY n 
1 34 GLY n 
1 35 GLY n 
1 36 ASP n 
1 37 ILE n 
1 38 SER n 
1 39 THR n 
1 40 LYS n 
1 41 GLU n 
1 42 LEU n 
1 43 GLY n 
1 44 THR n 
1 45 VAL n 
1 46 MET n 
1 47 ARG n 
1 48 MET n 
1 49 LEU n 
1 50 GLY n 
1 51 GLN n 
1 52 ASN n 
1 53 PRO n 
1 54 THR n 
1 55 LYS n 
1 56 GLU n 
1 57 GLU n 
1 58 LEU n 
1 59 ASP n 
1 60 ALA n 
1 61 ILE n 
1 62 ILE n 
1 63 GLU n 
1 64 GLU n 
1 65 VAL n 
1 66 ASP n 
1 67 GLU n 
1 68 ASP n 
1 69 GLY n 
1 70 SER n 
1 71 GLY n 
1 72 THR n 
1 73 ILE n 
1 74 ASP n 
1 75 PHE n 
1 76 GLU n 
1 77 GLU n 
1 78 PHE n 
1 79 LEU n 
1 80 VAL n 
1 81 MET n 
1 82 MET n 
1 83 VAL n 
1 84 ARG n 
1 85 GLN n 
1 86 MET n 
1 87 LYS n 
1 88 GLU n 
1 89 ASP n 
1 90 ALA n 
# 
_entity_src_gen.entity_id                          1 
_entity_src_gen.pdbx_src_id                        1 
_entity_src_gen.pdbx_alt_source_flag               sample 
_entity_src_gen.pdbx_seq_type                      ? 
_entity_src_gen.pdbx_beg_seq_num                   ? 
_entity_src_gen.pdbx_end_seq_num                   ? 
_entity_src_gen.gene_src_common_name               chicken 
_entity_src_gen.gene_src_genus                     Gallus 
_entity_src_gen.pdbx_gene_src_gene                 ? 
_entity_src_gen.gene_src_species                   ? 
_entity_src_gen.gene_src_strain                    ? 
_entity_src_gen.gene_src_tissue                    BREAST 
_entity_src_gen.gene_src_tissue_fraction           ? 
_entity_src_gen.gene_src_details                   ? 
_entity_src_gen.pdbx_gene_src_fragment             ? 
_entity_src_gen.pdbx_gene_src_scientific_name      'Gallus gallus' 
_entity_src_gen.pdbx_gene_src_ncbi_taxonomy_id     9031 
_entity_src_gen.pdbx_gene_src_variant              ? 
_entity_src_gen.pdbx_gene_src_cell_line            ? 
_entity_src_gen.pdbx_gene_src_atcc                 ? 
_entity_src_gen.pdbx_gene_src_organ                ? 
_entity_src_gen.pdbx_gene_src_organelle            ? 
_entity_src_gen.pdbx_gene_src_cell                 ? 
_entity_src_gen.pdbx_gene_src_cellular_location    ? 
_entity_src_gen.host_org_common_name               ? 
_entity_src_gen.pdbx_host_org_scientific_name      'Escherichia coli' 
_entity_src_gen.pdbx_host_org_ncbi_taxonomy_id     562 
_entity_src_gen.host_org_genus                     Escherichia 
_entity_src_gen.pdbx_host_org_gene                 ? 
_entity_src_gen.pdbx_host_org_organ                ? 
_entity_src_gen.host_org_species                   ? 
_entity_src_gen.pdbx_host_org_tissue               ? 
_entity_src_gen.pdbx_host_org_tissue_fraction      ? 
_entity_src_gen.pdbx_host_org_strain               ? 
_entity_src_gen.pdbx_host_org_variant              ? 
_entity_src_gen.pdbx_host_org_cell_line            ? 
_entity_src_gen.pdbx_host_org_atcc                 ? 
_entity_src_gen.pdbx_host_org_culture_collection   ? 
_entity_src_gen.pdbx_host_org_cell                 ? 
_entity_src_gen.pdbx_host_org_organelle            ? 
_entity_src_gen.pdbx_host_org_cellular_location    ? 
_entity_src_gen.pdbx_host_org_vector_type          ? 
_entity_src_gen.pdbx_host_org_vector               ? 
_entity_src_gen.host_org_details                   ? 
_entity_src_gen.expression_system_id               ? 
_entity_src_gen.plasmid_name                       ? 
_entity_src_gen.plasmid_details                    ? 
_entity_src_gen.pdbx_description                   ? 
# 
loop_
_chem_comp.id 
_chem_comp.type 
_chem_comp.mon_nstd_flag 
_chem_comp.name 
_chem_comp.pdbx_synonyms 
_chem_comp.formula 
_chem_comp.formula_weight 
ALA 'L-peptide linking' y ALANINE         ? 'C3 H7 N O2'     89.093  
ARG 'L-peptide linking' y ARGININE        ? 'C6 H15 N4 O2 1' 175.209 
ASN 'L-peptide linking' y ASPARAGINE      ? 'C4 H8 N2 O3'    132.118 
ASP 'L-peptide linking' y 'ASPARTIC ACID' ? 'C4 H7 N O4'     133.103 
CA  non-polymer         . 'CALCIUM ION'   ? 'Ca 2'           40.078  
GLN 'L-peptide linking' y GLUTAMINE       ? 'C5 H10 N2 O3'   146.144 
GLU 'L-peptide linking' y 'GLUTAMIC ACID' ? 'C5 H9 N O4'     147.129 
GLY 'peptide linking'   y GLYCINE         ? 'C2 H5 N O2'     75.067  
HOH non-polymer         . WATER           ? 'H2 O'           18.015  
ILE 'L-peptide linking' y ISOLEUCINE      ? 'C6 H13 N O2'    131.173 
LEU 'L-peptide linking' y LEUCINE         ? 'C6 H13 N O2'    131.173 
LYS 'L-peptide linking' y LYSINE          ? 'C6 H15 N2 O2 1' 147.195 
MET 'L-peptide linking' y METHIONINE      ? 'C5 H11 N O2 S'  149.211 
PHE 'L-peptide linking' y PHENYLALANINE   ? 'C9 H11 N O2'    165.189 
PRO 'L-peptide linking' y PROLINE         ? 'C5 H9 N O2'     115.130 
SER 'L-peptide linking' y SERINE          ? 'C3 H7 N O3'     105.093 
THR 'L-peptide linking' y THREONINE       ? 'C4 H9 N O3'     119.119 
VAL 'L-peptide linking' y VALINE          ? 'C5 H11 N O2'    117.146 
# 
loop_
_pdbx_poly_seq_scheme.asym_id 
_pdbx_poly_seq_scheme.entity_id 
_pdbx_poly_seq_scheme.seq_id 
_pdbx_poly_seq_scheme.mon_id 
_pdbx_poly_seq_scheme.ndb_seq_num 
_pdbx_poly_seq_scheme.pdb_seq_num 
_pdbx_poly_seq_scheme.auth_seq_num 
_pdbx_poly_seq_scheme.pdb_mon_id 
_pdbx_poly_seq_scheme.auth_mon_id 
_pdbx_poly_seq_scheme.pdb_strand_id 
_pdbx_poly_seq_scheme.pdb_ins_code 
_pdbx_poly_seq_scheme.hetero 
A 1 1  ALA 1  1  ?  ?   ?   A . n 
A 1 2  SER 2  2  ?  ?   ?   A . n 
A 1 3  MET 3  3  ?  ?   ?   A . n 
A 1 4  THR 4  4  ?  ?   ?   A . n 
A 1 5  ASP 5  5  ?  ?   ?   A . n 
A 1 6  GLN 6  6  ?  ?   ?   A . n 
A 1 7  GLN 7  7  7  GLN GLN A . n 
A 1 8  ALA 8  8  8  ALA ALA A . n 
A 1 9  GLU 9  9  9  GLU GLU A . n 
A 1 10 ALA 10 10 10 ALA ALA A . n 
A 1 11 ARG 11 11 11 ARG ARG A . n 
A 1 12 ALA 12 12 12 ALA ALA A . n 
A 1 13 PHE 13 13 13 PHE PHE A . n 
A 1 14 LEU 14 14 14 LEU LEU A . n 
A 1 15 SER 15 15 15 SER SER A . n 
A 1 16 GLU 16 16 16 GLU GLU A . n 
A 1 17 GLU 17 17 17 GLU GLU A . n 
A 1 18 MET 18 18 18 MET MET A . n 
A 1 19 ILE 19 19 19 ILE ILE A . n 
A 1 20 ALA 20 20 20 ALA ALA A . n 
A 1 21 GLU 21 21 21 GLU GLU A . n 
A 1 22 PHE 22 22 22 PHE PHE A . n 
A 1 23 LYS 23 23 23 LYS LYS A . n 
A 1 24 ALA 24 24 24 ALA ALA A . n 
A 1 25 ALA 25 25 25 ALA ALA A . n 
A 1 26 PHE 26 26 26 PHE PHE A . n 
A 1 27 ASP 27 27 27 ASP ASP A . n 
A 1 28 MET 28 28 28 MET MET A . n 
A 1 29 PHE 29 29 29 PHE PHE A . n 
A 1 30 ASP 30 30 30 ASP ASP A . n 
A 1 31 ALA 31 31 31 ALA ALA A . n 
A 1 32 ASP 32 32 32 ASP ASP A . n 
A 1 33 GLY 33 33 33 GLY GLY A . n 
A 1 34 GLY 34 34 34 GLY GLY A . n 
A 1 35 GLY 35 35 35 GLY GLY A . n 
A 1 36 ASP 36 36 36 ASP ASP A . n 
A 1 37 ILE 37 37 37 ILE ILE A . n 
A 1 38 SER 38 38 38 SER SER A . n 
A 1 39 THR 39 39 39 THR THR A . n 
A 1 40 LYS 40 40 40 LYS LYS A . n 
A 1 41 GLU 41 41 41 GLU GLU A . n 
A 1 42 LEU 42 42 42 LEU LEU A . n 
A 1 43 GLY 43 43 43 GLY GLY A . n 
A 1 44 THR 44 44 44 THR THR A . n 
A 1 45 VAL 45 45 45 VAL VAL A . n 
A 1 46 MET 46 46 46 MET MET A . n 
A 1 47 ARG 47 47 47 ARG ARG A . n 
A 1 48 MET 48 48 48 MET MET A . n 
A 1 49 LEU 49 49 49 LEU LEU A . n 
A 1 50 GLY 50 50 50 GLY GLY A . n 
A 1 51 GLN 51 51 51 GLN GLN A . n 
A 1 52 ASN 52 52 52 ASN ASN A . n 
A 1 53 PRO 53 53 53 PRO PRO A . n 
A 1 54 THR 54 54 54 THR THR A . n 
A 1 55 LYS 55 55 55 LYS LYS A . n 
A 1 56 GLU 56 56 56 GLU GLU A . n 
A 1 57 GLU 57 57 57 GLU GLU A . n 
A 1 58 LEU 58 58 58 LEU LEU A . n 
A 1 59 ASP 59 59 59 ASP ASP A . n 
A 1 60 ALA 60 60 60 ALA ALA A . n 
A 1 61 ILE 61 61 61 ILE ILE A . n 
A 1 62 ILE 62 62 62 ILE ILE A . n 
A 1 63 GLU 63 63 63 GLU GLU A . n 
A 1 64 GLU 64 64 64 GLU GLU A . n 
A 1 65 VAL 65 65 65 VAL VAL A . n 
A 1 66 ASP 66 66 66 ASP ASP A . n 
A 1 67 GLU 67 67 67 GLU GLU A . n 
A 1 68 ASP 68 68 68 ASP ASP A . n 
A 1 69 GLY 69 69 69 GLY GLY A . n 
A 1 70 SER 70 70 70 SER SER A . n 
A 1 71 GLY 71 71 71 GLY GLY A . n 
A 1 72 THR 72 72 72 THR THR A . n 
A 1 73 ILE 73 73 73 ILE ILE A . n 
A 1 74 ASP 74 74 74 ASP ASP A . n 
A 1 75 PHE 75 75 75 PHE PHE A . n 
A 1 76 GLU 76 76 76 GLU GLU A . n 
A 1 77 GLU 77 77 77 GLU GLU A . n 
A 1 78 PHE 78 78 78 PHE PHE A . n 
A 1 79 LEU 79 79 79 LEU LEU A . n 
A 1 80 VAL 80 80 80 VAL VAL A . n 
A 1 81 MET 81 81 81 MET MET A . n 
A 1 82 MET 82 82 82 MET MET A . n 
A 1 83 VAL 83 83 83 VAL VAL A . n 
A 1 84 ARG 84 84 84 ARG ARG A . n 
A 1 85 GLN 85 85 85 GLN GLN A . n 
A 1 86 MET 86 86 86 MET MET A . n 
A 1 87 LYS 87 87 87 LYS LYS A . n 
A 1 88 GLU 88 88 ?  ?   ?   A . n 
A 1 89 ASP 89 89 ?  ?   ?   A . n 
A 1 90 ALA 90 90 ?  ?   ?   A . n 
B 1 1  ALA 1  1  ?  ?   ?   B . n 
B 1 2  SER 2  2  ?  ?   ?   B . n 
B 1 3  MET 3  3  ?  ?   ?   B . n 
B 1 4  THR 4  4  ?  ?   ?   B . n 
B 1 5  ASP 5  5  ?  ?   ?   B . n 
B 1 6  GLN 6  6  6  GLN GLN B . n 
B 1 7  GLN 7  7  7  GLN GLN B . n 
B 1 8  ALA 8  8  8  ALA ALA B . n 
B 1 9  GLU 9  9  9  GLU GLU B . n 
B 1 10 ALA 10 10 10 ALA ALA B . n 
B 1 11 ARG 11 11 11 ARG ARG B . n 
B 1 12 ALA 12 12 12 ALA ALA B . n 
B 1 13 PHE 13 13 13 PHE PHE B . n 
B 1 14 LEU 14 14 14 LEU LEU B . n 
B 1 15 SER 15 15 15 SER SER B . n 
B 1 16 GLU 16 16 16 GLU GLU B . n 
B 1 17 GLU 17 17 17 GLU GLU B . n 
B 1 18 MET 18 18 18 MET MET B . n 
B 1 19 ILE 19 19 19 ILE ILE B . n 
B 1 20 ALA 20 20 20 ALA ALA B . n 
B 1 21 GLU 21 21 21 GLU GLU B . n 
B 1 22 PHE 22 22 22 PHE PHE B . n 
B 1 23 LYS 23 23 23 LYS LYS B . n 
B 1 24 ALA 24 24 24 ALA ALA B . n 
B 1 25 ALA 25 25 25 ALA ALA B . n 
B 1 26 PHE 26 26 26 PHE PHE B . n 
B 1 27 ASP 27 27 27 ASP ASP B . n 
B 1 28 MET 28 28 28 MET MET B . n 
B 1 29 PHE 29 29 29 PHE PHE B . n 
B 1 30 ASP 30 30 30 ASP ASP B . n 
B 1 31 ALA 31 31 31 ALA ALA B . n 
B 1 32 ASP 32 32 32 ASP ASP B . n 
B 1 33 GLY 33 33 33 GLY GLY B . n 
B 1 34 GLY 34 34 34 GLY GLY B . n 
B 1 35 GLY 35 35 35 GLY GLY B . n 
B 1 36 ASP 36 36 36 ASP ASP B . n 
B 1 37 ILE 37 37 37 ILE ILE B . n 
B 1 38 SER 38 38 38 SER SER B . n 
B 1 39 THR 39 39 39 THR THR B . n 
B 1 40 LYS 40 40 40 LYS LYS B . n 
B 1 41 GLU 41 41 41 GLU GLU B . n 
B 1 42 LEU 42 42 42 LEU LEU B . n 
B 1 43 GLY 43 43 43 GLY GLY B . n 
B 1 44 THR 44 44 44 THR THR B . n 
B 1 45 VAL 45 45 45 VAL VAL B . n 
B 1 46 MET 46 46 46 MET MET B . n 
B 1 47 ARG 47 47 47 ARG ARG B . n 
B 1 48 MET 48 48 48 MET MET B . n 
B 1 49 LEU 49 49 49 LEU LEU B . n 
B 1 50 GLY 50 50 50 GLY GLY B . n 
B 1 51 GLN 51 51 51 GLN GLN B . n 
B 1 52 ASN 52 52 52 ASN ASN B . n 
B 1 53 PRO 53 53 53 PRO PRO B . n 
B 1 54 THR 54 54 54 THR THR B . n 
B 1 55 LYS 55 55 55 LYS LYS B . n 
B 1 56 GLU 56 56 56 GLU GLU B . n 
B 1 57 GLU 57 57 57 GLU GLU B . n 
B 1 58 LEU 58 58 58 LEU LEU B . n 
B 1 59 ASP 59 59 59 ASP ASP B . n 
B 1 60 ALA 60 60 60 ALA ALA B . n 
B 1 61 ILE 61 61 61 ILE ILE B . n 
B 1 62 ILE 62 62 62 ILE ILE B . n 
B 1 63 GLU 63 63 63 GLU GLU B . n 
B 1 64 GLU 64 64 64 GLU GLU B . n 
B 1 65 VAL 65 65 65 VAL VAL B . n 
B 1 66 ASP 66 66 66 ASP ASP B . n 
B 1 67 GLU 67 67 67 GLU GLU B . n 
B 1 68 ASP 68 68 68 ASP ASP B . n 
B 1 69 GLY 69 69 69 GLY GLY B . n 
B 1 70 SER 70 70 70 SER SER B . n 
B 1 71 GLY 71 71 71 GLY GLY B . n 
B 1 72 THR 72 72 72 THR THR B . n 
B 1 73 ILE 73 73 73 ILE ILE B . n 
B 1 74 ASP 74 74 74 ASP ASP B . n 
B 1 75 PHE 75 75 75 PHE PHE B . n 
B 1 76 GLU 76 76 76 GLU GLU B . n 
B 1 77 GLU 77 77 77 GLU GLU B . n 
B 1 78 PHE 78 78 78 PHE PHE B . n 
B 1 79 LEU 79 79 79 LEU LEU B . n 
B 1 80 VAL 80 80 80 VAL VAL B . n 
B 1 81 MET 81 81 81 MET MET B . n 
B 1 82 MET 82 82 82 MET MET B . n 
B 1 83 VAL 83 83 83 VAL VAL B . n 
B 1 84 ARG 84 84 84 ARG ARG B . n 
B 1 85 GLN 85 85 85 GLN GLN B . n 
B 1 86 MET 86 86 86 MET MET B . n 
B 1 87 LYS 87 87 87 LYS LYS B . n 
B 1 88 GLU 88 88 ?  ?   ?   B . n 
B 1 89 ASP 89 89 ?  ?   ?   B . n 
B 1 90 ALA 90 90 ?  ?   ?   B . n 
# 
loop_
_pdbx_nonpoly_scheme.asym_id 
_pdbx_nonpoly_scheme.entity_id 
_pdbx_nonpoly_scheme.mon_id 
_pdbx_nonpoly_scheme.ndb_seq_num 
_pdbx_nonpoly_scheme.pdb_seq_num 
_pdbx_nonpoly_scheme.auth_seq_num 
_pdbx_nonpoly_scheme.pdb_mon_id 
_pdbx_nonpoly_scheme.auth_mon_id 
_pdbx_nonpoly_scheme.pdb_strand_id 
_pdbx_nonpoly_scheme.pdb_ins_code 
C 2 CA  1  93  93  CA  CA  A . 
D 2 CA  1  94  94  CA  CA  A . 
E 2 CA  1  93  93  CA  CA  B . 
F 2 CA  1  94  94  CA  CA  B . 
G 3 HOH 1  95  95  HOH HOH A . 
G 3 HOH 2  96  96  HOH HOH A . 
G 3 HOH 3  97  97  HOH HOH A . 
G 3 HOH 4  98  98  HOH HOH A . 
G 3 HOH 5  99  99  HOH HOH A . 
G 3 HOH 6  100 100 HOH HOH A . 
G 3 HOH 7  101 101 HOH HOH A . 
G 3 HOH 8  102 102 HOH HOH A . 
G 3 HOH 9  103 103 HOH HOH A . 
G 3 HOH 10 104 105 HOH HOH A . 
G 3 HOH 11 105 106 HOH HOH A . 
G 3 HOH 12 106 107 HOH HOH A . 
G 3 HOH 13 108 111 HOH HOH A . 
G 3 HOH 14 109 112 HOH HOH A . 
G 3 HOH 15 110 114 HOH HOH A . 
G 3 HOH 16 111 120 HOH HOH A . 
G 3 HOH 17 112 121 HOH HOH A . 
G 3 HOH 18 124 106 HOH HOH A . 
G 3 HOH 19 125 107 HOH HOH A . 
G 3 HOH 20 126 108 HOH HOH A . 
G 3 HOH 21 127 109 HOH HOH A . 
G 3 HOH 22 128 110 HOH HOH A . 
G 3 HOH 23 129 111 HOH HOH A . 
G 3 HOH 24 130 112 HOH HOH A . 
G 3 HOH 25 131 113 HOH HOH A . 
G 3 HOH 26 132 114 HOH HOH A . 
G 3 HOH 27 133 115 HOH HOH A . 
G 3 HOH 28 134 248 HOH HOH A . 
G 3 HOH 29 143 260 HOH HOH A . 
G 3 HOH 30 154 280 HOH HOH A . 
G 3 HOH 31 155 281 HOH HOH A . 
G 3 HOH 32 157 286 HOH HOH A . 
G 3 HOH 33 158 289 HOH HOH A . 
G 3 HOH 34 159 290 HOH HOH A . 
G 3 HOH 35 160 292 HOH HOH A . 
G 3 HOH 36 161 293 HOH HOH A . 
G 3 HOH 37 162 295 HOH HOH A . 
G 3 HOH 38 169 306 HOH HOH A . 
G 3 HOH 39 170 307 HOH HOH A . 
G 3 HOH 40 171 308 HOH HOH A . 
G 3 HOH 41 172 310 HOH HOH A . 
G 3 HOH 42 173 311 HOH HOH A . 
G 3 HOH 43 174 312 HOH HOH A . 
G 3 HOH 44 175 313 HOH HOH A . 
G 3 HOH 45 176 314 HOH HOH A . 
G 3 HOH 46 180 322 HOH HOH A . 
G 3 HOH 47 181 325 HOH HOH A . 
G 3 HOH 48 182 326 HOH HOH A . 
G 3 HOH 49 183 327 HOH HOH A . 
G 3 HOH 50 184 329 HOH HOH A . 
G 3 HOH 51 185 331 HOH HOH A . 
G 3 HOH 52 186 332 HOH HOH A . 
H 3 HOH 1  107 109 HOH HOH B . 
H 3 HOH 2  113 95  HOH HOH B . 
H 3 HOH 3  114 96  HOH HOH B . 
H 3 HOH 4  115 97  HOH HOH B . 
H 3 HOH 5  116 98  HOH HOH B . 
H 3 HOH 6  117 99  HOH HOH B . 
H 3 HOH 7  118 100 HOH HOH B . 
H 3 HOH 8  119 101 HOH HOH B . 
H 3 HOH 9  120 102 HOH HOH B . 
H 3 HOH 10 121 103 HOH HOH B . 
H 3 HOH 11 122 104 HOH HOH B . 
H 3 HOH 12 123 105 HOH HOH B . 
H 3 HOH 13 135 249 HOH HOH B . 
H 3 HOH 14 136 250 HOH HOH B . 
H 3 HOH 15 137 251 HOH HOH B . 
H 3 HOH 16 138 254 HOH HOH B . 
H 3 HOH 17 139 255 HOH HOH B . 
H 3 HOH 18 140 257 HOH HOH B . 
H 3 HOH 19 141 258 HOH HOH B . 
H 3 HOH 20 142 259 HOH HOH B . 
H 3 HOH 21 144 262 HOH HOH B . 
H 3 HOH 22 145 263 HOH HOH B . 
H 3 HOH 23 146 264 HOH HOH B . 
H 3 HOH 24 147 265 HOH HOH B . 
H 3 HOH 25 148 266 HOH HOH B . 
H 3 HOH 26 149 267 HOH HOH B . 
H 3 HOH 27 150 268 HOH HOH B . 
H 3 HOH 28 151 277 HOH HOH B . 
H 3 HOH 29 152 278 HOH HOH B . 
H 3 HOH 30 153 279 HOH HOH B . 
H 3 HOH 31 156 284 HOH HOH B . 
H 3 HOH 32 163 297 HOH HOH B . 
H 3 HOH 33 164 300 HOH HOH B . 
H 3 HOH 34 165 301 HOH HOH B . 
H 3 HOH 35 166 302 HOH HOH B . 
H 3 HOH 36 167 303 HOH HOH B . 
H 3 HOH 37 168 305 HOH HOH B . 
H 3 HOH 38 177 315 HOH HOH B . 
H 3 HOH 39 178 316 HOH HOH B . 
H 3 HOH 40 179 319 HOH HOH B . 
H 3 HOH 41 187 335 HOH HOH B . 
# 
loop_
_software.name 
_software.classification 
_software.version 
_software.citation_id 
_software.pdbx_ordinal 
AMoRE     phasing          .  ? 1 
MLPHARE   phasing          .  ? 2 
TNT       refinement       5D ? 3 
DENZO     'data reduction' .  ? 4 
SCALEPACK 'data scaling'   .  ? 5 
# 
_cell.entry_id           1AVS 
_cell.length_a           32.120 
_cell.length_b           81.580 
_cell.length_c           39.860 
_cell.angle_alpha        90.00 
_cell.angle_beta         112.67 
_cell.angle_gamma        90.00 
_cell.Z_PDB              4 
_cell.pdbx_unique_axis   ? 
_cell.length_a_esd       ? 
_cell.length_b_esd       ? 
_cell.length_c_esd       ? 
_cell.angle_alpha_esd    ? 
_cell.angle_beta_esd     ? 
_cell.angle_gamma_esd    ? 
# 
_symmetry.entry_id                         1AVS 
_symmetry.space_group_name_H-M             'P 1 21 1' 
_symmetry.pdbx_full_space_group_name_H-M   ? 
_symmetry.cell_setting                     ? 
_symmetry.Int_Tables_number                4 
_symmetry.space_group_name_Hall            ? 
# 
_exptl.entry_id          1AVS 
_exptl.method            'X-RAY DIFFRACTION' 
_exptl.crystals_number   1 
# 
_exptl_crystal.id                    1 
_exptl_crystal.density_meas          ? 
_exptl_crystal.density_Matthews      2.4 
_exptl_crystal.density_percent_sol   51 
_exptl_crystal.description           ? 
_exptl_crystal.F_000                 ? 
_exptl_crystal.preparation           ? 
# 
_exptl_crystal_grow.crystal_id      1 
_exptl_crystal_grow.method          ? 
_exptl_crystal_grow.temp            ? 
_exptl_crystal_grow.temp_details    ? 
_exptl_crystal_grow.pH              7.5 
_exptl_crystal_grow.pdbx_pH_range   ? 
_exptl_crystal_grow.pdbx_details    '72 % AMMONIUM SULFATE 100 MM TRIS 2 % MPD, 5 MM CALCIUM CHLORIDE PH 7.5' 
# 
_diffrn.id                     1 
_diffrn.ambient_temp           287 
_diffrn.ambient_temp_details   ? 
_diffrn.crystal_id             1 
# 
_diffrn_detector.diffrn_id              1 
_diffrn_detector.detector               'IMAGE PLATE' 
_diffrn_detector.type                   MARRESEARCH 
_diffrn_detector.pdbx_collection_date   1995-11 
_diffrn_detector.details                'NO MIRRORS' 
# 
_diffrn_radiation.diffrn_id                        1 
_diffrn_radiation.wavelength_id                    1 
_diffrn_radiation.pdbx_monochromatic_or_laue_m_l   M 
_diffrn_radiation.monochromator                    'NI FILTER' 
_diffrn_radiation.pdbx_diffrn_protocol             ? 
_diffrn_radiation.pdbx_scattering_type             x-ray 
# 
_diffrn_radiation_wavelength.id           1 
_diffrn_radiation_wavelength.wavelength   1.009 
_diffrn_radiation_wavelength.wt           1.0 
# 
_diffrn_source.diffrn_id                   1 
_diffrn_source.source                      SYNCHROTRON 
_diffrn_source.type                        'EMBL/DESY, HAMBURG BEAMLINE X11' 
_diffrn_source.pdbx_synchrotron_site       'EMBL/DESY, HAMBURG' 
_diffrn_source.pdbx_synchrotron_beamline   X11 
_diffrn_source.pdbx_wavelength             1.009 
_diffrn_source.pdbx_wavelength_list        ? 
# 
_reflns.entry_id                     1AVS 
_reflns.observed_criterion_sigma_I   0. 
_reflns.observed_criterion_sigma_F   ? 
_reflns.d_resolution_low             20.0 
_reflns.d_resolution_high            1.75 
_reflns.number_obs                   18010 
_reflns.number_all                   ? 
_reflns.percent_possible_obs         82. 
_reflns.pdbx_Rmerge_I_obs            0.0520000 
_reflns.pdbx_Rsym_value              0.1040000 
_reflns.pdbx_netI_over_sigmaI        15. 
_reflns.B_iso_Wilson_estimate        30.4 
_reflns.pdbx_redundancy              4.3 
_reflns.R_free_details               ? 
_reflns.limit_h_max                  ? 
_reflns.limit_h_min                  ? 
_reflns.limit_k_max                  ? 
_reflns.limit_k_min                  ? 
_reflns.limit_l_max                  ? 
_reflns.limit_l_min                  ? 
_reflns.observed_criterion_F_max     ? 
_reflns.observed_criterion_F_min     ? 
_reflns.pdbx_chi_squared             ? 
_reflns.pdbx_scaling_rejects         ? 
_reflns.pdbx_diffrn_id               1 
_reflns.pdbx_ordinal                 1 
# 
_reflns_shell.d_res_high             1.75 
_reflns_shell.d_res_low              2.0 
_reflns_shell.percent_possible_all   82. 
_reflns_shell.Rmerge_I_obs           0.0500000 
_reflns_shell.pdbx_Rsym_value        0.2800000 
_reflns_shell.meanI_over_sigI_obs    3. 
_reflns_shell.pdbx_redundancy        2. 
_reflns_shell.percent_possible_obs   ? 
_reflns_shell.number_unique_all      ? 
_reflns_shell.number_measured_all    ? 
_reflns_shell.number_measured_obs    ? 
_reflns_shell.number_unique_obs      ? 
_reflns_shell.pdbx_chi_squared       ? 
_reflns_shell.pdbx_diffrn_id         ? 
_reflns_shell.pdbx_ordinal           1 
# 
_refine.entry_id                                 1AVS 
_refine.ls_number_reflns_obs                     18010 
_refine.ls_number_reflns_all                     18010 
_refine.pdbx_ls_sigma_I                          ? 
_refine.pdbx_ls_sigma_F                          0.0 
_refine.pdbx_data_cutoff_high_absF               ? 
_refine.pdbx_data_cutoff_low_absF                ? 
_refine.pdbx_data_cutoff_high_rms_absF           ? 
_refine.ls_d_res_low                             20.0 
_refine.ls_d_res_high                            1.75 
_refine.ls_percent_reflns_obs                    92.0 
_refine.ls_R_factor_obs                          0.2200000 
_refine.ls_R_factor_all                          0.2200000 
_refine.ls_R_factor_R_work                       0.2140000 
_refine.ls_R_factor_R_free                       0.2500000 
_refine.ls_R_factor_R_free_error                 ? 
_refine.ls_R_factor_R_free_error_details         ? 
_refine.ls_percent_reflns_R_free                 10. 
_refine.ls_number_reflns_R_free                  1801 
_refine.ls_number_parameters                     ? 
_refine.ls_number_restraints                     ? 
_refine.occupancy_min                            ? 
_refine.occupancy_max                            ? 
_refine.B_iso_mean                               ? 
_refine.aniso_B[1][1]                            ? 
_refine.aniso_B[2][2]                            ? 
_refine.aniso_B[3][3]                            ? 
_refine.aniso_B[1][2]                            ? 
_refine.aniso_B[1][3]                            ? 
_refine.aniso_B[2][3]                            ? 
_refine.solvent_model_details                    'BABINET SCALING' 
_refine.solvent_model_param_ksol                 0.75 
_refine.solvent_model_param_bsol                 300 
_refine.pdbx_ls_cross_valid_method               ? 
_refine.details                                  ? 
_refine.pdbx_starting_model                      'PDB ENTRY 4TNC' 
_refine.pdbx_method_to_determine_struct          'MOLECULAR REPLACEMENT AND MIR' 
_refine.pdbx_isotropic_thermal_model             'TNT BCORREL V1.0' 
_refine.pdbx_stereochemistry_target_values       'TNT PROTGEO' 
_refine.pdbx_stereochem_target_val_spec_case     ? 
_refine.pdbx_R_Free_selection_details            ? 
_refine.pdbx_overall_ESU_R_Free                  ? 
_refine.overall_SU_ML                            ? 
_refine.overall_SU_B                             ? 
_refine.pdbx_refine_id                           'X-RAY DIFFRACTION' 
_refine.ls_redundancy_reflns_obs                 ? 
_refine.pdbx_overall_ESU_R                       ? 
_refine.pdbx_overall_phase_error                 ? 
_refine.B_iso_min                                ? 
_refine.B_iso_max                                ? 
_refine.correlation_coeff_Fo_to_Fc               ? 
_refine.correlation_coeff_Fo_to_Fc_free          ? 
_refine.pdbx_solvent_vdw_probe_radii             ? 
_refine.pdbx_solvent_ion_probe_radii             ? 
_refine.pdbx_solvent_shrinkage_radii             ? 
_refine.overall_SU_R_Cruickshank_DPI             ? 
_refine.overall_SU_R_free                        ? 
_refine.ls_wR_factor_R_free                      ? 
_refine.ls_wR_factor_R_work                      ? 
_refine.overall_FOM_free_R_set                   ? 
_refine.overall_FOM_work_R_set                   ? 
_refine.pdbx_diffrn_id                           1 
_refine.pdbx_TLS_residual_ADP_flag               ? 
_refine.pdbx_overall_SU_R_free_Cruickshank_DPI   ? 
_refine.pdbx_overall_SU_R_Blow_DPI               ? 
_refine.pdbx_overall_SU_R_free_Blow_DPI          ? 
# 
_refine_hist.pdbx_refine_id                   'X-RAY DIFFRACTION' 
_refine_hist.cycle_id                         LAST 
_refine_hist.pdbx_number_atoms_protein        1263 
_refine_hist.pdbx_number_atoms_nucleic_acid   0 
_refine_hist.pdbx_number_atoms_ligand         4 
_refine_hist.number_atoms_solvent             93 
_refine_hist.number_atoms_total               1360 
_refine_hist.d_res_high                       1.75 
_refine_hist.d_res_low                        20.0 
# 
loop_
_refine_ls_restr.type 
_refine_ls_restr.dev_ideal 
_refine_ls_restr.dev_ideal_target 
_refine_ls_restr.weight 
_refine_ls_restr.number 
_refine_ls_restr.pdbx_refine_id 
_refine_ls_restr.pdbx_restraint_function 
t_bond_d           0.016 ? 0.9  1340 'X-RAY DIFFRACTION' ? 
t_angle_deg        2.9   ? 1.1  1789 'X-RAY DIFFRACTION' ? 
t_dihedral_angle_d 18.46 ? 0.0  840  'X-RAY DIFFRACTION' ? 
t_incorr_chiral_ct 1     ? ?    ?    'X-RAY DIFFRACTION' ? 
t_pseud_angle      ?     ? ?    ?    'X-RAY DIFFRACTION' ? 
t_trig_c_planes    0.015 ? 1.2  54   'X-RAY DIFFRACTION' ? 
t_gen_planes       0.015 ? 3.0  187  'X-RAY DIFFRACTION' ? 
t_it               2.60  ? 0.30 1340 'X-RAY DIFFRACTION' ? 
t_nbd              0.038 ? 12   48   'X-RAY DIFFRACTION' ? 
# 
_pdbx_refine.entry_id                                    1AVS 
_pdbx_refine.R_factor_all_no_cutoff                      0.2200000 
_pdbx_refine.R_factor_obs_no_cutoff                      0.2140000 
_pdbx_refine.free_R_factor_no_cutoff                     0.2510000 
_pdbx_refine.free_R_val_test_set_size_perc_no_cutoff     10. 
_pdbx_refine.free_R_val_test_set_ct_no_cutoff            1801 
_pdbx_refine.R_factor_all_4sig_cutoff                    ? 
_pdbx_refine.R_factor_obs_4sig_cutoff                    ? 
_pdbx_refine.free_R_factor_4sig_cutoff                   ? 
_pdbx_refine.free_R_val_test_set_size_perc_4sig_cutoff   ? 
_pdbx_refine.free_R_val_test_set_ct_4sig_cutoff          ? 
_pdbx_refine.number_reflns_obs_4sig_cutoff               ? 
_pdbx_refine.pdbx_refine_id                              'X-RAY DIFFRACTION' 
_pdbx_refine.free_R_error_no_cutoff                      ? 
# 
_struct_ncs_oper.id             1 
_struct_ncs_oper.code           given 
_struct_ncs_oper.details        ? 
_struct_ncs_oper.matrix[1][1]   -0.99702934 
_struct_ncs_oper.matrix[1][2]   -0.05756896 
_struct_ncs_oper.matrix[1][3]   0.05116650 
_struct_ncs_oper.matrix[2][1]   -0.06822104 
_struct_ncs_oper.matrix[2][2]   0.35172253 
_struct_ncs_oper.matrix[2][3]   -0.93361544 
_struct_ncs_oper.matrix[3][1]   0.03575127 
_struct_ncs_oper.matrix[3][2]   -0.93433253 
_struct_ncs_oper.matrix[3][3]   -0.35460519 
_struct_ncs_oper.vector[1]      0.22368 
_struct_ncs_oper.vector[2]      0.33192 
_struct_ncs_oper.vector[3]      -0.31597 
# 
_struct.entry_id                  1AVS 
_struct.title                     'X-RAY CRYSTALLOGRAPHIC STUDY OF CALCIUM-SATURATED N-TERMINAL DOMAIN OF TROPONIN C' 
_struct.pdbx_model_details        ? 
_struct.pdbx_CASP_flag            ? 
_struct.pdbx_model_type_details   ? 
# 
_struct_keywords.entry_id        1AVS 
_struct_keywords.pdbx_keywords   'MUSCLE CONTRACTION' 
_struct_keywords.text            'MUSCLE CONTRACTION, CALCIUM-ACTIVATED, TROPONIN, E-F HAND CALCIUM-BINDING PROTEIN' 
# 
loop_
_struct_asym.id 
_struct_asym.pdbx_blank_PDB_chainid_flag 
_struct_asym.pdbx_modified 
_struct_asym.entity_id 
_struct_asym.details 
A N N 1 ? 
B N N 1 ? 
C N N 2 ? 
D N N 2 ? 
E N N 2 ? 
F N N 2 ? 
G N N 3 ? 
H N N 3 ? 
# 
_struct_ref.id                         1 
_struct_ref.db_name                    UNP 
_struct_ref.db_code                    TNNC2_CHICK 
_struct_ref.entity_id                  1 
_struct_ref.pdbx_db_accession          P02588 
_struct_ref.pdbx_align_begin           1 
_struct_ref.pdbx_seq_one_letter_code   
;ASMTDQQAEARAFLSEEMIAEFKAAFDMFDADGGGDISTKELGTVMRMLGQNPTKEELDAIIEEVDEDGSGTIDFEEFLV
MMVRQMKEDAKGKSEEELANCFRIFDKNADGFIDIEELGEILRATGEHVTEEDIEDLMKDSDKNNDGRIDFDEFLKMMEG
VQ
;
_struct_ref.pdbx_db_isoform            ? 
# 
loop_
_struct_ref_seq.align_id 
_struct_ref_seq.ref_id 
_struct_ref_seq.pdbx_PDB_id_code 
_struct_ref_seq.pdbx_strand_id 
_struct_ref_seq.seq_align_beg 
_struct_ref_seq.pdbx_seq_align_beg_ins_code 
_struct_ref_seq.seq_align_end 
_struct_ref_seq.pdbx_seq_align_end_ins_code 
_struct_ref_seq.pdbx_db_accession 
_struct_ref_seq.db_align_beg 
_struct_ref_seq.pdbx_db_align_beg_ins_code 
_struct_ref_seq.db_align_end 
_struct_ref_seq.pdbx_db_align_end_ins_code 
_struct_ref_seq.pdbx_auth_seq_align_beg 
_struct_ref_seq.pdbx_auth_seq_align_end 
1 1 1AVS A 1 ? 90 ? P02588 1 ? 90 ? 1 90 
2 1 1AVS B 1 ? 90 ? P02588 1 ? 90 ? 1 90 
# 
loop_
_pdbx_struct_assembly.id 
_pdbx_struct_assembly.details 
_pdbx_struct_assembly.method_details 
_pdbx_struct_assembly.oligomeric_details 
_pdbx_struct_assembly.oligomeric_count 
1 author_defined_assembly ? monomeric 1 
2 author_defined_assembly ? monomeric 1 
# 
loop_
_pdbx_struct_assembly_gen.assembly_id 
_pdbx_struct_assembly_gen.oper_expression 
_pdbx_struct_assembly_gen.asym_id_list 
1 1 A,C,D,G 
2 1 B,E,F,H 
# 
_pdbx_struct_oper_list.id                   1 
_pdbx_struct_oper_list.type                 'identity operation' 
_pdbx_struct_oper_list.name                 1_555 
_pdbx_struct_oper_list.symmetry_operation   x,y,z 
_pdbx_struct_oper_list.matrix[1][1]         1.0000000000 
_pdbx_struct_oper_list.matrix[1][2]         0.0000000000 
_pdbx_struct_oper_list.matrix[1][3]         0.0000000000 
_pdbx_struct_oper_list.vector[1]            0.0000000000 
_pdbx_struct_oper_list.matrix[2][1]         0.0000000000 
_pdbx_struct_oper_list.matrix[2][2]         1.0000000000 
_pdbx_struct_oper_list.matrix[2][3]         0.0000000000 
_pdbx_struct_oper_list.vector[2]            0.0000000000 
_pdbx_struct_oper_list.matrix[3][1]         0.0000000000 
_pdbx_struct_oper_list.matrix[3][2]         0.0000000000 
_pdbx_struct_oper_list.matrix[3][3]         1.0000000000 
_pdbx_struct_oper_list.vector[3]            0.0000000000 
# 
loop_
_struct_biol.id 
_struct_biol.details 
1 ? 
2 ? 
# 
loop_
_struct_conf.conf_type_id 
_struct_conf.id 
_struct_conf.pdbx_PDB_helix_id 
_struct_conf.beg_label_comp_id 
_struct_conf.beg_label_asym_id 
_struct_conf.beg_label_seq_id 
_struct_conf.pdbx_beg_PDB_ins_code 
_struct_conf.end_label_comp_id 
_struct_conf.end_label_asym_id 
_struct_conf.end_label_seq_id 
_struct_conf.pdbx_end_PDB_ins_code 
_struct_conf.beg_auth_comp_id 
_struct_conf.beg_auth_asym_id 
_struct_conf.beg_auth_seq_id 
_struct_conf.end_auth_comp_id 
_struct_conf.end_auth_asym_id 
_struct_conf.end_auth_seq_id 
_struct_conf.pdbx_PDB_helix_class 
_struct_conf.details 
_struct_conf.pdbx_PDB_helix_length 
HELX_P HELX_P1  1  ALA A 10 ? PHE A 13 ? ALA A 10 PHE A 13 1 ? 4  
HELX_P HELX_P2  2  GLU A 16 ? PHE A 29 ? GLU A 16 PHE A 29 1 ? 14 
HELX_P HELX_P3  3  THR A 39 ? MET A 48 ? THR A 39 MET A 48 1 ? 10 
HELX_P HELX_P4  4  LYS A 55 ? VAL A 65 ? LYS A 55 VAL A 65 1 ? 11 
HELX_P HELX_P5  5  PHE A 75 ? VAL A 83 ? PHE A 75 VAL A 83 1 ? 9  
HELX_P HELX_P6  6  ALA B 8  ? PHE B 13 ? ALA B 8  PHE B 13 1 ? 6  
HELX_P HELX_P7  7  GLU B 16 ? PHE B 29 ? GLU B 16 PHE B 29 1 ? 14 
HELX_P HELX_P8  8  THR B 39 ? MET B 48 ? THR B 39 MET B 48 1 ? 10 
HELX_P HELX_P9  9  LYS B 55 ? VAL B 65 ? LYS B 55 VAL B 65 1 ? 11 
HELX_P HELX_P10 10 PHE B 75 ? GLN B 85 ? PHE B 75 GLN B 85 1 ? 11 
# 
_struct_conf_type.id          HELX_P 
_struct_conf_type.criteria    ? 
_struct_conf_type.reference   ? 
# 
loop_
_struct_conn.id 
_struct_conn.conn_type_id 
_struct_conn.pdbx_leaving_atom_flag 
_struct_conn.pdbx_PDB_id 
_struct_conn.ptnr1_label_asym_id 
_struct_conn.ptnr1_label_comp_id 
_struct_conn.ptnr1_label_seq_id 
_struct_conn.ptnr1_label_atom_id 
_struct_conn.pdbx_ptnr1_label_alt_id 
_struct_conn.pdbx_ptnr1_PDB_ins_code 
_struct_conn.pdbx_ptnr1_standard_comp_id 
_struct_conn.ptnr1_symmetry 
_struct_conn.ptnr2_label_asym_id 
_struct_conn.ptnr2_label_comp_id 
_struct_conn.ptnr2_label_seq_id 
_struct_conn.ptnr2_label_atom_id 
_struct_conn.pdbx_ptnr2_label_alt_id 
_struct_conn.pdbx_ptnr2_PDB_ins_code 
_struct_conn.ptnr1_auth_asym_id 
_struct_conn.ptnr1_auth_comp_id 
_struct_conn.ptnr1_auth_seq_id 
_struct_conn.ptnr2_auth_asym_id 
_struct_conn.ptnr2_auth_comp_id 
_struct_conn.ptnr2_auth_seq_id 
_struct_conn.ptnr2_symmetry 
_struct_conn.pdbx_ptnr3_label_atom_id 
_struct_conn.pdbx_ptnr3_label_seq_id 
_struct_conn.pdbx_ptnr3_label_comp_id 
_struct_conn.pdbx_ptnr3_label_asym_id 
_struct_conn.pdbx_ptnr3_label_alt_id 
_struct_conn.pdbx_ptnr3_PDB_ins_code 
_struct_conn.details 
_struct_conn.pdbx_dist_value 
_struct_conn.pdbx_value_order 
_struct_conn.pdbx_role 
metalc1  metalc ? ? A ASP 30 OD1 ? ? ? 1_555 C CA  . CA ? ? A ASP 30 A CA  93  1_555 ? ? ? ? ? ? ? 2.232 ? ? 
metalc2  metalc ? ? A ASP 32 OD1 ? ? ? 1_555 C CA  . CA ? ? A ASP 32 A CA  93  1_555 ? ? ? ? ? ? ? 2.367 ? ? 
metalc3  metalc ? ? A ASP 36 O   ? ? ? 1_555 C CA  . CA ? ? A ASP 36 A CA  93  1_555 ? ? ? ? ? ? ? 2.365 ? ? 
metalc4  metalc ? ? A GLU 41 OE2 ? ? ? 1_555 C CA  . CA ? ? A GLU 41 A CA  93  1_555 ? ? ? ? ? ? ? 2.595 ? ? 
metalc5  metalc ? ? A GLU 41 OE1 ? ? ? 1_555 C CA  . CA ? ? A GLU 41 A CA  93  1_555 ? ? ? ? ? ? ? 2.538 ? ? 
metalc6  metalc ? ? A ASP 66 OD1 ? ? ? 1_555 D CA  . CA ? ? A ASP 66 A CA  94  1_555 ? ? ? ? ? ? ? 2.259 ? ? 
metalc7  metalc ? ? A ASP 68 OD1 ? ? ? 1_555 D CA  . CA ? ? A ASP 68 A CA  94  1_555 ? ? ? ? ? ? ? 2.342 ? ? 
metalc8  metalc ? ? A SER 70 OG  ? ? ? 1_555 D CA  . CA ? ? A SER 70 A CA  94  1_555 ? ? ? ? ? ? ? 2.590 ? ? 
metalc9  metalc ? ? A THR 72 O   ? ? ? 1_555 D CA  . CA ? ? A THR 72 A CA  94  1_555 ? ? ? ? ? ? ? 2.593 ? ? 
metalc10 metalc ? ? A GLU 77 OE1 ? ? ? 1_555 D CA  . CA ? ? A GLU 77 A CA  94  1_555 ? ? ? ? ? ? ? 2.370 ? ? 
metalc11 metalc ? ? A GLU 77 OE2 ? ? ? 1_555 D CA  . CA ? ? A GLU 77 A CA  94  1_555 ? ? ? ? ? ? ? 2.433 ? ? 
metalc12 metalc ? ? C CA  .  CA  ? ? ? 1_555 G HOH . O  ? ? A CA  93 A HOH 95  1_555 ? ? ? ? ? ? ? 2.240 ? ? 
metalc13 metalc ? ? C CA  .  CA  ? ? ? 1_555 G HOH . O  ? ? A CA  93 A HOH 96  1_555 ? ? ? ? ? ? ? 2.290 ? ? 
metalc14 metalc ? ? D CA  .  CA  ? ? ? 1_555 G HOH . O  ? ? A CA  94 A HOH 102 1_555 ? ? ? ? ? ? ? 2.464 ? ? 
metalc15 metalc ? ? B ASP 30 OD1 ? ? ? 1_555 E CA  . CA ? ? B ASP 30 B CA  93  1_555 ? ? ? ? ? ? ? 2.179 ? ? 
metalc16 metalc ? ? B ASP 32 OD1 ? ? ? 1_555 E CA  . CA ? ? B ASP 32 B CA  93  1_555 ? ? ? ? ? ? ? 2.289 ? ? 
metalc17 metalc ? ? B ASP 36 O   ? ? ? 1_555 E CA  . CA ? ? B ASP 36 B CA  93  1_555 ? ? ? ? ? ? ? 2.408 ? ? 
metalc18 metalc ? ? B GLU 41 OE2 ? ? ? 1_555 E CA  . CA ? ? B GLU 41 B CA  93  1_555 ? ? ? ? ? ? ? 2.507 ? ? 
metalc19 metalc ? ? B GLU 41 OE1 ? ? ? 1_555 E CA  . CA ? ? B GLU 41 B CA  93  1_555 ? ? ? ? ? ? ? 2.512 ? ? 
metalc20 metalc ? ? B ASP 66 OD1 ? ? ? 1_555 F CA  . CA ? ? B ASP 66 B CA  94  1_555 ? ? ? ? ? ? ? 2.273 ? ? 
metalc21 metalc ? ? B ASP 68 OD1 ? ? ? 1_555 F CA  . CA ? ? B ASP 68 B CA  94  1_555 ? ? ? ? ? ? ? 2.415 ? ? 
metalc22 metalc ? ? B SER 70 OG  ? ? ? 1_555 F CA  . CA ? ? B SER 70 B CA  94  1_555 ? ? ? ? ? ? ? 2.515 ? ? 
metalc23 metalc ? ? B THR 72 O   ? ? ? 1_555 F CA  . CA ? ? B THR 72 B CA  94  1_555 ? ? ? ? ? ? ? 2.510 ? ? 
metalc24 metalc ? ? B GLU 77 OE1 ? ? ? 1_555 F CA  . CA ? ? B GLU 77 B CA  94  1_555 ? ? ? ? ? ? ? 2.204 ? ? 
metalc25 metalc ? ? B GLU 77 OE2 ? ? ? 1_555 F CA  . CA ? ? B GLU 77 B CA  94  1_555 ? ? ? ? ? ? ? 2.488 ? ? 
metalc26 metalc ? ? E CA  .  CA  ? ? ? 1_555 H HOH . O  ? ? B CA  93 B HOH 115 1_555 ? ? ? ? ? ? ? 2.512 ? ? 
metalc27 metalc ? ? E CA  .  CA  ? ? ? 1_555 H HOH . O  ? ? B CA  93 B HOH 144 1_555 ? ? ? ? ? ? ? 2.417 ? ? 
metalc28 metalc ? ? F CA  .  CA  ? ? ? 1_555 H HOH . O  ? ? B CA  94 B HOH 122 1_555 ? ? ? ? ? ? ? 2.334 ? ? 
# 
_struct_conn_type.id          metalc 
_struct_conn_type.criteria    ? 
_struct_conn_type.reference   ? 
# 
loop_
_pdbx_struct_conn_angle.id 
_pdbx_struct_conn_angle.ptnr1_label_atom_id 
_pdbx_struct_conn_angle.ptnr1_label_alt_id 
_pdbx_struct_conn_angle.ptnr1_label_asym_id 
_pdbx_struct_conn_angle.ptnr1_label_comp_id 
_pdbx_struct_conn_angle.ptnr1_label_seq_id 
_pdbx_struct_conn_angle.ptnr1_auth_atom_id 
_pdbx_struct_conn_angle.ptnr1_auth_asym_id 
_pdbx_struct_conn_angle.ptnr1_auth_comp_id 
_pdbx_struct_conn_angle.ptnr1_auth_seq_id 
_pdbx_struct_conn_angle.ptnr1_PDB_ins_code 
_pdbx_struct_conn_angle.ptnr1_symmetry 
_pdbx_struct_conn_angle.ptnr2_label_atom_id 
_pdbx_struct_conn_angle.ptnr2_label_alt_id 
_pdbx_struct_conn_angle.ptnr2_label_asym_id 
_pdbx_struct_conn_angle.ptnr2_label_comp_id 
_pdbx_struct_conn_angle.ptnr2_label_seq_id 
_pdbx_struct_conn_angle.ptnr2_auth_atom_id 
_pdbx_struct_conn_angle.ptnr2_auth_asym_id 
_pdbx_struct_conn_angle.ptnr2_auth_comp_id 
_pdbx_struct_conn_angle.ptnr2_auth_seq_id 
_pdbx_struct_conn_angle.ptnr2_PDB_ins_code 
_pdbx_struct_conn_angle.ptnr2_symmetry 
_pdbx_struct_conn_angle.ptnr3_label_atom_id 
_pdbx_struct_conn_angle.ptnr3_label_alt_id 
_pdbx_struct_conn_angle.ptnr3_label_asym_id 
_pdbx_struct_conn_angle.ptnr3_label_comp_id 
_pdbx_struct_conn_angle.ptnr3_label_seq_id 
_pdbx_struct_conn_angle.ptnr3_auth_atom_id 
_pdbx_struct_conn_angle.ptnr3_auth_asym_id 
_pdbx_struct_conn_angle.ptnr3_auth_comp_id 
_pdbx_struct_conn_angle.ptnr3_auth_seq_id 
_pdbx_struct_conn_angle.ptnr3_PDB_ins_code 
_pdbx_struct_conn_angle.ptnr3_symmetry 
_pdbx_struct_conn_angle.value 
_pdbx_struct_conn_angle.value_esd 
1  OD1 ? A ASP 30 ? A ASP 30  ? 1_555 CA ? C CA . ? A CA 93 ? 1_555 OD1 ? A ASP 32 ? A ASP 32  ? 1_555 81.0  ? 
2  OD1 ? A ASP 30 ? A ASP 30  ? 1_555 CA ? C CA . ? A CA 93 ? 1_555 O   ? A ASP 36 ? A ASP 36  ? 1_555 83.0  ? 
3  OD1 ? A ASP 32 ? A ASP 32  ? 1_555 CA ? C CA . ? A CA 93 ? 1_555 O   ? A ASP 36 ? A ASP 36  ? 1_555 149.3 ? 
4  OD1 ? A ASP 30 ? A ASP 30  ? 1_555 CA ? C CA . ? A CA 93 ? 1_555 OE2 ? A GLU 41 ? A GLU 41  ? 1_555 98.6  ? 
5  OD1 ? A ASP 32 ? A ASP 32  ? 1_555 CA ? C CA . ? A CA 93 ? 1_555 OE2 ? A GLU 41 ? A GLU 41  ? 1_555 79.7  ? 
6  O   ? A ASP 36 ? A ASP 36  ? 1_555 CA ? C CA . ? A CA 93 ? 1_555 OE2 ? A GLU 41 ? A GLU 41  ? 1_555 128.8 ? 
7  OD1 ? A ASP 30 ? A ASP 30  ? 1_555 CA ? C CA . ? A CA 93 ? 1_555 OE1 ? A GLU 41 ? A GLU 41  ? 1_555 103.4 ? 
8  OD1 ? A ASP 32 ? A ASP 32  ? 1_555 CA ? C CA . ? A CA 93 ? 1_555 OE1 ? A GLU 41 ? A GLU 41  ? 1_555 131.3 ? 
9  O   ? A ASP 36 ? A ASP 36  ? 1_555 CA ? C CA . ? A CA 93 ? 1_555 OE1 ? A GLU 41 ? A GLU 41  ? 1_555 78.0  ? 
10 OE2 ? A GLU 41 ? A GLU 41  ? 1_555 CA ? C CA . ? A CA 93 ? 1_555 OE1 ? A GLU 41 ? A GLU 41  ? 1_555 51.6  ? 
11 OD1 ? A ASP 30 ? A ASP 30  ? 1_555 CA ? C CA . ? A CA 93 ? 1_555 O   ? G HOH .  ? A HOH 95  ? 1_555 100.5 ? 
12 OD1 ? A ASP 32 ? A ASP 32  ? 1_555 CA ? C CA . ? A CA 93 ? 1_555 O   ? G HOH .  ? A HOH 95  ? 1_555 81.4  ? 
13 O   ? A ASP 36 ? A ASP 36  ? 1_555 CA ? C CA . ? A CA 93 ? 1_555 O   ? G HOH .  ? A HOH 95  ? 1_555 75.9  ? 
14 OE2 ? A GLU 41 ? A GLU 41  ? 1_555 CA ? C CA . ? A CA 93 ? 1_555 O   ? G HOH .  ? A HOH 95  ? 1_555 150.6 ? 
15 OE1 ? A GLU 41 ? A GLU 41  ? 1_555 CA ? C CA . ? A CA 93 ? 1_555 O   ? G HOH .  ? A HOH 95  ? 1_555 141.9 ? 
16 OD1 ? A ASP 30 ? A ASP 30  ? 1_555 CA ? C CA . ? A CA 93 ? 1_555 O   ? G HOH .  ? A HOH 96  ? 1_555 169.7 ? 
17 OD1 ? A ASP 32 ? A ASP 32  ? 1_555 CA ? C CA . ? A CA 93 ? 1_555 O   ? G HOH .  ? A HOH 96  ? 1_555 88.9  ? 
18 O   ? A ASP 36 ? A ASP 36  ? 1_555 CA ? C CA . ? A CA 93 ? 1_555 O   ? G HOH .  ? A HOH 96  ? 1_555 104.9 ? 
19 OE2 ? A GLU 41 ? A GLU 41  ? 1_555 CA ? C CA . ? A CA 93 ? 1_555 O   ? G HOH .  ? A HOH 96  ? 1_555 81.8  ? 
20 OE1 ? A GLU 41 ? A GLU 41  ? 1_555 CA ? C CA . ? A CA 93 ? 1_555 O   ? G HOH .  ? A HOH 96  ? 1_555 85.1  ? 
21 O   ? G HOH .  ? A HOH 95  ? 1_555 CA ? C CA . ? A CA 93 ? 1_555 O   ? G HOH .  ? A HOH 96  ? 1_555 75.5  ? 
22 OD1 ? A ASP 66 ? A ASP 66  ? 1_555 CA ? D CA . ? A CA 94 ? 1_555 OD1 ? A ASP 68 ? A ASP 68  ? 1_555 83.4  ? 
23 OD1 ? A ASP 66 ? A ASP 66  ? 1_555 CA ? D CA . ? A CA 94 ? 1_555 OG  ? A SER 70 ? A SER 70  ? 1_555 88.3  ? 
24 OD1 ? A ASP 68 ? A ASP 68  ? 1_555 CA ? D CA . ? A CA 94 ? 1_555 OG  ? A SER 70 ? A SER 70  ? 1_555 80.3  ? 
25 OD1 ? A ASP 66 ? A ASP 66  ? 1_555 CA ? D CA . ? A CA 94 ? 1_555 O   ? A THR 72 ? A THR 72  ? 1_555 89.5  ? 
26 OD1 ? A ASP 68 ? A ASP 68  ? 1_555 CA ? D CA . ? A CA 94 ? 1_555 O   ? A THR 72 ? A THR 72  ? 1_555 155.9 ? 
27 OG  ? A SER 70 ? A SER 70  ? 1_555 CA ? D CA . ? A CA 94 ? 1_555 O   ? A THR 72 ? A THR 72  ? 1_555 76.5  ? 
28 OD1 ? A ASP 66 ? A ASP 66  ? 1_555 CA ? D CA . ? A CA 94 ? 1_555 OE1 ? A GLU 77 ? A GLU 77  ? 1_555 112.1 ? 
29 OD1 ? A ASP 68 ? A ASP 68  ? 1_555 CA ? D CA . ? A CA 94 ? 1_555 OE1 ? A GLU 77 ? A GLU 77  ? 1_555 129.0 ? 
30 OG  ? A SER 70 ? A SER 70  ? 1_555 CA ? D CA . ? A CA 94 ? 1_555 OE1 ? A GLU 77 ? A GLU 77  ? 1_555 144.5 ? 
31 O   ? A THR 72 ? A THR 72  ? 1_555 CA ? D CA . ? A CA 94 ? 1_555 OE1 ? A GLU 77 ? A GLU 77  ? 1_555 75.0  ? 
32 OD1 ? A ASP 66 ? A ASP 66  ? 1_555 CA ? D CA . ? A CA 94 ? 1_555 OE2 ? A GLU 77 ? A GLU 77  ? 1_555 91.2  ? 
33 OD1 ? A ASP 68 ? A ASP 68  ? 1_555 CA ? D CA . ? A CA 94 ? 1_555 OE2 ? A GLU 77 ? A GLU 77  ? 1_555 79.5  ? 
34 OG  ? A SER 70 ? A SER 70  ? 1_555 CA ? D CA . ? A CA 94 ? 1_555 OE2 ? A GLU 77 ? A GLU 77  ? 1_555 159.7 ? 
35 O   ? A THR 72 ? A THR 72  ? 1_555 CA ? D CA . ? A CA 94 ? 1_555 OE2 ? A GLU 77 ? A GLU 77  ? 1_555 123.8 ? 
36 OE1 ? A GLU 77 ? A GLU 77  ? 1_555 CA ? D CA . ? A CA 94 ? 1_555 OE2 ? A GLU 77 ? A GLU 77  ? 1_555 53.1  ? 
37 OD1 ? A ASP 66 ? A ASP 66  ? 1_555 CA ? D CA . ? A CA 94 ? 1_555 O   ? G HOH .  ? A HOH 102 ? 1_555 161.3 ? 
38 OD1 ? A ASP 68 ? A ASP 68  ? 1_555 CA ? D CA . ? A CA 94 ? 1_555 O   ? G HOH .  ? A HOH 102 ? 1_555 78.9  ? 
39 OG  ? A SER 70 ? A SER 70  ? 1_555 CA ? D CA . ? A CA 94 ? 1_555 O   ? G HOH .  ? A HOH 102 ? 1_555 82.9  ? 
40 O   ? A THR 72 ? A THR 72  ? 1_555 CA ? D CA . ? A CA 94 ? 1_555 O   ? G HOH .  ? A HOH 102 ? 1_555 104.4 ? 
41 OE1 ? A GLU 77 ? A GLU 77  ? 1_555 CA ? D CA . ? A CA 94 ? 1_555 O   ? G HOH .  ? A HOH 102 ? 1_555 84.1  ? 
42 OE2 ? A GLU 77 ? A GLU 77  ? 1_555 CA ? D CA . ? A CA 94 ? 1_555 O   ? G HOH .  ? A HOH 102 ? 1_555 91.4  ? 
43 OD1 ? B ASP 30 ? B ASP 30  ? 1_555 CA ? E CA . ? B CA 93 ? 1_555 OD1 ? B ASP 32 ? B ASP 32  ? 1_555 81.7  ? 
44 OD1 ? B ASP 30 ? B ASP 30  ? 1_555 CA ? E CA . ? B CA 93 ? 1_555 O   ? B ASP 36 ? B ASP 36  ? 1_555 83.1  ? 
45 OD1 ? B ASP 32 ? B ASP 32  ? 1_555 CA ? E CA . ? B CA 93 ? 1_555 O   ? B ASP 36 ? B ASP 36  ? 1_555 150.6 ? 
46 OD1 ? B ASP 30 ? B ASP 30  ? 1_555 CA ? E CA . ? B CA 93 ? 1_555 OE2 ? B GLU 41 ? B GLU 41  ? 1_555 99.3  ? 
47 OD1 ? B ASP 32 ? B ASP 32  ? 1_555 CA ? E CA . ? B CA 93 ? 1_555 OE2 ? B GLU 41 ? B GLU 41  ? 1_555 77.6  ? 
48 O   ? B ASP 36 ? B ASP 36  ? 1_555 CA ? E CA . ? B CA 93 ? 1_555 OE2 ? B GLU 41 ? B GLU 41  ? 1_555 129.8 ? 
49 OD1 ? B ASP 30 ? B ASP 30  ? 1_555 CA ? E CA . ? B CA 93 ? 1_555 OE1 ? B GLU 41 ? B GLU 41  ? 1_555 104.1 ? 
50 OD1 ? B ASP 32 ? B ASP 32  ? 1_555 CA ? E CA . ? B CA 93 ? 1_555 OE1 ? B GLU 41 ? B GLU 41  ? 1_555 131.5 ? 
51 O   ? B ASP 36 ? B ASP 36  ? 1_555 CA ? E CA . ? B CA 93 ? 1_555 OE1 ? B GLU 41 ? B GLU 41  ? 1_555 76.7  ? 
52 OE2 ? B GLU 41 ? B GLU 41  ? 1_555 CA ? E CA . ? B CA 93 ? 1_555 OE1 ? B GLU 41 ? B GLU 41  ? 1_555 53.9  ? 
53 OD1 ? B ASP 30 ? B ASP 30  ? 1_555 CA ? E CA . ? B CA 93 ? 1_555 O   ? H HOH .  ? B HOH 115 ? 1_555 97.3  ? 
54 OD1 ? B ASP 32 ? B ASP 32  ? 1_555 CA ? E CA . ? B CA 93 ? 1_555 O   ? H HOH .  ? B HOH 115 ? 1_555 81.4  ? 
55 O   ? B ASP 36 ? B ASP 36  ? 1_555 CA ? E CA . ? B CA 93 ? 1_555 O   ? H HOH .  ? B HOH 115 ? 1_555 75.9  ? 
56 OE2 ? B GLU 41 ? B GLU 41  ? 1_555 CA ? E CA . ? B CA 93 ? 1_555 O   ? H HOH .  ? B HOH 115 ? 1_555 150.9 ? 
57 OE1 ? B GLU 41 ? B GLU 41  ? 1_555 CA ? E CA . ? B CA 93 ? 1_555 O   ? H HOH .  ? B HOH 115 ? 1_555 142.6 ? 
58 OD1 ? B ASP 30 ? B ASP 30  ? 1_555 CA ? E CA . ? B CA 93 ? 1_555 O   ? H HOH .  ? B HOH 144 ? 1_555 176.4 ? 
59 OD1 ? B ASP 32 ? B ASP 32  ? 1_555 CA ? E CA . ? B CA 93 ? 1_555 O   ? H HOH .  ? B HOH 144 ? 1_555 95.1  ? 
60 O   ? B ASP 36 ? B ASP 36  ? 1_555 CA ? E CA . ? B CA 93 ? 1_555 O   ? H HOH .  ? B HOH 144 ? 1_555 99.0  ? 
61 OE2 ? B GLU 41 ? B GLU 41  ? 1_555 CA ? E CA . ? B CA 93 ? 1_555 O   ? H HOH .  ? B HOH 144 ? 1_555 81.7  ? 
62 OE1 ? B GLU 41 ? B GLU 41  ? 1_555 CA ? E CA . ? B CA 93 ? 1_555 O   ? H HOH .  ? B HOH 144 ? 1_555 79.3  ? 
63 O   ? H HOH .  ? B HOH 115 ? 1_555 CA ? E CA . ? B CA 93 ? 1_555 O   ? H HOH .  ? B HOH 144 ? 1_555 80.5  ? 
64 OD1 ? B ASP 66 ? B ASP 66  ? 1_555 CA ? F CA . ? B CA 94 ? 1_555 OD1 ? B ASP 68 ? B ASP 68  ? 1_555 77.6  ? 
65 OD1 ? B ASP 66 ? B ASP 66  ? 1_555 CA ? F CA . ? B CA 94 ? 1_555 OG  ? B SER 70 ? B SER 70  ? 1_555 87.6  ? 
66 OD1 ? B ASP 68 ? B ASP 68  ? 1_555 CA ? F CA . ? B CA 94 ? 1_555 OG  ? B SER 70 ? B SER 70  ? 1_555 79.1  ? 
67 OD1 ? B ASP 66 ? B ASP 66  ? 1_555 CA ? F CA . ? B CA 94 ? 1_555 O   ? B THR 72 ? B THR 72  ? 1_555 90.2  ? 
68 OD1 ? B ASP 68 ? B ASP 68  ? 1_555 CA ? F CA . ? B CA 94 ? 1_555 O   ? B THR 72 ? B THR 72  ? 1_555 152.1 ? 
69 OG  ? B SER 70 ? B SER 70  ? 1_555 CA ? F CA . ? B CA 94 ? 1_555 O   ? B THR 72 ? B THR 72  ? 1_555 75.3  ? 
70 OD1 ? B ASP 66 ? B ASP 66  ? 1_555 CA ? F CA . ? B CA 94 ? 1_555 OE1 ? B GLU 77 ? B GLU 77  ? 1_555 114.4 ? 
71 OD1 ? B ASP 68 ? B ASP 68  ? 1_555 CA ? F CA . ? B CA 94 ? 1_555 OE1 ? B GLU 77 ? B GLU 77  ? 1_555 129.8 ? 
72 OG  ? B SER 70 ? B SER 70  ? 1_555 CA ? F CA . ? B CA 94 ? 1_555 OE1 ? B GLU 77 ? B GLU 77  ? 1_555 145.4 ? 
73 O   ? B THR 72 ? B THR 72  ? 1_555 CA ? F CA . ? B CA 94 ? 1_555 OE1 ? B GLU 77 ? B GLU 77  ? 1_555 78.1  ? 
74 OD1 ? B ASP 66 ? B ASP 66  ? 1_555 CA ? F CA . ? B CA 94 ? 1_555 OE2 ? B GLU 77 ? B GLU 77  ? 1_555 89.5  ? 
75 OD1 ? B ASP 68 ? B ASP 68  ? 1_555 CA ? F CA . ? B CA 94 ? 1_555 OE2 ? B GLU 77 ? B GLU 77  ? 1_555 78.0  ? 
76 OG  ? B SER 70 ? B SER 70  ? 1_555 CA ? F CA . ? B CA 94 ? 1_555 OE2 ? B GLU 77 ? B GLU 77  ? 1_555 157.1 ? 
77 O   ? B THR 72 ? B THR 72  ? 1_555 CA ? F CA . ? B CA 94 ? 1_555 OE2 ? B GLU 77 ? B GLU 77  ? 1_555 127.4 ? 
78 OE1 ? B GLU 77 ? B GLU 77  ? 1_555 CA ? F CA . ? B CA 94 ? 1_555 OE2 ? B GLU 77 ? B GLU 77  ? 1_555 54.8  ? 
79 OD1 ? B ASP 66 ? B ASP 66  ? 1_555 CA ? F CA . ? B CA 94 ? 1_555 O   ? H HOH .  ? B HOH 122 ? 1_555 159.5 ? 
80 OD1 ? B ASP 68 ? B ASP 68  ? 1_555 CA ? F CA . ? B CA 94 ? 1_555 O   ? H HOH .  ? B HOH 122 ? 1_555 83.4  ? 
81 OG  ? B SER 70 ? B SER 70  ? 1_555 CA ? F CA . ? B CA 94 ? 1_555 O   ? H HOH .  ? B HOH 122 ? 1_555 81.3  ? 
82 O   ? B THR 72 ? B THR 72  ? 1_555 CA ? F CA . ? B CA 94 ? 1_555 O   ? H HOH .  ? B HOH 122 ? 1_555 103.4 ? 
83 OE1 ? B GLU 77 ? B GLU 77  ? 1_555 CA ? F CA . ? B CA 94 ? 1_555 O   ? H HOH .  ? B HOH 122 ? 1_555 83.8  ? 
84 OE2 ? B GLU 77 ? B GLU 77  ? 1_555 CA ? F CA . ? B CA 94 ? 1_555 O   ? H HOH .  ? B HOH 122 ? 1_555 94.1  ? 
# 
loop_
_struct_sheet.id 
_struct_sheet.type 
_struct_sheet.number_strands 
_struct_sheet.details 
A ? 2 ? 
B ? 2 ? 
# 
loop_
_struct_sheet_order.sheet_id 
_struct_sheet_order.range_id_1 
_struct_sheet_order.range_id_2 
_struct_sheet_order.offset 
_struct_sheet_order.sense 
A 1 2 ? anti-parallel 
B 1 2 ? anti-parallel 
# 
loop_
_struct_sheet_range.sheet_id 
_struct_sheet_range.id 
_struct_sheet_range.beg_label_comp_id 
_struct_sheet_range.beg_label_asym_id 
_struct_sheet_range.beg_label_seq_id 
_struct_sheet_range.pdbx_beg_PDB_ins_code 
_struct_sheet_range.end_label_comp_id 
_struct_sheet_range.end_label_asym_id 
_struct_sheet_range.end_label_seq_id 
_struct_sheet_range.pdbx_end_PDB_ins_code 
_struct_sheet_range.beg_auth_comp_id 
_struct_sheet_range.beg_auth_asym_id 
_struct_sheet_range.beg_auth_seq_id 
_struct_sheet_range.end_auth_comp_id 
_struct_sheet_range.end_auth_asym_id 
_struct_sheet_range.end_auth_seq_id 
A 1 ASP A 36 ? ILE A 37 ? ASP A 36 ILE A 37 
A 2 ILE A 73 ? ASP A 74 ? ILE A 73 ASP A 74 
B 1 ASP B 36 ? ILE B 37 ? ASP B 36 ILE B 37 
B 2 ILE B 73 ? ASP B 74 ? ILE B 73 ASP B 74 
# 
loop_
_pdbx_struct_sheet_hbond.sheet_id 
_pdbx_struct_sheet_hbond.range_id_1 
_pdbx_struct_sheet_hbond.range_id_2 
_pdbx_struct_sheet_hbond.range_1_label_atom_id 
_pdbx_struct_sheet_hbond.range_1_label_comp_id 
_pdbx_struct_sheet_hbond.range_1_label_asym_id 
_pdbx_struct_sheet_hbond.range_1_label_seq_id 
_pdbx_struct_sheet_hbond.range_1_PDB_ins_code 
_pdbx_struct_sheet_hbond.range_1_auth_atom_id 
_pdbx_struct_sheet_hbond.range_1_auth_comp_id 
_pdbx_struct_sheet_hbond.range_1_auth_asym_id 
_pdbx_struct_sheet_hbond.range_1_auth_seq_id 
_pdbx_struct_sheet_hbond.range_2_label_atom_id 
_pdbx_struct_sheet_hbond.range_2_label_comp_id 
_pdbx_struct_sheet_hbond.range_2_label_asym_id 
_pdbx_struct_sheet_hbond.range_2_label_seq_id 
_pdbx_struct_sheet_hbond.range_2_PDB_ins_code 
_pdbx_struct_sheet_hbond.range_2_auth_atom_id 
_pdbx_struct_sheet_hbond.range_2_auth_comp_id 
_pdbx_struct_sheet_hbond.range_2_auth_asym_id 
_pdbx_struct_sheet_hbond.range_2_auth_seq_id 
A 1 2 O ILE A 37 ? O ILE A 37 N ILE A 73 ? N ILE A 73 
B 1 2 N ILE B 37 ? N ILE B 37 O ILE B 73 ? O ILE B 73 
# 
loop_
_struct_site.id 
_struct_site.pdbx_evidence_code 
_struct_site.pdbx_auth_asym_id 
_struct_site.pdbx_auth_comp_id 
_struct_site.pdbx_auth_seq_id 
_struct_site.pdbx_auth_ins_code 
_struct_site.pdbx_num_residues 
_struct_site.details 
AC1 Software A CA 93 ? 6 'BINDING SITE FOR RESIDUE CA A 93' 
AC2 Software A CA 94 ? 6 'BINDING SITE FOR RESIDUE CA A 94' 
AC3 Software B CA 93 ? 6 'BINDING SITE FOR RESIDUE CA B 93' 
AC4 Software B CA 94 ? 6 'BINDING SITE FOR RESIDUE CA B 94' 
# 
loop_
_struct_site_gen.id 
_struct_site_gen.site_id 
_struct_site_gen.pdbx_num_res 
_struct_site_gen.label_comp_id 
_struct_site_gen.label_asym_id 
_struct_site_gen.label_seq_id 
_struct_site_gen.pdbx_auth_ins_code 
_struct_site_gen.auth_comp_id 
_struct_site_gen.auth_asym_id 
_struct_site_gen.auth_seq_id 
_struct_site_gen.label_atom_id 
_struct_site_gen.label_alt_id 
_struct_site_gen.symmetry 
_struct_site_gen.details 
1  AC1 6 ASP A 30 ? ASP A 30  . ? 1_555 ? 
2  AC1 6 ASP A 32 ? ASP A 32  . ? 1_555 ? 
3  AC1 6 ASP A 36 ? ASP A 36  . ? 1_555 ? 
4  AC1 6 GLU A 41 ? GLU A 41  . ? 1_555 ? 
5  AC1 6 HOH G .  ? HOH A 95  . ? 1_555 ? 
6  AC1 6 HOH G .  ? HOH A 96  . ? 1_555 ? 
7  AC2 6 ASP A 66 ? ASP A 66  . ? 1_555 ? 
8  AC2 6 ASP A 68 ? ASP A 68  . ? 1_555 ? 
9  AC2 6 SER A 70 ? SER A 70  . ? 1_555 ? 
10 AC2 6 THR A 72 ? THR A 72  . ? 1_555 ? 
11 AC2 6 GLU A 77 ? GLU A 77  . ? 1_555 ? 
12 AC2 6 HOH G .  ? HOH A 102 . ? 1_555 ? 
13 AC3 6 ASP B 30 ? ASP B 30  . ? 1_555 ? 
14 AC3 6 ASP B 32 ? ASP B 32  . ? 1_555 ? 
15 AC3 6 ASP B 36 ? ASP B 36  . ? 1_555 ? 
16 AC3 6 GLU B 41 ? GLU B 41  . ? 1_555 ? 
17 AC3 6 HOH H .  ? HOH B 115 . ? 1_555 ? 
18 AC3 6 HOH H .  ? HOH B 144 . ? 1_555 ? 
19 AC4 6 ASP B 66 ? ASP B 66  . ? 1_555 ? 
20 AC4 6 ASP B 68 ? ASP B 68  . ? 1_555 ? 
21 AC4 6 SER B 70 ? SER B 70  . ? 1_555 ? 
22 AC4 6 THR B 72 ? THR B 72  . ? 1_555 ? 
23 AC4 6 GLU B 77 ? GLU B 77  . ? 1_555 ? 
24 AC4 6 HOH H .  ? HOH B 122 . ? 1_555 ? 
# 
loop_
_pdbx_validate_rmsd_bond.id 
_pdbx_validate_rmsd_bond.PDB_model_num 
_pdbx_validate_rmsd_bond.auth_atom_id_1 
_pdbx_validate_rmsd_bond.auth_asym_id_1 
_pdbx_validate_rmsd_bond.auth_comp_id_1 
_pdbx_validate_rmsd_bond.auth_seq_id_1 
_pdbx_validate_rmsd_bond.PDB_ins_code_1 
_pdbx_validate_rmsd_bond.label_alt_id_1 
_pdbx_validate_rmsd_bond.auth_atom_id_2 
_pdbx_validate_rmsd_bond.auth_asym_id_2 
_pdbx_validate_rmsd_bond.auth_comp_id_2 
_pdbx_validate_rmsd_bond.auth_seq_id_2 
_pdbx_validate_rmsd_bond.PDB_ins_code_2 
_pdbx_validate_rmsd_bond.label_alt_id_2 
_pdbx_validate_rmsd_bond.bond_value 
_pdbx_validate_rmsd_bond.bond_target_value 
_pdbx_validate_rmsd_bond.bond_deviation 
_pdbx_validate_rmsd_bond.bond_standard_deviation 
_pdbx_validate_rmsd_bond.linker_flag 
1  1 CD A GLU 9  ? ? OE1 A GLU 9  ? ? 1.320 1.252 0.068 0.011 N 
2  1 CD A GLU 16 ? ? OE2 A GLU 16 ? ? 1.341 1.252 0.089 0.011 N 
3  1 CD A GLU 17 ? ? OE2 A GLU 17 ? ? 1.336 1.252 0.084 0.011 N 
4  1 CD A GLU 21 ? ? OE1 A GLU 21 ? ? 1.332 1.252 0.080 0.011 N 
5  1 CD A GLU 56 ? ? OE2 A GLU 56 ? ? 1.325 1.252 0.073 0.011 N 
6  1 CD A GLU 57 ? ? OE2 A GLU 57 ? ? 1.318 1.252 0.066 0.011 N 
7  1 CD A GLU 63 ? ? OE1 A GLU 63 ? ? 1.331 1.252 0.079 0.011 N 
8  1 CD B GLU 9  ? ? OE2 B GLU 9  ? ? 1.330 1.252 0.078 0.011 N 
9  1 CD B GLU 16 ? ? OE1 B GLU 16 ? ? 1.339 1.252 0.087 0.011 N 
10 1 CD B GLU 17 ? ? OE2 B GLU 17 ? ? 1.327 1.252 0.075 0.011 N 
11 1 CD B GLU 21 ? ? OE2 B GLU 21 ? ? 1.326 1.252 0.074 0.011 N 
12 1 CD B GLU 41 ? ? OE2 B GLU 41 ? ? 1.329 1.252 0.077 0.011 N 
13 1 CD B GLU 56 ? ? OE1 B GLU 56 ? ? 1.323 1.252 0.071 0.011 N 
14 1 CD B GLU 57 ? ? OE2 B GLU 57 ? ? 1.325 1.252 0.073 0.011 N 
15 1 CD B GLU 64 ? ? OE2 B GLU 64 ? ? 1.321 1.252 0.069 0.011 N 
# 
loop_
_pdbx_validate_rmsd_angle.id 
_pdbx_validate_rmsd_angle.PDB_model_num 
_pdbx_validate_rmsd_angle.auth_atom_id_1 
_pdbx_validate_rmsd_angle.auth_asym_id_1 
_pdbx_validate_rmsd_angle.auth_comp_id_1 
_pdbx_validate_rmsd_angle.auth_seq_id_1 
_pdbx_validate_rmsd_angle.PDB_ins_code_1 
_pdbx_validate_rmsd_angle.label_alt_id_1 
_pdbx_validate_rmsd_angle.auth_atom_id_2 
_pdbx_validate_rmsd_angle.auth_asym_id_2 
_pdbx_validate_rmsd_angle.auth_comp_id_2 
_pdbx_validate_rmsd_angle.auth_seq_id_2 
_pdbx_validate_rmsd_angle.PDB_ins_code_2 
_pdbx_validate_rmsd_angle.label_alt_id_2 
_pdbx_validate_rmsd_angle.auth_atom_id_3 
_pdbx_validate_rmsd_angle.auth_asym_id_3 
_pdbx_validate_rmsd_angle.auth_comp_id_3 
_pdbx_validate_rmsd_angle.auth_seq_id_3 
_pdbx_validate_rmsd_angle.PDB_ins_code_3 
_pdbx_validate_rmsd_angle.label_alt_id_3 
_pdbx_validate_rmsd_angle.angle_value 
_pdbx_validate_rmsd_angle.angle_target_value 
_pdbx_validate_rmsd_angle.angle_deviation 
_pdbx_validate_rmsd_angle.angle_standard_deviation 
_pdbx_validate_rmsd_angle.linker_flag 
1 1 CB A ASP 27 ? ? CG A ASP 27 ? ? OD1 A ASP 27 ? ? 125.89 118.30 7.59   0.90 N 
2 1 CB A ASP 32 ? ? CG A ASP 32 ? ? OD2 A ASP 32 ? ? 112.04 118.30 -6.26  0.90 N 
3 1 CA A THR 44 ? ? CB A THR 44 ? ? CG2 A THR 44 ? ? 102.04 112.40 -10.36 1.40 N 
4 1 CB A GLU 56 ? ? CA A GLU 56 ? ? C   A GLU 56 ? ? 93.93  110.40 -16.47 2.00 N 
5 1 CB A ASP 59 ? ? CG A ASP 59 ? ? OD1 A ASP 59 ? ? 124.96 118.30 6.66   0.90 N 
6 1 CB A ASP 59 ? ? CG A ASP 59 ? ? OD2 A ASP 59 ? ? 109.48 118.30 -8.82  0.90 N 
7 1 CB A ASP 74 ? ? CG A ASP 74 ? ? OD2 A ASP 74 ? ? 111.90 118.30 -6.40  0.90 N 
8 1 CB B ASP 59 ? ? CG B ASP 59 ? ? OD1 B ASP 59 ? ? 125.52 118.30 7.22   0.90 N 
9 1 CB B ASP 59 ? ? CG B ASP 59 ? ? OD2 B ASP 59 ? ? 110.66 118.30 -7.64  0.90 N 
# 
loop_
_pdbx_unobs_or_zero_occ_residues.id 
_pdbx_unobs_or_zero_occ_residues.PDB_model_num 
_pdbx_unobs_or_zero_occ_residues.polymer_flag 
_pdbx_unobs_or_zero_occ_residues.occupancy_flag 
_pdbx_unobs_or_zero_occ_residues.auth_asym_id 
_pdbx_unobs_or_zero_occ_residues.auth_comp_id 
_pdbx_unobs_or_zero_occ_residues.auth_seq_id 
_pdbx_unobs_or_zero_occ_residues.PDB_ins_code 
_pdbx_unobs_or_zero_occ_residues.label_asym_id 
_pdbx_unobs_or_zero_occ_residues.label_comp_id 
_pdbx_unobs_or_zero_occ_residues.label_seq_id 
1  1 Y 1 A ALA 1  ? A ALA 1  
2  1 Y 1 A SER 2  ? A SER 2  
3  1 Y 1 A MET 3  ? A MET 3  
4  1 Y 1 A THR 4  ? A THR 4  
5  1 Y 1 A ASP 5  ? A ASP 5  
6  1 Y 1 A GLN 6  ? A GLN 6  
7  1 Y 1 A GLU 88 ? A GLU 88 
8  1 Y 1 A ASP 89 ? A ASP 89 
9  1 Y 1 A ALA 90 ? A ALA 90 
10 1 Y 1 B ALA 1  ? B ALA 1  
11 1 Y 1 B SER 2  ? B SER 2  
12 1 Y 1 B MET 3  ? B MET 3  
13 1 Y 1 B THR 4  ? B THR 4  
14 1 Y 1 B ASP 5  ? B ASP 5  
15 1 Y 1 B GLU 88 ? B GLU 88 
16 1 Y 1 B ASP 89 ? B ASP 89 
17 1 Y 1 B ALA 90 ? B ALA 90 
# 
loop_
_chem_comp_atom.comp_id 
_chem_comp_atom.atom_id 
_chem_comp_atom.type_symbol 
_chem_comp_atom.pdbx_aromatic_flag 
_chem_comp_atom.pdbx_stereo_config 
_chem_comp_atom.pdbx_ordinal 
ALA N    N  N N 1   
ALA CA   C  N S 2   
ALA C    C  N N 3   
ALA O    O  N N 4   
ALA CB   C  N N 5   
ALA OXT  O  N N 6   
ALA H    H  N N 7   
ALA H2   H  N N 8   
ALA HA   H  N N 9   
ALA HB1  H  N N 10  
ALA HB2  H  N N 11  
ALA HB3  H  N N 12  
ALA HXT  H  N N 13  
ARG N    N  N N 14  
ARG CA   C  N S 15  
ARG C    C  N N 16  
ARG O    O  N N 17  
ARG CB   C  N N 18  
ARG CG   C  N N 19  
ARG CD   C  N N 20  
ARG NE   N  N N 21  
ARG CZ   C  N N 22  
ARG NH1  N  N N 23  
ARG NH2  N  N N 24  
ARG OXT  O  N N 25  
ARG H    H  N N 26  
ARG H2   H  N N 27  
ARG HA   H  N N 28  
ARG HB2  H  N N 29  
ARG HB3  H  N N 30  
ARG HG2  H  N N 31  
ARG HG3  H  N N 32  
ARG HD2  H  N N 33  
ARG HD3  H  N N 34  
ARG HE   H  N N 35  
ARG HH11 H  N N 36  
ARG HH12 H  N N 37  
ARG HH21 H  N N 38  
ARG HH22 H  N N 39  
ARG HXT  H  N N 40  
ASN N    N  N N 41  
ASN CA   C  N S 42  
ASN C    C  N N 43  
ASN O    O  N N 44  
ASN CB   C  N N 45  
ASN CG   C  N N 46  
ASN OD1  O  N N 47  
ASN ND2  N  N N 48  
ASN OXT  O  N N 49  
ASN H    H  N N 50  
ASN H2   H  N N 51  
ASN HA   H  N N 52  
ASN HB2  H  N N 53  
ASN HB3  H  N N 54  
ASN HD21 H  N N 55  
ASN HD22 H  N N 56  
ASN HXT  H  N N 57  
ASP N    N  N N 58  
ASP CA   C  N S 59  
ASP C    C  N N 60  
ASP O    O  N N 61  
ASP CB   C  N N 62  
ASP CG   C  N N 63  
ASP OD1  O  N N 64  
ASP OD2  O  N N 65  
ASP OXT  O  N N 66  
ASP H    H  N N 67  
ASP H2   H  N N 68  
ASP HA   H  N N 69  
ASP HB2  H  N N 70  
ASP HB3  H  N N 71  
ASP HD2  H  N N 72  
ASP HXT  H  N N 73  
CA  CA   CA N N 74  
GLN N    N  N N 75  
GLN CA   C  N S 76  
GLN C    C  N N 77  
GLN O    O  N N 78  
GLN CB   C  N N 79  
GLN CG   C  N N 80  
GLN CD   C  N N 81  
GLN OE1  O  N N 82  
GLN NE2  N  N N 83  
GLN OXT  O  N N 84  
GLN H    H  N N 85  
GLN H2   H  N N 86  
GLN HA   H  N N 87  
GLN HB2  H  N N 88  
GLN HB3  H  N N 89  
GLN HG2  H  N N 90  
GLN HG3  H  N N 91  
GLN HE21 H  N N 92  
GLN HE22 H  N N 93  
GLN HXT  H  N N 94  
GLU N    N  N N 95  
GLU CA   C  N S 96  
GLU C    C  N N 97  
GLU O    O  N N 98  
GLU CB   C  N N 99  
GLU CG   C  N N 100 
GLU CD   C  N N 101 
GLU OE1  O  N N 102 
GLU OE2  O  N N 103 
GLU OXT  O  N N 104 
GLU H    H  N N 105 
GLU H2   H  N N 106 
GLU HA   H  N N 107 
GLU HB2  H  N N 108 
GLU HB3  H  N N 109 
GLU HG2  H  N N 110 
GLU HG3  H  N N 111 
GLU HE2  H  N N 112 
GLU HXT  H  N N 113 
GLY N    N  N N 114 
GLY CA   C  N N 115 
GLY C    C  N N 116 
GLY O    O  N N 117 
GLY OXT  O  N N 118 
GLY H    H  N N 119 
GLY H2   H  N N 120 
GLY HA2  H  N N 121 
GLY HA3  H  N N 122 
GLY HXT  H  N N 123 
HOH O    O  N N 124 
HOH H1   H  N N 125 
HOH H2   H  N N 126 
ILE N    N  N N 127 
ILE CA   C  N S 128 
ILE C    C  N N 129 
ILE O    O  N N 130 
ILE CB   C  N S 131 
ILE CG1  C  N N 132 
ILE CG2  C  N N 133 
ILE CD1  C  N N 134 
ILE OXT  O  N N 135 
ILE H    H  N N 136 
ILE H2   H  N N 137 
ILE HA   H  N N 138 
ILE HB   H  N N 139 
ILE HG12 H  N N 140 
ILE HG13 H  N N 141 
ILE HG21 H  N N 142 
ILE HG22 H  N N 143 
ILE HG23 H  N N 144 
ILE HD11 H  N N 145 
ILE HD12 H  N N 146 
ILE HD13 H  N N 147 
ILE HXT  H  N N 148 
LEU N    N  N N 149 
LEU CA   C  N S 150 
LEU C    C  N N 151 
LEU O    O  N N 152 
LEU CB   C  N N 153 
LEU CG   C  N N 154 
LEU CD1  C  N N 155 
LEU CD2  C  N N 156 
LEU OXT  O  N N 157 
LEU H    H  N N 158 
LEU H2   H  N N 159 
LEU HA   H  N N 160 
LEU HB2  H  N N 161 
LEU HB3  H  N N 162 
LEU HG   H  N N 163 
LEU HD11 H  N N 164 
LEU HD12 H  N N 165 
LEU HD13 H  N N 166 
LEU HD21 H  N N 167 
LEU HD22 H  N N 168 
LEU HD23 H  N N 169 
LEU HXT  H  N N 170 
LYS N    N  N N 171 
LYS CA   C  N S 172 
LYS C    C  N N 173 
LYS O    O  N N 174 
LYS CB   C  N N 175 
LYS CG   C  N N 176 
LYS CD   C  N N 177 
LYS CE   C  N N 178 
LYS NZ   N  N N 179 
LYS OXT  O  N N 180 
LYS H    H  N N 181 
LYS H2   H  N N 182 
LYS HA   H  N N 183 
LYS HB2  H  N N 184 
LYS HB3  H  N N 185 
LYS HG2  H  N N 186 
LYS HG3  H  N N 187 
LYS HD2  H  N N 188 
LYS HD3  H  N N 189 
LYS HE2  H  N N 190 
LYS HE3  H  N N 191 
LYS HZ1  H  N N 192 
LYS HZ2  H  N N 193 
LYS HZ3  H  N N 194 
LYS HXT  H  N N 195 
MET N    N  N N 196 
MET CA   C  N S 197 
MET C    C  N N 198 
MET O    O  N N 199 
MET CB   C  N N 200 
MET CG   C  N N 201 
MET SD   S  N N 202 
MET CE   C  N N 203 
MET OXT  O  N N 204 
MET H    H  N N 205 
MET H2   H  N N 206 
MET HA   H  N N 207 
MET HB2  H  N N 208 
MET HB3  H  N N 209 
MET HG2  H  N N 210 
MET HG3  H  N N 211 
MET HE1  H  N N 212 
MET HE2  H  N N 213 
MET HE3  H  N N 214 
MET HXT  H  N N 215 
PHE N    N  N N 216 
PHE CA   C  N S 217 
PHE C    C  N N 218 
PHE O    O  N N 219 
PHE CB   C  N N 220 
PHE CG   C  Y N 221 
PHE CD1  C  Y N 222 
PHE CD2  C  Y N 223 
PHE CE1  C  Y N 224 
PHE CE2  C  Y N 225 
PHE CZ   C  Y N 226 
PHE OXT  O  N N 227 
PHE H    H  N N 228 
PHE H2   H  N N 229 
PHE HA   H  N N 230 
PHE HB2  H  N N 231 
PHE HB3  H  N N 232 
PHE HD1  H  N N 233 
PHE HD2  H  N N 234 
PHE HE1  H  N N 235 
PHE HE2  H  N N 236 
PHE HZ   H  N N 237 
PHE HXT  H  N N 238 
PRO N    N  N N 239 
PRO CA   C  N S 240 
PRO C    C  N N 241 
PRO O    O  N N 242 
PRO CB   C  N N 243 
PRO CG   C  N N 244 
PRO CD   C  N N 245 
PRO OXT  O  N N 246 
PRO H    H  N N 247 
PRO HA   H  N N 248 
PRO HB2  H  N N 249 
PRO HB3  H  N N 250 
PRO HG2  H  N N 251 
PRO HG3  H  N N 252 
PRO HD2  H  N N 253 
PRO HD3  H  N N 254 
PRO HXT  H  N N 255 
SER N    N  N N 256 
SER CA   C  N S 257 
SER C    C  N N 258 
SER O    O  N N 259 
SER CB   C  N N 260 
SER OG   O  N N 261 
SER OXT  O  N N 262 
SER H    H  N N 263 
SER H2   H  N N 264 
SER HA   H  N N 265 
SER HB2  H  N N 266 
SER HB3  H  N N 267 
SER HG   H  N N 268 
SER HXT  H  N N 269 
THR N    N  N N 270 
THR CA   C  N S 271 
THR C    C  N N 272 
THR O    O  N N 273 
THR CB   C  N R 274 
THR OG1  O  N N 275 
THR CG2  C  N N 276 
THR OXT  O  N N 277 
THR H    H  N N 278 
THR H2   H  N N 279 
THR HA   H  N N 280 
THR HB   H  N N 281 
THR HG1  H  N N 282 
THR HG21 H  N N 283 
THR HG22 H  N N 284 
THR HG23 H  N N 285 
THR HXT  H  N N 286 
VAL N    N  N N 287 
VAL CA   C  N S 288 
VAL C    C  N N 289 
VAL O    O  N N 290 
VAL CB   C  N N 291 
VAL CG1  C  N N 292 
VAL CG2  C  N N 293 
VAL OXT  O  N N 294 
VAL H    H  N N 295 
VAL H2   H  N N 296 
VAL HA   H  N N 297 
VAL HB   H  N N 298 
VAL HG11 H  N N 299 
VAL HG12 H  N N 300 
VAL HG13 H  N N 301 
VAL HG21 H  N N 302 
VAL HG22 H  N N 303 
VAL HG23 H  N N 304 
VAL HXT  H  N N 305 
# 
loop_
_chem_comp_bond.comp_id 
_chem_comp_bond.atom_id_1 
_chem_comp_bond.atom_id_2 
_chem_comp_bond.value_order 
_chem_comp_bond.pdbx_aromatic_flag 
_chem_comp_bond.pdbx_stereo_config 
_chem_comp_bond.pdbx_ordinal 
ALA N   CA   sing N N 1   
ALA N   H    sing N N 2   
ALA N   H2   sing N N 3   
ALA CA  C    sing N N 4   
ALA CA  CB   sing N N 5   
ALA CA  HA   sing N N 6   
ALA C   O    doub N N 7   
ALA C   OXT  sing N N 8   
ALA CB  HB1  sing N N 9   
ALA CB  HB2  sing N N 10  
ALA CB  HB3  sing N N 11  
ALA OXT HXT  sing N N 12  
ARG N   CA   sing N N 13  
ARG N   H    sing N N 14  
ARG N   H2   sing N N 15  
ARG CA  C    sing N N 16  
ARG CA  CB   sing N N 17  
ARG CA  HA   sing N N 18  
ARG C   O    doub N N 19  
ARG C   OXT  sing N N 20  
ARG CB  CG   sing N N 21  
ARG CB  HB2  sing N N 22  
ARG CB  HB3  sing N N 23  
ARG CG  CD   sing N N 24  
ARG CG  HG2  sing N N 25  
ARG CG  HG3  sing N N 26  
ARG CD  NE   sing N N 27  
ARG CD  HD2  sing N N 28  
ARG CD  HD3  sing N N 29  
ARG NE  CZ   sing N N 30  
ARG NE  HE   sing N N 31  
ARG CZ  NH1  sing N N 32  
ARG CZ  NH2  doub N N 33  
ARG NH1 HH11 sing N N 34  
ARG NH1 HH12 sing N N 35  
ARG NH2 HH21 sing N N 36  
ARG NH2 HH22 sing N N 37  
ARG OXT HXT  sing N N 38  
ASN N   CA   sing N N 39  
ASN N   H    sing N N 40  
ASN N   H2   sing N N 41  
ASN CA  C    sing N N 42  
ASN CA  CB   sing N N 43  
ASN CA  HA   sing N N 44  
ASN C   O    doub N N 45  
ASN C   OXT  sing N N 46  
ASN CB  CG   sing N N 47  
ASN CB  HB2  sing N N 48  
ASN CB  HB3  sing N N 49  
ASN CG  OD1  doub N N 50  
ASN CG  ND2  sing N N 51  
ASN ND2 HD21 sing N N 52  
ASN ND2 HD22 sing N N 53  
ASN OXT HXT  sing N N 54  
ASP N   CA   sing N N 55  
ASP N   H    sing N N 56  
ASP N   H2   sing N N 57  
ASP CA  C    sing N N 58  
ASP CA  CB   sing N N 59  
ASP CA  HA   sing N N 60  
ASP C   O    doub N N 61  
ASP C   OXT  sing N N 62  
ASP CB  CG   sing N N 63  
ASP CB  HB2  sing N N 64  
ASP CB  HB3  sing N N 65  
ASP CG  OD1  doub N N 66  
ASP CG  OD2  sing N N 67  
ASP OD2 HD2  sing N N 68  
ASP OXT HXT  sing N N 69  
GLN N   CA   sing N N 70  
GLN N   H    sing N N 71  
GLN N   H2   sing N N 72  
GLN CA  C    sing N N 73  
GLN CA  CB   sing N N 74  
GLN CA  HA   sing N N 75  
GLN C   O    doub N N 76  
GLN C   OXT  sing N N 77  
GLN CB  CG   sing N N 78  
GLN CB  HB2  sing N N 79  
GLN CB  HB3  sing N N 80  
GLN CG  CD   sing N N 81  
GLN CG  HG2  sing N N 82  
GLN CG  HG3  sing N N 83  
GLN CD  OE1  doub N N 84  
GLN CD  NE2  sing N N 85  
GLN NE2 HE21 sing N N 86  
GLN NE2 HE22 sing N N 87  
GLN OXT HXT  sing N N 88  
GLU N   CA   sing N N 89  
GLU N   H    sing N N 90  
GLU N   H2   sing N N 91  
GLU CA  C    sing N N 92  
GLU CA  CB   sing N N 93  
GLU CA  HA   sing N N 94  
GLU C   O    doub N N 95  
GLU C   OXT  sing N N 96  
GLU CB  CG   sing N N 97  
GLU CB  HB2  sing N N 98  
GLU CB  HB3  sing N N 99  
GLU CG  CD   sing N N 100 
GLU CG  HG2  sing N N 101 
GLU CG  HG3  sing N N 102 
GLU CD  OE1  doub N N 103 
GLU CD  OE2  sing N N 104 
GLU OE2 HE2  sing N N 105 
GLU OXT HXT  sing N N 106 
GLY N   CA   sing N N 107 
GLY N   H    sing N N 108 
GLY N   H2   sing N N 109 
GLY CA  C    sing N N 110 
GLY CA  HA2  sing N N 111 
GLY CA  HA3  sing N N 112 
GLY C   O    doub N N 113 
GLY C   OXT  sing N N 114 
GLY OXT HXT  sing N N 115 
HOH O   H1   sing N N 116 
HOH O   H2   sing N N 117 
ILE N   CA   sing N N 118 
ILE N   H    sing N N 119 
ILE N   H2   sing N N 120 
ILE CA  C    sing N N 121 
ILE CA  CB   sing N N 122 
ILE CA  HA   sing N N 123 
ILE C   O    doub N N 124 
ILE C   OXT  sing N N 125 
ILE CB  CG1  sing N N 126 
ILE CB  CG2  sing N N 127 
ILE CB  HB   sing N N 128 
ILE CG1 CD1  sing N N 129 
ILE CG1 HG12 sing N N 130 
ILE CG1 HG13 sing N N 131 
ILE CG2 HG21 sing N N 132 
ILE CG2 HG22 sing N N 133 
ILE CG2 HG23 sing N N 134 
ILE CD1 HD11 sing N N 135 
ILE CD1 HD12 sing N N 136 
ILE CD1 HD13 sing N N 137 
ILE OXT HXT  sing N N 138 
LEU N   CA   sing N N 139 
LEU N   H    sing N N 140 
LEU N   H2   sing N N 141 
LEU CA  C    sing N N 142 
LEU CA  CB   sing N N 143 
LEU CA  HA   sing N N 144 
LEU C   O    doub N N 145 
LEU C   OXT  sing N N 146 
LEU CB  CG   sing N N 147 
LEU CB  HB2  sing N N 148 
LEU CB  HB3  sing N N 149 
LEU CG  CD1  sing N N 150 
LEU CG  CD2  sing N N 151 
LEU CG  HG   sing N N 152 
LEU CD1 HD11 sing N N 153 
LEU CD1 HD12 sing N N 154 
LEU CD1 HD13 sing N N 155 
LEU CD2 HD21 sing N N 156 
LEU CD2 HD22 sing N N 157 
LEU CD2 HD23 sing N N 158 
LEU OXT HXT  sing N N 159 
LYS N   CA   sing N N 160 
LYS N   H    sing N N 161 
LYS N   H2   sing N N 162 
LYS CA  C    sing N N 163 
LYS CA  CB   sing N N 164 
LYS CA  HA   sing N N 165 
LYS C   O    doub N N 166 
LYS C   OXT  sing N N 167 
LYS CB  CG   sing N N 168 
LYS CB  HB2  sing N N 169 
LYS CB  HB3  sing N N 170 
LYS CG  CD   sing N N 171 
LYS CG  HG2  sing N N 172 
LYS CG  HG3  sing N N 173 
LYS CD  CE   sing N N 174 
LYS CD  HD2  sing N N 175 
LYS CD  HD3  sing N N 176 
LYS CE  NZ   sing N N 177 
LYS CE  HE2  sing N N 178 
LYS CE  HE3  sing N N 179 
LYS NZ  HZ1  sing N N 180 
LYS NZ  HZ2  sing N N 181 
LYS NZ  HZ3  sing N N 182 
LYS OXT HXT  sing N N 183 
MET N   CA   sing N N 184 
MET N   H    sing N N 185 
MET N   H2   sing N N 186 
MET CA  C    sing N N 187 
MET CA  CB   sing N N 188 
MET CA  HA   sing N N 189 
MET C   O    doub N N 190 
MET C   OXT  sing N N 191 
MET CB  CG   sing N N 192 
MET CB  HB2  sing N N 193 
MET CB  HB3  sing N N 194 
MET CG  SD   sing N N 195 
MET CG  HG2  sing N N 196 
MET CG  HG3  sing N N 197 
MET SD  CE   sing N N 198 
MET CE  HE1  sing N N 199 
MET CE  HE2  sing N N 200 
MET CE  HE3  sing N N 201 
MET OXT HXT  sing N N 202 
PHE N   CA   sing N N 203 
PHE N   H    sing N N 204 
PHE N   H2   sing N N 205 
PHE CA  C    sing N N 206 
PHE CA  CB   sing N N 207 
PHE CA  HA   sing N N 208 
PHE C   O    doub N N 209 
PHE C   OXT  sing N N 210 
PHE CB  CG   sing N N 211 
PHE CB  HB2  sing N N 212 
PHE CB  HB3  sing N N 213 
PHE CG  CD1  doub Y N 214 
PHE CG  CD2  sing Y N 215 
PHE CD1 CE1  sing Y N 216 
PHE CD1 HD1  sing N N 217 
PHE CD2 CE2  doub Y N 218 
PHE CD2 HD2  sing N N 219 
PHE CE1 CZ   doub Y N 220 
PHE CE1 HE1  sing N N 221 
PHE CE2 CZ   sing Y N 222 
PHE CE2 HE2  sing N N 223 
PHE CZ  HZ   sing N N 224 
PHE OXT HXT  sing N N 225 
PRO N   CA   sing N N 226 
PRO N   CD   sing N N 227 
PRO N   H    sing N N 228 
PRO CA  C    sing N N 229 
PRO CA  CB   sing N N 230 
PRO CA  HA   sing N N 231 
PRO C   O    doub N N 232 
PRO C   OXT  sing N N 233 
PRO CB  CG   sing N N 234 
PRO CB  HB2  sing N N 235 
PRO CB  HB3  sing N N 236 
PRO CG  CD   sing N N 237 
PRO CG  HG2  sing N N 238 
PRO CG  HG3  sing N N 239 
PRO CD  HD2  sing N N 240 
PRO CD  HD3  sing N N 241 
PRO OXT HXT  sing N N 242 
SER N   CA   sing N N 243 
SER N   H    sing N N 244 
SER N   H2   sing N N 245 
SER CA  C    sing N N 246 
SER CA  CB   sing N N 247 
SER CA  HA   sing N N 248 
SER C   O    doub N N 249 
SER C   OXT  sing N N 250 
SER CB  OG   sing N N 251 
SER CB  HB2  sing N N 252 
SER CB  HB3  sing N N 253 
SER OG  HG   sing N N 254 
SER OXT HXT  sing N N 255 
THR N   CA   sing N N 256 
THR N   H    sing N N 257 
THR N   H2   sing N N 258 
THR CA  C    sing N N 259 
THR CA  CB   sing N N 260 
THR CA  HA   sing N N 261 
THR C   O    doub N N 262 
THR C   OXT  sing N N 263 
THR CB  OG1  sing N N 264 
THR CB  CG2  sing N N 265 
THR CB  HB   sing N N 266 
THR OG1 HG1  sing N N 267 
THR CG2 HG21 sing N N 268 
THR CG2 HG22 sing N N 269 
THR CG2 HG23 sing N N 270 
THR OXT HXT  sing N N 271 
VAL N   CA   sing N N 272 
VAL N   H    sing N N 273 
VAL N   H2   sing N N 274 
VAL CA  C    sing N N 275 
VAL CA  CB   sing N N 276 
VAL CA  HA   sing N N 277 
VAL C   O    doub N N 278 
VAL C   OXT  sing N N 279 
VAL CB  CG1  sing N N 280 
VAL CB  CG2  sing N N 281 
VAL CB  HB   sing N N 282 
VAL CG1 HG11 sing N N 283 
VAL CG1 HG12 sing N N 284 
VAL CG1 HG13 sing N N 285 
VAL CG2 HG21 sing N N 286 
VAL CG2 HG22 sing N N 287 
VAL CG2 HG23 sing N N 288 
VAL OXT HXT  sing N N 289 
# 
_pdbx_initial_refinement_model.id               1 
_pdbx_initial_refinement_model.entity_id_list   ? 
_pdbx_initial_refinement_model.type             'experimental model' 
_pdbx_initial_refinement_model.source_name      PDB 
_pdbx_initial_refinement_model.accession_code   4TNC 
_pdbx_initial_refinement_model.details          'PDB ENTRY 4TNC' 
# 
_atom_sites.entry_id                    1AVS 
_atom_sites.fract_transf_matrix[1][1]   0.00101748 
_atom_sites.fract_transf_matrix[1][2]   -0.02764447 
_atom_sites.fract_transf_matrix[1][3]   0.01931620 
_atom_sites.fract_transf_matrix[2][1]   -0.01224406 
_atom_sites.fract_transf_matrix[2][2]   -0.00056221 
_atom_sites.fract_transf_matrix[2][3]   -0.00015965 
_atom_sites.fract_transf_matrix[3][1]   0.00124246 
_atom_sites.fract_transf_matrix[3][2]   -0.02292234 
_atom_sites.fract_transf_matrix[3][3]   -0.01456743 
_atom_sites.fract_transf_vector[1]      0.326877 
_atom_sites.fract_transf_vector[2]      0.144926 
_atom_sites.fract_transf_vector[3]      0.698326 
# 
loop_
_atom_type.symbol 
C  
CA 
N  
O  
S  
# 
loop_
_atom_site.group_PDB 
_atom_site.id 
_atom_site.type_symbol 
_atom_site.label_atom_id 
_atom_site.label_alt_id 
_atom_site.label_comp_id 
_atom_site.label_asym_id 
_atom_site.label_entity_id 
_atom_site.label_seq_id 
_atom_site.pdbx_PDB_ins_code 
_atom_site.Cartn_x 
_atom_site.Cartn_y 
_atom_site.Cartn_z 
_atom_site.occupancy 
_atom_site.B_iso_or_equiv 
_atom_site.pdbx_formal_charge 
_atom_site.auth_seq_id 
_atom_site.auth_comp_id 
_atom_site.auth_asym_id 
_atom_site.auth_atom_id 
_atom_site.pdbx_PDB_model_num 
ATOM   1    N  N   . GLN A 1 7  ? 12.156  1.399   -3.225  1.00 85.27 ? 7   GLN A N   1 
ATOM   2    C  CA  . GLN A 1 7  ? 12.329  2.855   -3.171  1.00 82.78 ? 7   GLN A CA  1 
ATOM   3    C  C   . GLN A 1 7  ? 11.884  3.558   -4.465  1.00 83.17 ? 7   GLN A C   1 
ATOM   4    O  O   . GLN A 1 7  ? 11.761  4.798   -4.562  1.00 83.90 ? 7   GLN A O   1 
ATOM   5    C  CB  . GLN A 1 7  ? 13.848  3.099   -3.031  1.00 80.27 ? 7   GLN A CB  1 
ATOM   6    C  CG  . GLN A 1 7  ? 14.312  4.148   -2.004  1.00 77.88 ? 7   GLN A CG  1 
ATOM   7    C  CD  . GLN A 1 7  ? 15.668  4.788   -2.321  1.00 75.62 ? 7   GLN A CD  1 
ATOM   8    O  OE1 . GLN A 1 7  ? 16.661  4.606   -1.606  1.00 74.02 ? 7   GLN A OE1 1 
ATOM   9    N  NE2 . GLN A 1 7  ? 15.703  5.609   -3.368  1.00 75.46 ? 7   GLN A NE2 1 
ATOM   10   N  N   . ALA A 1 8  ? 11.688  2.723   -5.488  1.00 82.37 ? 8   ALA A N   1 
ATOM   11   C  CA  . ALA A 1 8  ? 11.283  3.158   -6.819  1.00 80.65 ? 8   ALA A CA  1 
ATOM   12   C  C   . ALA A 1 8  ? 9.771   3.093   -6.984  1.00 77.55 ? 8   ALA A C   1 
ATOM   13   O  O   . ALA A 1 8  ? 9.149   3.942   -7.610  1.00 75.57 ? 8   ALA A O   1 
ATOM   14   C  CB  . ALA A 1 8  ? 11.969  2.280   -7.865  1.00 80.99 ? 8   ALA A CB  1 
ATOM   15   N  N   . GLU A 1 9  ? 9.232   2.018   -6.424  1.00 77.49 ? 9   GLU A N   1 
ATOM   16   C  CA  . GLU A 1 9  ? 7.826   1.688   -6.462  1.00 77.56 ? 9   GLU A CA  1 
ATOM   17   C  C   . GLU A 1 9  ? 7.027   2.499   -5.447  1.00 73.74 ? 9   GLU A C   1 
ATOM   18   O  O   . GLU A 1 9  ? 5.804   2.644   -5.574  1.00 74.76 ? 9   GLU A O   1 
ATOM   19   C  CB  . GLU A 1 9  ? 7.594   0.162   -6.276  1.00 80.78 ? 9   GLU A CB  1 
ATOM   20   C  CG  . GLU A 1 9  ? 7.989   -0.718  -7.487  1.00 83.95 ? 9   GLU A CG  1 
ATOM   21   C  CD  . GLU A 1 9  ? 8.599   -2.052  -7.107  1.00 86.95 ? 9   GLU A CD  1 
ATOM   22   O  OE1 . GLU A 1 9  ? 7.995   -2.631  -6.086  1.00 87.84 ? 9   GLU A OE1 1 
ATOM   23   O  OE2 . GLU A 1 9  ? 9.557   -2.545  -7.698  1.00 87.97 ? 9   GLU A OE2 1 
ATOM   24   N  N   . ALA A 1 10 ? 7.712   3.007   -4.414  1.00 68.45 ? 10  ALA A N   1 
ATOM   25   C  CA  . ALA A 1 10 ? 7.049   3.792   -3.365  1.00 63.73 ? 10  ALA A CA  1 
ATOM   26   C  C   . ALA A 1 10 ? 6.628   5.173   -3.829  1.00 58.21 ? 10  ALA A C   1 
ATOM   27   O  O   . ALA A 1 10 ? 5.544   5.639   -3.499  1.00 57.09 ? 10  ALA A O   1 
ATOM   28   C  CB  . ALA A 1 10 ? 7.866   3.936   -2.088  1.00 63.60 ? 10  ALA A CB  1 
ATOM   29   N  N   . ARG A 1 11 ? 7.540   5.784   -4.572  1.00 54.47 ? 11  ARG A N   1 
ATOM   30   C  CA  . ARG A 1 11 ? 7.353   7.081   -5.153  1.00 53.70 ? 11  ARG A CA  1 
ATOM   31   C  C   . ARG A 1 11 ? 6.428   6.950   -6.355  1.00 52.98 ? 11  ARG A C   1 
ATOM   32   O  O   . ARG A 1 11 ? 5.962   7.921   -6.950  1.00 53.32 ? 11  ARG A O   1 
ATOM   33   C  CB  . ARG A 1 11 ? 8.704   7.690   -5.542  1.00 54.73 ? 11  ARG A CB  1 
ATOM   34   C  CG  . ARG A 1 11 ? 9.356   8.568   -4.460  1.00 54.40 ? 11  ARG A CG  1 
ATOM   35   C  CD  . ARG A 1 11 ? 10.184  9.716   -5.041  1.00 53.55 ? 11  ARG A CD  1 
ATOM   36   N  NE  . ARG A 1 11 ? 11.031  10.423  -4.081  1.00 52.06 ? 11  ARG A NE  1 
ATOM   37   C  CZ  . ARG A 1 11 ? 10.777  11.658  -3.663  1.00 50.42 ? 11  ARG A CZ  1 
ATOM   38   N  NH1 . ARG A 1 11 ? 9.718   12.362  -4.060  1.00 49.37 ? 11  ARG A NH1 1 
ATOM   39   N  NH2 . ARG A 1 11 ? 11.615  12.198  -2.789  1.00 50.24 ? 11  ARG A NH2 1 
ATOM   40   N  N   . ALA A 1 12 ? 6.165   5.705   -6.721  1.00 53.13 ? 12  ALA A N   1 
ATOM   41   C  CA  . ALA A 1 12 ? 5.267   5.429   -7.830  1.00 52.99 ? 12  ALA A CA  1 
ATOM   42   C  C   . ALA A 1 12 ? 3.833   5.285   -7.318  1.00 50.01 ? 12  ALA A C   1 
ATOM   43   O  O   . ALA A 1 12 ? 2.922   5.970   -7.767  1.00 50.97 ? 12  ALA A O   1 
ATOM   44   C  CB  . ALA A 1 12 ? 5.729   4.179   -8.585  1.00 53.68 ? 12  ALA A CB  1 
ATOM   45   N  N   . PHE A 1 13 ? 3.694   4.376   -6.363  1.00 47.05 ? 13  PHE A N   1 
ATOM   46   C  CA  . PHE A 1 13 ? 2.464   4.046   -5.696  1.00 44.24 ? 13  PHE A CA  1 
ATOM   47   C  C   . PHE A 1 13 ? 1.777   5.300   -5.268  1.00 38.02 ? 13  PHE A C   1 
ATOM   48   O  O   . PHE A 1 13 ? 0.608   5.507   -5.459  1.00 35.86 ? 13  PHE A O   1 
ATOM   49   C  CB  . PHE A 1 13 ? 2.776   3.327   -4.364  1.00 47.93 ? 13  PHE A CB  1 
ATOM   50   C  CG  . PHE A 1 13 ? 1.758   2.320   -3.841  1.00 52.30 ? 13  PHE A CG  1 
ATOM   51   C  CD1 . PHE A 1 13 ? 1.257   1.321   -4.680  1.00 54.93 ? 13  PHE A CD1 1 
ATOM   52   C  CD2 . PHE A 1 13 ? 1.351   2.271   -2.502  1.00 53.83 ? 13  PHE A CD2 1 
ATOM   53   C  CE1 . PHE A 1 13 ? 0.350   0.357   -4.224  1.00 55.92 ? 13  PHE A CE1 1 
ATOM   54   C  CE2 . PHE A 1 13 ? 0.447   1.321   -2.011  1.00 54.48 ? 13  PHE A CE2 1 
ATOM   55   C  CZ  . PHE A 1 13 ? -0.045  0.347   -2.883  1.00 55.38 ? 13  PHE A CZ  1 
ATOM   56   N  N   . LEU A 1 14 ? 2.523   6.116   -4.591  1.00 35.42 ? 14  LEU A N   1 
ATOM   57   C  CA  . LEU A 1 14 ? 1.916   7.254   -3.976  1.00 32.92 ? 14  LEU A CA  1 
ATOM   58   C  C   . LEU A 1 14 ? 1.573   8.509   -4.727  1.00 30.35 ? 14  LEU A C   1 
ATOM   59   O  O   . LEU A 1 14 ? 2.222   8.985   -5.618  1.00 29.67 ? 14  LEU A O   1 
ATOM   60   C  CB  . LEU A 1 14 ? 2.638   7.582   -2.673  1.00 33.50 ? 14  LEU A CB  1 
ATOM   61   C  CG  . LEU A 1 14 ? 3.109   6.344   -1.917  1.00 34.61 ? 14  LEU A CG  1 
ATOM   62   C  CD1 . LEU A 1 14 ? 4.414   6.715   -1.203  1.00 34.73 ? 14  LEU A CD1 1 
ATOM   63   C  CD2 . LEU A 1 14 ? 2.053   5.978   -0.874  1.00 34.36 ? 14  LEU A CD2 1 
ATOM   64   N  N   . SER A 1 15 ? 0.523   9.118   -4.251  1.00 30.99 ? 15  SER A N   1 
ATOM   65   C  CA  . SER A 1 15 ? 0.147   10.399  -4.774  1.00 32.10 ? 15  SER A CA  1 
ATOM   66   C  C   . SER A 1 15 ? 1.141   11.486  -4.327  1.00 34.08 ? 15  SER A C   1 
ATOM   67   O  O   . SER A 1 15 ? 1.829   11.379  -3.328  1.00 32.96 ? 15  SER A O   1 
ATOM   68   C  CB  . SER A 1 15 ? -1.237  10.719  -4.247  1.00 31.82 ? 15  SER A CB  1 
ATOM   69   O  OG  . SER A 1 15 ? -1.204  10.855  -2.835  1.00 32.98 ? 15  SER A OG  1 
ATOM   70   N  N   . GLU A 1 16 ? 1.214   12.568  -5.064  1.00 37.51 ? 16  GLU A N   1 
ATOM   71   C  CA  . GLU A 1 16 ? 2.067   13.679  -4.709  1.00 41.92 ? 16  GLU A CA  1 
ATOM   72   C  C   . GLU A 1 16 ? 1.619   14.276  -3.358  1.00 39.05 ? 16  GLU A C   1 
ATOM   73   O  O   . GLU A 1 16 ? 2.394   14.720  -2.529  1.00 36.42 ? 16  GLU A O   1 
ATOM   74   C  CB  . GLU A 1 16 ? 1.970   14.667  -5.886  1.00 48.88 ? 16  GLU A CB  1 
ATOM   75   C  CG  . GLU A 1 16 ? 3.311   14.894  -6.614  1.00 57.48 ? 16  GLU A CG  1 
ATOM   76   C  CD  . GLU A 1 16 ? 3.688   14.020  -7.805  1.00 63.56 ? 16  GLU A CD  1 
ATOM   77   O  OE1 . GLU A 1 16 ? 4.080   12.854  -7.671  1.00 64.92 ? 16  GLU A OE1 1 
ATOM   78   O  OE2 . GLU A 1 16 ? 3.767   14.721  -8.945  1.00 65.28 ? 16  GLU A OE2 1 
ATOM   79   N  N   . GLU A 1 17 ? 0.338   14.211  -3.085  1.00 40.80 ? 17  GLU A N   1 
ATOM   80   C  CA  . GLU A 1 17 ? -0.232  14.686  -1.840  1.00 45.00 ? 17  GLU A CA  1 
ATOM   81   C  C   . GLU A 1 17 ? 0.318   13.920  -0.636  1.00 44.62 ? 17  GLU A C   1 
ATOM   82   O  O   . GLU A 1 17 ? 0.759   14.524  0.356   1.00 44.78 ? 17  GLU A O   1 
ATOM   83   C  CB  . GLU A 1 17 ? -1.764  14.530  -1.853  1.00 50.78 ? 17  GLU A CB  1 
ATOM   84   C  CG  . GLU A 1 17 ? -2.556  15.578  -2.666  1.00 56.97 ? 17  GLU A CG  1 
ATOM   85   C  CD  . GLU A 1 17 ? -2.673  15.311  -4.155  1.00 62.41 ? 17  GLU A CD  1 
ATOM   86   O  OE1 . GLU A 1 17 ? -2.702  14.179  -4.656  1.00 63.16 ? 17  GLU A OE1 1 
ATOM   87   O  OE2 . GLU A 1 17 ? -2.752  16.444  -4.859  1.00 64.82 ? 17  GLU A OE2 1 
ATOM   88   N  N   . MET A 1 18 ? 0.225   12.583  -0.726  1.00 43.09 ? 18  MET A N   1 
ATOM   89   C  CA  . MET A 1 18 ? 0.744   11.676  0.283   1.00 42.60 ? 18  MET A CA  1 
ATOM   90   C  C   . MET A 1 18 ? 2.243   11.934  0.494   1.00 37.38 ? 18  MET A C   1 
ATOM   91   O  O   . MET A 1 18 ? 2.700   12.015  1.620   1.00 35.16 ? 18  MET A O   1 
ATOM   92   C  CB  . MET A 1 18 ? 0.543   10.217  -0.179  1.00 48.45 ? 18  MET A CB  1 
ATOM   93   C  CG  . MET A 1 18 ? 0.074   9.265   0.909   1.00 53.80 ? 18  MET A CG  1 
ATOM   94   S  SD  . MET A 1 18 ? -1.251  9.972   1.918   1.00 58.95 ? 18  MET A SD  1 
ATOM   95   C  CE  . MET A 1 18 ? -0.683  9.591   3.600   1.00 59.82 ? 18  MET A CE  1 
ATOM   96   N  N   . ILE A 1 19 ? 3.022   12.032  -0.600  1.00 34.87 ? 19  ILE A N   1 
ATOM   97   C  CA  . ILE A 1 19 ? 4.457   12.286  -0.531  1.00 34.56 ? 19  ILE A CA  1 
ATOM   98   C  C   . ILE A 1 19 ? 4.732   13.540  0.307   1.00 33.82 ? 19  ILE A C   1 
ATOM   99   O  O   . ILE A 1 19 ? 5.553   13.533  1.219   1.00 31.94 ? 19  ILE A O   1 
ATOM   100  C  CB  . ILE A 1 19 ? 5.092   12.382  -1.927  1.00 34.38 ? 19  ILE A CB  1 
ATOM   101  C  CG1 . ILE A 1 19 ? 4.790   11.096  -2.691  1.00 34.62 ? 19  ILE A CG1 1 
ATOM   102  C  CG2 . ILE A 1 19 ? 6.611   12.624  -1.910  1.00 33.67 ? 19  ILE A CG2 1 
ATOM   103  C  CD1 . ILE A 1 19 ? 5.638   10.971  -3.952  1.00 35.12 ? 19  ILE A CD1 1 
ATOM   104  N  N   . ALA A 1 20 ? 3.948   14.580  0.030   1.00 33.16 ? 20  ALA A N   1 
ATOM   105  C  CA  . ALA A 1 20 ? 4.044   15.832  0.745   1.00 33.20 ? 20  ALA A CA  1 
ATOM   106  C  C   . ALA A 1 20 ? 3.726   15.689  2.211   1.00 31.41 ? 20  ALA A C   1 
ATOM   107  O  O   . ALA A 1 20 ? 4.289   16.334  3.087   1.00 32.25 ? 20  ALA A O   1 
ATOM   108  C  CB  . ALA A 1 20 ? 3.043   16.806  0.147   1.00 33.44 ? 20  ALA A CB  1 
ATOM   109  N  N   . GLU A 1 21 ? 2.750   14.908  2.516   1.00 31.12 ? 21  GLU A N   1 
ATOM   110  C  CA  . GLU A 1 21 ? 2.521   14.903  3.912   1.00 35.40 ? 21  GLU A CA  1 
ATOM   111  C  C   . GLU A 1 21 ? 3.567   14.083  4.637   1.00 33.80 ? 21  GLU A C   1 
ATOM   112  O  O   . GLU A 1 21 ? 3.905   14.304  5.808   1.00 32.71 ? 21  GLU A O   1 
ATOM   113  C  CB  . GLU A 1 21 ? 1.040   14.732  4.298   1.00 44.32 ? 21  GLU A CB  1 
ATOM   114  C  CG  . GLU A 1 21 ? 0.153   15.998  3.996   1.00 53.28 ? 21  GLU A CG  1 
ATOM   115  C  CD  . GLU A 1 21 ? 0.601   17.410  4.446   1.00 60.64 ? 21  GLU A CD  1 
ATOM   116  O  OE1 . GLU A 1 21 ? 1.503   18.018  3.677   1.00 63.23 ? 21  GLU A OE1 1 
ATOM   117  O  OE2 . GLU A 1 21 ? 0.095   17.998  5.400   1.00 62.79 ? 21  GLU A OE2 1 
ATOM   118  N  N   . PHE A 1 22 ? 4.135   13.135  3.896   1.00 32.83 ? 22  PHE A N   1 
ATOM   119  C  CA  . PHE A 1 22 ? 5.182   12.283  4.429   1.00 31.48 ? 22  PHE A CA  1 
ATOM   120  C  C   . PHE A 1 22 ? 6.476   13.079  4.616   1.00 29.84 ? 22  PHE A C   1 
ATOM   121  O  O   . PHE A 1 22 ? 7.161   12.907  5.609   1.00 29.39 ? 22  PHE A O   1 
ATOM   122  C  CB  . PHE A 1 22 ? 5.405   10.990  3.628   1.00 31.80 ? 22  PHE A CB  1 
ATOM   123  C  CG  . PHE A 1 22 ? 4.334   9.952   3.904   1.00 34.08 ? 22  PHE A CG  1 
ATOM   124  C  CD1 . PHE A 1 22 ? 3.670   9.908   5.130   1.00 34.43 ? 22  PHE A CD1 1 
ATOM   125  C  CD2 . PHE A 1 22 ? 3.988   9.009   2.932   1.00 35.84 ? 22  PHE A CD2 1 
ATOM   126  C  CE1 . PHE A 1 22 ? 2.656   8.979   5.379   1.00 35.35 ? 22  PHE A CE1 1 
ATOM   127  C  CE2 . PHE A 1 22 ? 2.996   8.054   3.161   1.00 35.51 ? 22  PHE A CE2 1 
ATOM   128  C  CZ  . PHE A 1 22 ? 2.325   8.057   4.384   1.00 35.73 ? 22  PHE A CZ  1 
ATOM   129  N  N   . LYS A 1 23 ? 6.819   13.967  3.699   1.00 28.59 ? 23  LYS A N   1 
ATOM   130  C  CA  . LYS A 1 23 ? 8.027   14.803  3.806   1.00 31.71 ? 23  LYS A CA  1 
ATOM   131  C  C   . LYS A 1 23 ? 7.966   15.705  5.089   1.00 31.11 ? 23  LYS A C   1 
ATOM   132  O  O   . LYS A 1 23 ? 8.915   15.839  5.900   1.00 29.74 ? 23  LYS A O   1 
ATOM   133  C  CB  . LYS A 1 23 ? 8.210   15.579  2.475   1.00 33.46 ? 23  LYS A CB  1 
ATOM   134  C  CG  . LYS A 1 23 ? 9.559   16.209  2.148   1.00 36.83 ? 23  LYS A CG  1 
ATOM   135  C  CD  . LYS A 1 23 ? 10.776  15.275  2.191   1.00 39.64 ? 23  LYS A CD  1 
ATOM   136  C  CE  . LYS A 1 23 ? 12.130  16.000  2.187   1.00 40.95 ? 23  LYS A CE  1 
ATOM   137  N  NZ  . LYS A 1 23 ? 13.271  15.114  2.448   1.00 40.98 ? 23  LYS A NZ  1 
ATOM   138  N  N   . ALA A 1 24 ? 6.782   16.280  5.300   1.00 31.93 ? 24  ALA A N   1 
ATOM   139  C  CA  . ALA A 1 24 ? 6.506   17.119  6.448   1.00 31.92 ? 24  ALA A CA  1 
ATOM   140  C  C   . ALA A 1 24 ? 6.856   16.377  7.711   1.00 33.07 ? 24  ALA A C   1 
ATOM   141  O  O   . ALA A 1 24 ? 7.734   16.850  8.440   1.00 36.06 ? 24  ALA A O   1 
ATOM   142  C  CB  . ALA A 1 24 ? 5.065   17.565  6.489   1.00 31.91 ? 24  ALA A CB  1 
ATOM   143  N  N   . ALA A 1 25 ? 6.225   15.210  7.897   1.00 31.48 ? 25  ALA A N   1 
ATOM   144  C  CA  . ALA A 1 25 ? 6.498   14.316  9.024   1.00 31.56 ? 25  ALA A CA  1 
ATOM   145  C  C   . ALA A 1 25 ? 8.030   13.998  9.200   1.00 30.87 ? 25  ALA A C   1 
ATOM   146  O  O   . ALA A 1 25 ? 8.630   14.202  10.285  1.00 30.76 ? 25  ALA A O   1 
ATOM   147  C  CB  . ALA A 1 25 ? 5.659   13.042  8.848   1.00 31.26 ? 25  ALA A CB  1 
ATOM   148  N  N   . PHE A 1 26 ? 8.660   13.525  8.090   1.00 27.15 ? 26  PHE A N   1 
ATOM   149  C  CA  . PHE A 1 26 ? 10.045  13.179  8.049   1.00 23.74 ? 26  PHE A CA  1 
ATOM   150  C  C   . PHE A 1 26 ? 10.768  14.409  8.533   1.00 26.55 ? 26  PHE A C   1 
ATOM   151  O  O   . PHE A 1 26 ? 11.566  14.322  9.485   1.00 26.49 ? 26  PHE A O   1 
ATOM   152  C  CB  . PHE A 1 26 ? 10.472  12.935  6.609   1.00 19.15 ? 26  PHE A CB  1 
ATOM   153  C  CG  . PHE A 1 26 ? 11.922  12.609  6.540   1.00 18.35 ? 26  PHE A CG  1 
ATOM   154  C  CD1 . PHE A 1 26 ? 12.371  11.338  6.879   1.00 16.46 ? 26  PHE A CD1 1 
ATOM   155  C  CD2 . PHE A 1 26 ? 12.844  13.543  6.078   1.00 19.94 ? 26  PHE A CD2 1 
ATOM   156  C  CE1 . PHE A 1 26 ? 13.724  11.018  6.860   1.00 16.44 ? 26  PHE A CE1 1 
ATOM   157  C  CE2 . PHE A 1 26 ? 14.205  13.232  6.034   1.00 21.15 ? 26  PHE A CE2 1 
ATOM   158  C  CZ  . PHE A 1 26 ? 14.646  11.964  6.419   1.00 19.88 ? 26  PHE A CZ  1 
ATOM   159  N  N   . ASP A 1 27 ? 10.433  15.525  7.876   1.00 27.53 ? 27  ASP A N   1 
ATOM   160  C  CA  . ASP A 1 27 ? 11.044  16.751  8.303   1.00 32.14 ? 27  ASP A CA  1 
ATOM   161  C  C   . ASP A 1 27 ? 10.795  16.997  9.782   1.00 34.98 ? 27  ASP A C   1 
ATOM   162  O  O   . ASP A 1 27 ? 11.631  17.523  10.473  1.00 37.24 ? 27  ASP A O   1 
ATOM   163  C  CB  . ASP A 1 27 ? 10.893  17.961  7.361   1.00 34.60 ? 27  ASP A CB  1 
ATOM   164  C  CG  . ASP A 1 27 ? 11.695  17.879  6.069   1.00 37.23 ? 27  ASP A CG  1 
ATOM   165  O  OD1 . ASP A 1 27 ? 12.613  17.117  5.849   1.00 37.84 ? 27  ASP A OD1 1 
ATOM   166  O  OD2 . ASP A 1 27 ? 11.335  18.749  5.157   1.00 38.83 ? 27  ASP A OD2 1 
ATOM   167  N  N   . MET A 1 28 ? 9.740   16.514  10.381  1.00 35.78 ? 28  MET A N   1 
ATOM   168  C  CA  . MET A 1 28 ? 9.641   16.765  11.791  1.00 37.61 ? 28  MET A CA  1 
ATOM   169  C  C   . MET A 1 28 ? 10.586  15.892  12.552  1.00 33.50 ? 28  MET A C   1 
ATOM   170  O  O   . MET A 1 28 ? 11.124  16.271  13.581  1.00 34.70 ? 28  MET A O   1 
ATOM   171  C  CB  . MET A 1 28 ? 8.267   16.394  12.333  1.00 46.02 ? 28  MET A CB  1 
ATOM   172  C  CG  . MET A 1 28 ? 7.485   17.643  12.708  1.00 55.24 ? 28  MET A CG  1 
ATOM   173  S  SD  . MET A 1 28 ? 5.670   17.435  12.820  1.00 62.16 ? 28  MET A SD  1 
ATOM   174  C  CE  . MET A 1 28 ? 5.135   18.789  11.728  1.00 62.93 ? 28  MET A CE  1 
ATOM   175  N  N   . PHE A 1 29 ? 10.737  14.672  12.110  1.00 27.27 ? 29  PHE A N   1 
ATOM   176  C  CA  . PHE A 1 29 ? 11.617  13.794  12.840  1.00 25.35 ? 29  PHE A CA  1 
ATOM   177  C  C   . PHE A 1 29 ? 13.092  14.172  12.725  1.00 22.45 ? 29  PHE A C   1 
ATOM   178  O  O   . PHE A 1 29 ? 13.888  13.939  13.638  1.00 23.15 ? 29  PHE A O   1 
ATOM   179  C  CB  . PHE A 1 29 ? 11.536  12.343  12.303  1.00 28.17 ? 29  PHE A CB  1 
ATOM   180  C  CG  . PHE A 1 29 ? 10.432  11.448  12.805  1.00 29.41 ? 29  PHE A CG  1 
ATOM   181  C  CD1 . PHE A 1 29 ? 9.167   11.503  12.226  1.00 31.07 ? 29  PHE A CD1 1 
ATOM   182  C  CD2 . PHE A 1 29 ? 10.701  10.489  13.782  1.00 30.84 ? 29  PHE A CD2 1 
ATOM   183  C  CE1 . PHE A 1 29 ? 8.166   10.631  12.658  1.00 33.93 ? 29  PHE A CE1 1 
ATOM   184  C  CE2 . PHE A 1 29 ? 9.706   9.622   14.237  1.00 33.51 ? 29  PHE A CE2 1 
ATOM   185  C  CZ  . PHE A 1 29 ? 8.441   9.685   13.648  1.00 34.73 ? 29  PHE A CZ  1 
ATOM   186  N  N   . ASP A 1 30 ? 13.515  14.661  11.570  1.00 18.83 ? 30  ASP A N   1 
ATOM   187  C  CA  . ASP A 1 30 ? 14.896  14.975  11.295  1.00 19.26 ? 30  ASP A CA  1 
ATOM   188  C  C   . ASP A 1 30 ? 15.288  16.341  11.867  1.00 22.44 ? 30  ASP A C   1 
ATOM   189  O  O   . ASP A 1 30 ? 15.545  17.283  11.110  1.00 22.31 ? 30  ASP A O   1 
ATOM   190  C  CB  . ASP A 1 30 ? 15.156  14.899  9.784   1.00 16.88 ? 30  ASP A CB  1 
ATOM   191  C  CG  . ASP A 1 30 ? 16.516  15.256  9.350   1.00 16.71 ? 30  ASP A CG  1 
ATOM   192  O  OD1 . ASP A 1 30 ? 17.474  14.974  10.188  1.00 18.32 ? 30  ASP A OD1 1 
ATOM   193  O  OD2 . ASP A 1 30 ? 16.727  15.713  8.259   1.00 19.74 ? 30  ASP A OD2 1 
ATOM   194  N  N   . ALA A 1 31 ? 15.352  16.367  13.215  1.00 23.12 ? 31  ALA A N   1 
ATOM   195  C  CA  . ALA A 1 31 ? 15.640  17.553  13.993  1.00 21.76 ? 31  ALA A CA  1 
ATOM   196  C  C   . ALA A 1 31 ? 16.869  18.304  13.509  1.00 23.15 ? 31  ALA A C   1 
ATOM   197  O  O   . ALA A 1 31 ? 16.844  19.504  13.357  1.00 27.92 ? 31  ALA A O   1 
ATOM   198  C  CB  . ALA A 1 31 ? 15.632  17.209  15.477  1.00 21.99 ? 31  ALA A CB  1 
ATOM   199  N  N   . ASP A 1 32 ? 17.992  17.701  13.205  1.00 19.86 ? 32  ASP A N   1 
ATOM   200  C  CA  . ASP A 1 32 ? 19.102  18.474  12.750  1.00 18.58 ? 32  ASP A CA  1 
ATOM   201  C  C   . ASP A 1 32 ? 19.114  18.823  11.276  1.00 20.12 ? 32  ASP A C   1 
ATOM   202  O  O   . ASP A 1 32 ? 20.072  19.419  10.792  1.00 21.48 ? 32  ASP A O   1 
ATOM   203  C  CB  . ASP A 1 32 ? 20.386  17.792  13.149  1.00 20.00 ? 32  ASP A CB  1 
ATOM   204  C  CG  . ASP A 1 32 ? 20.629  16.495  12.406  1.00 20.35 ? 32  ASP A CG  1 
ATOM   205  O  OD1 . ASP A 1 32 ? 19.879  16.096  11.563  1.00 17.40 ? 32  ASP A OD1 1 
ATOM   206  O  OD2 . ASP A 1 32 ? 21.806  15.994  12.667  1.00 22.99 ? 32  ASP A OD2 1 
ATOM   207  N  N   . GLY A 1 33 ? 18.083  18.412  10.533  1.00 21.98 ? 33  GLY A N   1 
ATOM   208  C  CA  . GLY A 1 33 ? 17.991  18.722  9.105   1.00 20.83 ? 33  GLY A CA  1 
ATOM   209  C  C   . GLY A 1 33 ? 19.096  18.108  8.268   1.00 21.79 ? 33  GLY A C   1 
ATOM   210  O  O   . GLY A 1 33 ? 19.384  18.544  7.162   1.00 22.97 ? 33  GLY A O   1 
ATOM   211  N  N   . GLY A 1 34 ? 19.742  17.071  8.763   1.00 19.64 ? 34  GLY A N   1 
ATOM   212  C  CA  . GLY A 1 34 ? 20.816  16.506  8.006   1.00 20.08 ? 34  GLY A CA  1 
ATOM   213  C  C   . GLY A 1 34 ? 20.332  15.505  6.934   1.00 22.65 ? 34  GLY A C   1 
ATOM   214  O  O   . GLY A 1 34 ? 21.169  14.967  6.210   1.00 24.73 ? 34  GLY A O   1 
ATOM   215  N  N   . GLY A 1 35 ? 19.038  15.198  6.782   1.00 20.69 ? 35  GLY A N   1 
ATOM   216  C  CA  . GLY A 1 35 ? 18.735  14.250  5.713   1.00 21.60 ? 35  GLY A CA  1 
ATOM   217  C  C   . GLY A 1 35 ? 18.438  12.817  6.145   1.00 22.67 ? 35  GLY A C   1 
ATOM   218  O  O   . GLY A 1 35 ? 17.914  12.043  5.329   1.00 23.76 ? 35  GLY A O   1 
ATOM   219  N  N   . ASP A 1 36 ? 18.760  12.433  7.392   1.00 19.49 ? 36  ASP A N   1 
ATOM   220  C  CA  . ASP A 1 36 ? 18.390  11.089  7.874   1.00 19.08 ? 36  ASP A CA  1 
ATOM   221  C  C   . ASP A 1 36 ? 18.004  11.100  9.366   1.00 20.11 ? 36  ASP A C   1 
ATOM   222  O  O   . ASP A 1 36 ? 18.347  12.056  10.095  1.00 18.51 ? 36  ASP A O   1 
ATOM   223  C  CB  . ASP A 1 36 ? 19.404  9.982   7.545   1.00 17.90 ? 36  ASP A CB  1 
ATOM   224  C  CG  . ASP A 1 36 ? 20.745  10.284  8.088   1.00 22.83 ? 36  ASP A CG  1 
ATOM   225  O  OD1 . ASP A 1 36 ? 20.959  11.254  8.815   1.00 25.61 ? 36  ASP A OD1 1 
ATOM   226  O  OD2 . ASP A 1 36 ? 21.672  9.439   7.709   1.00 22.65 ? 36  ASP A OD2 1 
ATOM   227  N  N   . ILE A 1 37 ? 17.229  10.114  9.811   1.00 15.96 ? 37  ILE A N   1 
ATOM   228  C  CA  . ILE A 1 37 ? 16.809  9.969   11.201  1.00 16.70 ? 37  ILE A CA  1 
ATOM   229  C  C   . ILE A 1 37 ? 17.711  8.989   11.977  1.00 18.82 ? 37  ILE A C   1 
ATOM   230  O  O   . ILE A 1 37 ? 17.929  7.827   11.550  1.00 18.91 ? 37  ILE A O   1 
ATOM   231  C  CB  . ILE A 1 37 ? 15.392  9.494   11.223  1.00 16.11 ? 37  ILE A CB  1 
ATOM   232  C  CG1 . ILE A 1 37 ? 14.568  10.448  10.354  1.00 18.00 ? 37  ILE A CG1 1 
ATOM   233  C  CG2 . ILE A 1 37 ? 14.910  9.380   12.672  1.00 15.89 ? 37  ILE A CG2 1 
ATOM   234  C  CD1 . ILE A 1 37 ? 13.120  10.004  10.279  1.00 19.71 ? 37  ILE A CD1 1 
ATOM   235  N  N   . SER A 1 38 ? 18.300  9.481   13.088  1.00 15.69 ? 38  SER A N   1 
ATOM   236  C  CA  . SER A 1 38 ? 19.189  8.704   13.900  1.00 14.74 ? 38  SER A CA  1 
ATOM   237  C  C   . SER A 1 38 ? 18.416  8.122   15.069  1.00 16.21 ? 38  SER A C   1 
ATOM   238  O  O   . SER A 1 38 ? 17.249  8.469   15.292  1.00 17.87 ? 38  SER A O   1 
ATOM   239  C  CB  . SER A 1 38 ? 20.221  9.620   14.494  1.00 17.05 ? 38  SER A CB  1 
ATOM   240  O  OG  . SER A 1 38 ? 19.499  10.523  15.340  1.00 17.39 ? 38  SER A OG  1 
ATOM   241  N  N   . THR A 1 39 ? 19.014  7.205   15.861  1.00 16.56 ? 39  THR A N   1 
ATOM   242  C  CA  . THR A 1 39 ? 18.244  6.672   16.993  1.00 15.76 ? 39  THR A CA  1 
ATOM   243  C  C   . THR A 1 39 ? 17.876  7.793   17.978  1.00 15.70 ? 39  THR A C   1 
ATOM   244  O  O   . THR A 1 39 ? 16.826  7.793   18.631  1.00 16.77 ? 39  THR A O   1 
ATOM   245  C  CB  . THR A 1 39 ? 18.983  5.556   17.741  1.00 16.22 ? 39  THR A CB  1 
ATOM   246  O  OG1 . THR A 1 39 ? 20.280  6.011   18.044  1.00 16.45 ? 39  THR A OG1 1 
ATOM   247  C  CG2 . THR A 1 39 ? 19.077  4.301   16.844  1.00 17.63 ? 39  THR A CG2 1 
ATOM   248  N  N   . LYS A 1 40 ? 18.783  8.741   18.099  1.00 18.25 ? 40  LYS A N   1 
ATOM   249  C  CA  . LYS A 1 40 ? 18.488  9.847   18.998  1.00 20.19 ? 40  LYS A CA  1 
ATOM   250  C  C   . LYS A 1 40 ? 17.205  10.552  18.582  1.00 19.25 ? 40  LYS A C   1 
ATOM   251  O  O   . LYS A 1 40 ? 16.293  10.804  19.376  1.00 19.90 ? 40  LYS A O   1 
ATOM   252  C  CB  . LYS A 1 40 ? 19.651  10.803  19.086  1.00 24.14 ? 40  LYS A CB  1 
ATOM   253  C  CG  . LYS A 1 40 ? 19.199  11.980  19.953  1.00 30.02 ? 40  LYS A CG  1 
ATOM   254  C  CD  . LYS A 1 40 ? 20.236  13.078  20.014  1.00 35.14 ? 40  LYS A CD  1 
ATOM   255  C  CE  . LYS A 1 40 ? 20.123  14.004  18.812  1.00 41.33 ? 40  LYS A CE  1 
ATOM   256  N  NZ  . LYS A 1 40 ? 18.844  14.761  18.740  1.00 45.22 ? 40  LYS A NZ  1 
ATOM   257  N  N   . GLU A 1 41 ? 17.087  10.841  17.282  1.00 17.66 ? 41  GLU A N   1 
ATOM   258  C  CA  . GLU A 1 41 ? 15.905  11.503  16.778  1.00 17.88 ? 41  GLU A CA  1 
ATOM   259  C  C   . GLU A 1 41 ? 14.629  10.714  16.945  1.00 19.40 ? 41  GLU A C   1 
ATOM   260  O  O   . GLU A 1 41 ? 13.570  11.233  17.297  1.00 19.58 ? 41  GLU A O   1 
ATOM   261  C  CB  . GLU A 1 41 ? 16.093  12.023  15.334  1.00 16.64 ? 41  GLU A CB  1 
ATOM   262  C  CG  . GLU A 1 41 ? 17.281  12.986  15.333  1.00 19.06 ? 41  GLU A CG  1 
ATOM   263  C  CD  . GLU A 1 41 ? 17.702  13.464  13.975  1.00 24.04 ? 41  GLU A CD  1 
ATOM   264  O  OE1 . GLU A 1 41 ? 17.592  12.554  13.047  1.00 22.41 ? 41  GLU A OE1 1 
ATOM   265  O  OE2 . GLU A 1 41 ? 18.149  14.593  13.774  1.00 24.39 ? 41  GLU A OE2 1 
ATOM   266  N  N   . LEU A 1 42 ? 14.748  9.432   16.640  1.00 19.83 ? 42  LEU A N   1 
ATOM   267  C  CA  . LEU A 1 42 ? 13.649  8.525   16.740  1.00 20.67 ? 42  LEU A CA  1 
ATOM   268  C  C   . LEU A 1 42 ? 13.223  8.454   18.189  1.00 20.86 ? 42  LEU A C   1 
ATOM   269  O  O   . LEU A 1 42 ? 12.034  8.495   18.505  1.00 23.46 ? 42  LEU A O   1 
ATOM   270  C  CB  . LEU A 1 42 ? 14.126  7.112   16.290  1.00 22.03 ? 42  LEU A CB  1 
ATOM   271  C  CG  . LEU A 1 42 ? 13.010  6.085   16.128  1.00 26.42 ? 42  LEU A CG  1 
ATOM   272  C  CD1 . LEU A 1 42 ? 11.828  6.655   15.335  1.00 28.88 ? 42  LEU A CD1 1 
ATOM   273  C  CD2 . LEU A 1 42 ? 13.530  4.781   15.500  1.00 25.90 ? 42  LEU A CD2 1 
ATOM   274  N  N   . GLY A 1 43 ? 14.184  8.289   19.081  1.00 21.48 ? 43  GLY A N   1 
ATOM   275  C  CA  . GLY A 1 43 ? 13.842  8.123   20.498  1.00 22.01 ? 43  GLY A CA  1 
ATOM   276  C  C   . GLY A 1 43 ? 13.152  9.335   21.105  1.00 22.71 ? 43  GLY A C   1 
ATOM   277  O  O   . GLY A 1 43 ? 12.271  9.212   21.963  1.00 23.66 ? 43  GLY A O   1 
ATOM   278  N  N   . THR A 1 44 ? 13.575  10.490  20.623  1.00 21.76 ? 44  THR A N   1 
ATOM   279  C  CA  . THR A 1 44 ? 13.055  11.772  21.066  1.00 23.90 ? 44  THR A CA  1 
ATOM   280  C  C   . THR A 1 44 ? 11.597  11.909  20.737  1.00 28.56 ? 44  THR A C   1 
ATOM   281  O  O   . THR A 1 44 ? 10.763  12.108  21.609  1.00 29.75 ? 44  THR A O   1 
ATOM   282  C  CB  . THR A 1 44 ? 13.899  12.890  20.467  1.00 24.35 ? 44  THR A CB  1 
ATOM   283  O  OG1 . THR A 1 44 ? 15.197  12.908  21.060  1.00 18.51 ? 44  THR A OG1 1 
ATOM   284  C  CG2 . THR A 1 44 ? 13.153  14.103  20.893  1.00 31.21 ? 44  THR A CG2 1 
ATOM   285  N  N   . VAL A 1 45 ? 11.215  11.700  19.478  1.00 30.84 ? 45  VAL A N   1 
ATOM   286  C  CA  . VAL A 1 45 ? 9.817   11.698  19.131  1.00 31.68 ? 45  VAL A CA  1 
ATOM   287  C  C   . VAL A 1 45 ? 9.013   10.588  19.796  1.00 33.35 ? 45  VAL A C   1 
ATOM   288  O  O   . VAL A 1 45 ? 7.872   10.815  20.162  1.00 34.15 ? 45  VAL A O   1 
ATOM   289  C  CB  . VAL A 1 45 ? 9.578   11.635  17.644  1.00 32.01 ? 45  VAL A CB  1 
ATOM   290  C  CG1 . VAL A 1 45 ? 8.082   11.504  17.447  1.00 31.90 ? 45  VAL A CG1 1 
ATOM   291  C  CG2 . VAL A 1 45 ? 10.101  12.910  17.000  1.00 31.72 ? 45  VAL A CG2 1 
ATOM   292  N  N   . MET A 1 46 ? 9.546   9.384   19.958  1.00 35.24 ? 46  MET A N   1 
ATOM   293  C  CA  . MET A 1 46 ? 8.775   8.312   20.579  1.00 37.79 ? 46  MET A CA  1 
ATOM   294  C  C   . MET A 1 46 ? 8.384   8.671   22.002  1.00 40.17 ? 46  MET A C   1 
ATOM   295  O  O   . MET A 1 46 ? 7.298   8.380   22.530  1.00 38.97 ? 46  MET A O   1 
ATOM   296  C  CB  . MET A 1 46 ? 9.493   6.966   20.520  1.00 37.89 ? 46  MET A CB  1 
ATOM   297  C  CG  . MET A 1 46 ? 9.452   6.431   19.108  1.00 40.75 ? 46  MET A CG  1 
ATOM   298  S  SD  . MET A 1 46 ? 10.291  4.846   19.096  1.00 44.78 ? 46  MET A SD  1 
ATOM   299  C  CE  . MET A 1 46 ? 10.724  4.601   17.366  1.00 46.37 ? 46  MET A CE  1 
ATOM   300  N  N   . ARG A 1 47 ? 9.329   9.346   22.612  1.00 42.59 ? 47  ARG A N   1 
ATOM   301  C  CA  . ARG A 1 47 ? 9.099   9.811   23.941  1.00 46.10 ? 47  ARG A CA  1 
ATOM   302  C  C   . ARG A 1 47 ? 7.973   10.833  23.941  1.00 48.73 ? 47  ARG A C   1 
ATOM   303  O  O   . ARG A 1 47 ? 7.114   10.835  24.817  1.00 49.29 ? 47  ARG A O   1 
ATOM   304  C  CB  . ARG A 1 47 ? 10.394  10.172  24.651  1.00 46.55 ? 47  ARG A CB  1 
ATOM   305  C  CG  . ARG A 1 47 ? 11.039  8.831   24.960  1.00 47.62 ? 47  ARG A CG  1 
ATOM   306  C  CD  . ARG A 1 47 ? 12.271  8.874   25.834  1.00 49.92 ? 47  ARG A CD  1 
ATOM   307  N  NE  . ARG A 1 47 ? 13.393  8.176   25.202  1.00 52.90 ? 47  ARG A NE  1 
ATOM   308  C  CZ  . ARG A 1 47 ? 14.016  7.130   25.730  1.00 55.23 ? 47  ARG A CZ  1 
ATOM   309  N  NH1 . ARG A 1 47 ? 13.619  6.626   26.904  1.00 56.00 ? 47  ARG A NH1 1 
ATOM   310  N  NH2 . ARG A 1 47 ? 15.039  6.579   25.063  1.00 56.24 ? 47  ARG A NH2 1 
ATOM   311  N  N   . MET A 1 48 ? 7.920   11.647  22.907  1.00 50.33 ? 48  MET A N   1 
ATOM   312  C  CA  . MET A 1 48 ? 6.855   12.593  22.863  1.00 52.98 ? 48  MET A CA  1 
ATOM   313  C  C   . MET A 1 48 ? 5.579   11.832  22.739  1.00 52.88 ? 48  MET A C   1 
ATOM   314  O  O   . MET A 1 48 ? 4.520   12.288  23.089  1.00 55.18 ? 48  MET A O   1 
ATOM   315  C  CB  . MET A 1 48 ? 7.005   13.494  21.651  1.00 57.16 ? 48  MET A CB  1 
ATOM   316  C  CG  . MET A 1 48 ? 8.381   14.101  21.594  1.00 62.45 ? 48  MET A CG  1 
ATOM   317  S  SD  . MET A 1 48 ? 8.413   15.748  22.334  1.00 68.13 ? 48  MET A SD  1 
ATOM   318  C  CE  . MET A 1 48 ? 7.134   16.556  21.331  1.00 69.11 ? 48  MET A CE  1 
ATOM   319  N  N   . LEU A 1 49 ? 5.664   10.621  22.299  1.00 51.99 ? 49  LEU A N   1 
ATOM   320  C  CA  . LEU A 1 49 ? 4.408   9.938   22.145  1.00 52.98 ? 49  LEU A CA  1 
ATOM   321  C  C   . LEU A 1 49 ? 4.125   9.014   23.276  1.00 53.77 ? 49  LEU A C   1 
ATOM   322  O  O   . LEU A 1 49 ? 3.454   7.993   23.110  1.00 54.40 ? 49  LEU A O   1 
ATOM   323  C  CB  . LEU A 1 49 ? 4.277   9.160   20.820  1.00 53.38 ? 49  LEU A CB  1 
ATOM   324  C  CG  . LEU A 1 49 ? 4.337   10.086  19.619  1.00 53.30 ? 49  LEU A CG  1 
ATOM   325  C  CD1 . LEU A 1 49 ? 4.083   9.285   18.346  1.00 53.46 ? 49  LEU A CD1 1 
ATOM   326  C  CD2 . LEU A 1 49 ? 3.335   11.217  19.823  1.00 53.49 ? 49  LEU A CD2 1 
ATOM   327  N  N   . GLY A 1 50 ? 4.664   9.387   24.409  1.00 54.67 ? 50  GLY A N   1 
ATOM   328  C  CA  . GLY A 1 50 ? 4.452   8.563   25.574  1.00 56.46 ? 50  GLY A CA  1 
ATOM   329  C  C   . GLY A 1 50 ? 5.438   7.410   25.717  1.00 58.79 ? 50  GLY A C   1 
ATOM   330  O  O   . GLY A 1 50 ? 5.797   7.059   26.841  1.00 60.69 ? 50  GLY A O   1 
ATOM   331  N  N   . GLN A 1 51 ? 5.893   6.784   24.618  1.00 57.47 ? 51  GLN A N   1 
ATOM   332  C  CA  . GLN A 1 51 ? 6.808   5.680   24.835  1.00 56.04 ? 51  GLN A CA  1 
ATOM   333  C  C   . GLN A 1 51 ? 8.186   5.961   25.399  1.00 53.93 ? 51  GLN A C   1 
ATOM   334  O  O   . GLN A 1 51 ? 8.686   7.088   25.376  1.00 54.07 ? 51  GLN A O   1 
ATOM   335  C  CB  . GLN A 1 51 ? 6.763   4.519   23.848  1.00 57.04 ? 51  GLN A CB  1 
ATOM   336  C  CG  . GLN A 1 51 ? 5.388   4.435   23.209  1.00 59.17 ? 51  GLN A CG  1 
ATOM   337  C  CD  . GLN A 1 51 ? 5.528   5.027   21.845  1.00 61.46 ? 51  GLN A CD  1 
ATOM   338  O  OE1 . GLN A 1 51 ? 6.387   5.901   21.695  1.00 63.15 ? 51  GLN A OE1 1 
ATOM   339  N  NE2 . GLN A 1 51 ? 4.789   4.495   20.865  1.00 61.83 ? 51  GLN A NE2 1 
ATOM   340  N  N   . ASN A 1 52 ? 8.793   4.870   25.876  1.00 52.18 ? 52  ASN A N   1 
ATOM   341  C  CA  . ASN A 1 52 ? 10.107  4.844   26.504  1.00 50.71 ? 52  ASN A CA  1 
ATOM   342  C  C   . ASN A 1 52 ? 11.065  3.803   25.903  1.00 46.01 ? 52  ASN A C   1 
ATOM   343  O  O   . ASN A 1 52 ? 11.490  2.899   26.640  1.00 46.51 ? 52  ASN A O   1 
ATOM   344  C  CB  . ASN A 1 52 ? 9.796   4.399   27.942  1.00 54.40 ? 52  ASN A CB  1 
ATOM   345  C  CG  . ASN A 1 52 ? 10.980  4.509   28.874  1.00 58.25 ? 52  ASN A CG  1 
ATOM   346  O  OD1 . ASN A 1 52 ? 11.715  5.528   28.876  1.00 59.48 ? 52  ASN A OD1 1 
ATOM   347  N  ND2 . ASN A 1 52 ? 11.128  3.456   29.692  1.00 59.69 ? 52  ASN A ND2 1 
ATOM   348  N  N   . PRO A 1 53 ? 11.455  3.924   24.611  1.00 40.27 ? 53  PRO A N   1 
ATOM   349  C  CA  . PRO A 1 53 ? 12.271  2.899   23.995  1.00 37.25 ? 53  PRO A CA  1 
ATOM   350  C  C   . PRO A 1 53 ? 13.723  2.859   24.447  1.00 37.81 ? 53  PRO A C   1 
ATOM   351  O  O   . PRO A 1 53 ? 14.336  3.884   24.828  1.00 39.29 ? 53  PRO A O   1 
ATOM   352  C  CB  . PRO A 1 53 ? 12.161  3.134   22.485  1.00 37.02 ? 53  PRO A CB  1 
ATOM   353  C  CG  . PRO A 1 53 ? 11.443  4.447   22.264  1.00 37.40 ? 53  PRO A CG  1 
ATOM   354  C  CD  . PRO A 1 53 ? 11.239  5.039   23.645  1.00 38.77 ? 53  PRO A CD  1 
ATOM   355  N  N   . THR A 1 54 ? 14.328  1.665   24.381  1.00 35.88 ? 54  THR A N   1 
ATOM   356  C  CA  . THR A 1 54 ? 15.739  1.536   24.752  1.00 35.77 ? 54  THR A CA  1 
ATOM   357  C  C   . THR A 1 54 ? 16.508  1.688   23.478  1.00 32.95 ? 54  THR A C   1 
ATOM   358  O  O   . THR A 1 54 ? 15.861  1.528   22.461  1.00 33.36 ? 54  THR A O   1 
ATOM   359  C  CB  . THR A 1 54 ? 16.018  0.078   25.147  1.00 38.86 ? 54  THR A CB  1 
ATOM   360  O  OG1 . THR A 1 54 ? 15.211  -0.709  24.284  1.00 40.27 ? 54  THR A OG1 1 
ATOM   361  C  CG2 . THR A 1 54 ? 15.595  -0.109  26.604  1.00 39.24 ? 54  THR A CG2 1 
ATOM   362  N  N   . LYS A 1 55 ? 17.819  1.870   23.517  1.00 30.75 ? 55  LYS A N   1 
ATOM   363  C  CA  . LYS A 1 55 ? 18.623  1.941   22.303  1.00 33.63 ? 55  LYS A CA  1 
ATOM   364  C  C   . LYS A 1 55 ? 18.487  0.685   21.360  1.00 37.07 ? 55  LYS A C   1 
ATOM   365  O  O   . LYS A 1 55 ? 18.607  0.823   20.134  1.00 36.37 ? 55  LYS A O   1 
ATOM   366  C  CB  . LYS A 1 55 ? 20.072  2.080   22.716  1.00 32.51 ? 55  LYS A CB  1 
ATOM   367  C  CG  . LYS A 1 55 ? 20.897  3.080   21.926  1.00 35.66 ? 55  LYS A CG  1 
ATOM   368  C  CD  . LYS A 1 55 ? 20.807  3.018   20.413  1.00 39.02 ? 55  LYS A CD  1 
ATOM   369  C  CE  . LYS A 1 55 ? 22.127  2.555   19.781  1.00 41.97 ? 55  LYS A CE  1 
ATOM   370  N  NZ  . LYS A 1 55 ? 22.263  2.847   18.326  1.00 44.43 ? 55  LYS A NZ  1 
ATOM   371  N  N   . GLU A 1 56 ? 18.264  -0.544  21.945  1.00 38.30 ? 56  GLU A N   1 
ATOM   372  C  CA  . GLU A 1 56 ? 18.108  -1.862  21.295  1.00 38.26 ? 56  GLU A CA  1 
ATOM   373  C  C   . GLU A 1 56 ? 16.914  -1.848  20.442  1.00 33.42 ? 56  GLU A C   1 
ATOM   374  O  O   . GLU A 1 56 ? 16.913  -2.355  19.333  1.00 34.44 ? 56  GLU A O   1 
ATOM   375  C  CB  . GLU A 1 56 ? 17.512  -2.852  22.292  1.00 44.06 ? 56  GLU A CB  1 
ATOM   376  C  CG  . GLU A 1 56 ? 18.133  -4.228  22.291  1.00 50.30 ? 56  GLU A CG  1 
ATOM   377  C  CD  . GLU A 1 56 ? 19.338  -4.091  23.162  1.00 56.08 ? 56  GLU A CD  1 
ATOM   378  O  OE1 . GLU A 1 56 ? 19.820  -2.983  23.356  1.00 58.15 ? 56  GLU A OE1 1 
ATOM   379  O  OE2 . GLU A 1 56 ? 19.847  -5.226  23.618  1.00 57.52 ? 56  GLU A OE2 1 
ATOM   380  N  N   . GLU A 1 57 ? 15.867  -1.387  21.113  1.00 28.29 ? 57  GLU A N   1 
ATOM   381  C  CA  . GLU A 1 57 ? 14.585  -1.281  20.510  1.00 27.50 ? 57  GLU A CA  1 
ATOM   382  C  C   . GLU A 1 57 ? 14.663  -0.333  19.339  1.00 26.86 ? 57  GLU A C   1 
ATOM   383  O  O   . GLU A 1 57 ? 14.189  -0.601  18.236  1.00 27.60 ? 57  GLU A O   1 
ATOM   384  C  CB  . GLU A 1 57 ? 13.548  -0.820  21.520  1.00 31.20 ? 57  GLU A CB  1 
ATOM   385  C  CG  . GLU A 1 57 ? 13.319  -1.895  22.597  1.00 35.99 ? 57  GLU A CG  1 
ATOM   386  C  CD  . GLU A 1 57 ? 12.476  -1.323  23.699  1.00 40.04 ? 57  GLU A CD  1 
ATOM   387  O  OE1 . GLU A 1 57 ? 12.728  -0.241  24.194  1.00 40.73 ? 57  GLU A OE1 1 
ATOM   388  O  OE2 . GLU A 1 57 ? 11.400  -2.034  23.972  1.00 41.83 ? 57  GLU A OE2 1 
ATOM   389  N  N   . LEU A 1 58 ? 15.296  0.802   19.578  1.00 24.29 ? 58  LEU A N   1 
ATOM   390  C  CA  . LEU A 1 58 ? 15.426  1.768   18.515  1.00 22.94 ? 58  LEU A CA  1 
ATOM   391  C  C   . LEU A 1 58 ? 16.234  1.137   17.378  1.00 21.49 ? 58  LEU A C   1 
ATOM   392  O  O   . LEU A 1 58 ? 15.864  1.344   16.216  1.00 21.23 ? 58  LEU A O   1 
ATOM   393  C  CB  . LEU A 1 58 ? 16.108  3.083   19.001  1.00 21.25 ? 58  LEU A CB  1 
ATOM   394  C  CG  . LEU A 1 58 ? 15.240  3.868   20.003  1.00 20.71 ? 58  LEU A CG  1 
ATOM   395  C  CD1 . LEU A 1 58 ? 16.123  4.827   20.809  1.00 18.47 ? 58  LEU A CD1 1 
ATOM   396  C  CD2 . LEU A 1 58 ? 14.088  4.580   19.315  1.00 20.06 ? 58  LEU A CD2 1 
ATOM   397  N  N   . ASP A 1 59 ? 17.319  0.454   17.740  1.00 22.58 ? 59  ASP A N   1 
ATOM   398  C  CA  . ASP A 1 59 ? 18.192  -0.236  16.774  1.00 26.12 ? 59  ASP A CA  1 
ATOM   399  C  C   . ASP A 1 59 ? 17.416  -1.237  15.877  1.00 27.96 ? 59  ASP A C   1 
ATOM   400  O  O   . ASP A 1 59 ? 17.539  -1.212  14.617  1.00 27.97 ? 59  ASP A O   1 
ATOM   401  C  CB  . ASP A 1 59 ? 19.388  -0.905  17.433  1.00 28.46 ? 59  ASP A CB  1 
ATOM   402  C  CG  . ASP A 1 59 ? 20.443  0.097   17.834  1.00 33.17 ? 59  ASP A CG  1 
ATOM   403  O  OD1 . ASP A 1 59 ? 20.605  1.224   17.303  1.00 33.82 ? 59  ASP A OD1 1 
ATOM   404  O  OD2 . ASP A 1 59 ? 21.218  -0.428  18.756  1.00 35.17 ? 59  ASP A OD2 1 
ATOM   405  N  N   . ALA A 1 60 ? 16.556  -2.051  16.540  1.00 27.76 ? 60  ALA A N   1 
ATOM   406  C  CA  . ALA A 1 60 ? 15.698  -3.023  15.870  1.00 24.93 ? 60  ALA A CA  1 
ATOM   407  C  C   . ALA A 1 60 ? 14.714  -2.333  14.946  1.00 25.69 ? 60  ALA A C   1 
ATOM   408  O  O   . ALA A 1 60 ? 14.423  -2.835  13.874  1.00 27.20 ? 60  ALA A O   1 
ATOM   409  C  CB  . ALA A 1 60 ? 14.975  -3.901  16.869  1.00 23.47 ? 60  ALA A CB  1 
ATOM   410  N  N   . ILE A 1 61 ? 14.199  -1.145  15.294  1.00 23.46 ? 61  ILE A N   1 
ATOM   411  C  CA  . ILE A 1 61 ? 13.228  -0.498  14.429  1.00 24.27 ? 61  ILE A CA  1 
ATOM   412  C  C   . ILE A 1 61 ? 13.873  0.035   13.162  1.00 27.02 ? 61  ILE A C   1 
ATOM   413  O  O   . ILE A 1 61 ? 13.340  0.067   12.051  1.00 29.89 ? 61  ILE A O   1 
ATOM   414  C  CB  . ILE A 1 61 ? 12.522  0.681   15.134  1.00 25.07 ? 61  ILE A CB  1 
ATOM   415  C  CG1 . ILE A 1 61 ? 11.517  0.236   16.198  1.00 27.49 ? 61  ILE A CG1 1 
ATOM   416  C  CG2 . ILE A 1 61 ? 11.828  1.602   14.141  1.00 23.44 ? 61  ILE A CG2 1 
ATOM   417  C  CD1 . ILE A 1 61 ? 10.959  1.361   17.099  1.00 28.41 ? 61  ILE A CD1 1 
ATOM   418  N  N   . ILE A 1 62 ? 15.025  0.598   13.323  1.00 24.56 ? 62  ILE A N   1 
ATOM   419  C  CA  . ILE A 1 62 ? 15.620  1.149   12.144  1.00 26.08 ? 62  ILE A CA  1 
ATOM   420  C  C   . ILE A 1 62 ? 16.113  0.021   11.263  1.00 25.49 ? 62  ILE A C   1 
ATOM   421  O  O   . ILE A 1 62 ? 16.022  0.090   10.049  1.00 25.92 ? 62  ILE A O   1 
ATOM   422  C  CB  . ILE A 1 62 ? 16.795  2.030   12.607  1.00 27.69 ? 62  ILE A CB  1 
ATOM   423  C  CG1 . ILE A 1 62 ? 16.244  3.274   13.367  1.00 28.17 ? 62  ILE A CG1 1 
ATOM   424  C  CG2 . ILE A 1 62 ? 17.827  2.340   11.497  1.00 25.17 ? 62  ILE A CG2 1 
ATOM   425  C  CD1 . ILE A 1 62 ? 17.360  4.180   13.876  1.00 28.50 ? 62  ILE A CD1 1 
ATOM   426  N  N   . GLU A 1 63 ? 16.654  -1.001  11.894  1.00 25.46 ? 63  GLU A N   1 
ATOM   427  C  CA  . GLU A 1 63 ? 17.139  -2.117  11.102  1.00 30.55 ? 63  GLU A CA  1 
ATOM   428  C  C   . GLU A 1 63 ? 16.102  -2.768  10.152  1.00 29.08 ? 63  GLU A C   1 
ATOM   429  O  O   . GLU A 1 63 ? 16.413  -3.344  9.121   1.00 29.14 ? 63  GLU A O   1 
ATOM   430  C  CB  . GLU A 1 63 ? 17.853  -3.128  11.990  1.00 35.81 ? 63  GLU A CB  1 
ATOM   431  C  CG  . GLU A 1 63 ? 18.084  -4.470  11.295  1.00 42.89 ? 63  GLU A CG  1 
ATOM   432  C  CD  . GLU A 1 63 ? 19.139  -5.242  12.048  1.00 51.47 ? 63  GLU A CD  1 
ATOM   433  O  OE1 . GLU A 1 63 ? 18.981  -5.203  13.369  1.00 53.94 ? 63  GLU A OE1 1 
ATOM   434  O  OE2 . GLU A 1 63 ? 20.096  -5.782  11.490  1.00 54.31 ? 63  GLU A OE2 1 
ATOM   435  N  N   . GLU A 1 64 ? 14.830  -2.702  10.467  1.00 29.02 ? 64  GLU A N   1 
ATOM   436  C  CA  . GLU A 1 64 ? 13.811  -3.275  9.616   1.00 30.99 ? 64  GLU A CA  1 
ATOM   437  C  C   . GLU A 1 64 ? 13.702  -2.502  8.312   1.00 28.49 ? 64  GLU A C   1 
ATOM   438  O  O   . GLU A 1 64 ? 13.308  -3.049  7.290   1.00 28.89 ? 64  GLU A O   1 
ATOM   439  C  CB  . GLU A 1 64 ? 12.466  -3.329  10.383  1.00 36.50 ? 64  GLU A CB  1 
ATOM   440  C  CG  . GLU A 1 64 ? 11.210  -3.630  9.536   1.00 44.55 ? 64  GLU A CG  1 
ATOM   441  C  CD  . GLU A 1 64 ? 11.096  -5.099  9.219   1.00 51.37 ? 64  GLU A CD  1 
ATOM   442  O  OE1 . GLU A 1 64 ? 11.545  -5.964  9.957   1.00 54.61 ? 64  GLU A OE1 1 
ATOM   443  O  OE2 . GLU A 1 64 ? 10.559  -5.342  8.045   1.00 52.41 ? 64  GLU A OE2 1 
ATOM   444  N  N   . VAL A 1 65 ? 14.020  -1.214  8.320   1.00 25.74 ? 65  VAL A N   1 
ATOM   445  C  CA  . VAL A 1 65 ? 13.841  -0.450  7.104   1.00 25.65 ? 65  VAL A CA  1 
ATOM   446  C  C   . VAL A 1 65 ? 15.138  0.073   6.520   1.00 22.23 ? 65  VAL A C   1 
ATOM   447  O  O   . VAL A 1 65 ? 15.137  0.716   5.490   1.00 22.13 ? 65  VAL A O   1 
ATOM   448  C  CB  . VAL A 1 65 ? 12.827  0.680   7.351   1.00 31.47 ? 65  VAL A CB  1 
ATOM   449  C  CG1 . VAL A 1 65 ? 11.444  0.148   7.798   1.00 33.16 ? 65  VAL A CG1 1 
ATOM   450  C  CG2 . VAL A 1 65 ? 13.316  1.663   8.407   1.00 30.12 ? 65  VAL A CG2 1 
ATOM   451  N  N   . ASP A 1 66 ? 16.254  -0.181  7.185   1.00 20.67 ? 66  ASP A N   1 
ATOM   452  C  CA  . ASP A 1 66 ? 17.554  0.290   6.776   1.00 20.58 ? 66  ASP A CA  1 
ATOM   453  C  C   . ASP A 1 66 ? 18.189  -0.539  5.638   1.00 23.01 ? 66  ASP A C   1 
ATOM   454  O  O   . ASP A 1 66 ? 19.028  -1.376  5.908   1.00 26.71 ? 66  ASP A O   1 
ATOM   455  C  CB  . ASP A 1 66 ? 18.447  0.311   8.039   1.00 19.12 ? 66  ASP A CB  1 
ATOM   456  C  CG  . ASP A 1 66 ? 19.795  1.004   7.879   1.00 21.09 ? 66  ASP A CG  1 
ATOM   457  O  OD1 . ASP A 1 66 ? 19.878  1.922   6.917   1.00 18.44 ? 66  ASP A OD1 1 
ATOM   458  O  OD2 . ASP A 1 66 ? 20.777  0.718   8.574   1.00 23.97 ? 66  ASP A OD2 1 
ATOM   459  N  N   . GLU A 1 67 ? 17.929  -0.236  4.355   1.00 22.75 ? 67  GLU A N   1 
ATOM   460  C  CA  . GLU A 1 67 ? 18.508  -1.000  3.247   1.00 22.51 ? 67  GLU A CA  1 
ATOM   461  C  C   . GLU A 1 67 ? 19.931  -0.727  2.870   1.00 22.80 ? 67  GLU A C   1 
ATOM   462  O  O   . GLU A 1 67 ? 20.462  -1.466  2.070   1.00 20.66 ? 67  GLU A O   1 
ATOM   463  C  CB  . GLU A 1 67 ? 17.643  -0.859  2.008   1.00 26.81 ? 67  GLU A CB  1 
ATOM   464  C  CG  . GLU A 1 67 ? 16.171  -1.243  2.268   1.00 36.18 ? 67  GLU A CG  1 
ATOM   465  C  CD  . GLU A 1 67 ? 15.938  -2.715  2.531   1.00 46.14 ? 67  GLU A CD  1 
ATOM   466  O  OE1 . GLU A 1 67 ? 16.568  -3.599  2.008   1.00 51.20 ? 67  GLU A OE1 1 
ATOM   467  O  OE2 . GLU A 1 67 ? 14.942  -2.970  3.288   1.00 48.73 ? 67  GLU A OE2 1 
ATOM   468  N  N   . ASP A 1 68 ? 20.605  0.349   3.378   1.00 20.27 ? 68  ASP A N   1 
ATOM   469  C  CA  . ASP A 1 68 ? 21.961  0.626   3.030   1.00 16.63 ? 68  ASP A CA  1 
ATOM   470  C  C   . ASP A 1 68 ? 22.870  0.386   4.199   1.00 14.28 ? 68  ASP A C   1 
ATOM   471  O  O   . ASP A 1 68 ? 24.073  0.607   4.114   1.00 16.88 ? 68  ASP A O   1 
ATOM   472  C  CB  . ASP A 1 68 ? 22.119  2.012   2.356   1.00 19.62 ? 68  ASP A CB  1 
ATOM   473  C  CG  . ASP A 1 68 ? 21.714  3.150   3.278   1.00 21.31 ? 68  ASP A CG  1 
ATOM   474  O  OD1 . ASP A 1 68 ? 21.259  2.967   4.392   1.00 19.90 ? 68  ASP A OD1 1 
ATOM   475  O  OD2 . ASP A 1 68 ? 21.997  4.337   2.814   1.00 22.18 ? 68  ASP A OD2 1 
ATOM   476  N  N   . GLY A 1 69 ? 22.305  -0.105  5.302   1.00 14.10 ? 69  GLY A N   1 
ATOM   477  C  CA  . GLY A 1 69 ? 23.119  -0.368  6.478   1.00 16.35 ? 69  GLY A CA  1 
ATOM   478  C  C   . GLY A 1 69 ? 23.744  0.912   7.112   1.00 21.42 ? 69  GLY A C   1 
ATOM   479  O  O   . GLY A 1 69 ? 24.784  0.895   7.769   1.00 22.56 ? 69  GLY A O   1 
ATOM   480  N  N   . SER A 1 70 ? 23.108  2.080   6.940   1.00 21.68 ? 70  SER A N   1 
ATOM   481  C  CA  . SER A 1 70 ? 23.695  3.295   7.525   1.00 19.14 ? 70  SER A CA  1 
ATOM   482  C  C   . SER A 1 70 ? 23.401  3.435   9.004   1.00 20.75 ? 70  SER A C   1 
ATOM   483  O  O   . SER A 1 70 ? 24.042  4.255   9.627   1.00 24.58 ? 70  SER A O   1 
ATOM   484  C  CB  . SER A 1 70 ? 23.236  4.578   6.832   1.00 15.01 ? 70  SER A CB  1 
ATOM   485  O  OG  . SER A 1 70 ? 21.850  4.672   7.016   1.00 15.06 ? 70  SER A OG  1 
ATOM   486  N  N   . GLY A 1 71 ? 22.477  2.682   9.561   1.00 18.58 ? 71  GLY A N   1 
ATOM   487  C  CA  . GLY A 1 71 ? 22.089  2.791   10.945  1.00 19.10 ? 71  GLY A CA  1 
ATOM   488  C  C   . GLY A 1 71 ? 21.102  3.966   11.136  1.00 20.65 ? 71  GLY A C   1 
ATOM   489  O  O   . GLY A 1 71 ? 20.767  4.303   12.250  1.00 22.91 ? 71  GLY A O   1 
ATOM   490  N  N   . THR A 1 72 ? 20.629  4.625   10.059  1.00 18.53 ? 72  THR A N   1 
ATOM   491  C  CA  . THR A 1 72 ? 19.702  5.762   10.094  1.00 18.14 ? 72  THR A CA  1 
ATOM   492  C  C   . THR A 1 72 ? 18.636  5.649   9.056   1.00 19.75 ? 72  THR A C   1 
ATOM   493  O  O   . THR A 1 72 ? 18.825  4.977   8.044   1.00 19.67 ? 72  THR A O   1 
ATOM   494  C  CB  . THR A 1 72 ? 20.509  6.992   9.674   1.00 18.02 ? 72  THR A CB  1 
ATOM   495  O  OG1 . THR A 1 72 ? 20.974  6.990   8.320   1.00 17.70 ? 72  THR A OG1 1 
ATOM   496  C  CG2 . THR A 1 72 ? 21.661  7.158   10.683  1.00 18.88 ? 72  THR A CG2 1 
ATOM   497  N  N   . ILE A 1 73 ? 17.541  6.358   9.207   1.00 18.13 ? 73  ILE A N   1 
ATOM   498  C  CA  . ILE A 1 73 ? 16.558  6.223   8.163   1.00 18.68 ? 73  ILE A CA  1 
ATOM   499  C  C   . ILE A 1 73 ? 16.512  7.456   7.246   1.00 20.47 ? 73  ILE A C   1 
ATOM   500  O  O   . ILE A 1 73 ? 16.241  8.553   7.756   1.00 18.59 ? 73  ILE A O   1 
ATOM   501  C  CB  . ILE A 1 73 ? 15.198  6.085   8.825   1.00 17.75 ? 73  ILE A CB  1 
ATOM   502  C  CG1 . ILE A 1 73 ? 15.211  4.973   9.848   1.00 18.98 ? 73  ILE A CG1 1 
ATOM   503  C  CG2 . ILE A 1 73 ? 14.045  5.995   7.811   1.00 17.51 ? 73  ILE A CG2 1 
ATOM   504  C  CD1 . ILE A 1 73 ? 13.990  5.048   10.766  1.00 21.57 ? 73  ILE A CD1 1 
ATOM   505  N  N   . ASP A 1 74 ? 16.742  7.302   5.929   1.00 18.74 ? 74  ASP A N   1 
ATOM   506  C  CA  . ASP A 1 74 ? 16.603  8.413   5.011   1.00 17.31 ? 74  ASP A CA  1 
ATOM   507  C  C   . ASP A 1 74 ? 15.157  8.522   4.553   1.00 17.49 ? 74  ASP A C   1 
ATOM   508  O  O   . ASP A 1 74 ? 14.295  7.734   4.900   1.00 19.04 ? 74  ASP A O   1 
ATOM   509  C  CB  . ASP A 1 74 ? 17.647  8.342   3.860   1.00 18.67 ? 74  ASP A CB  1 
ATOM   510  C  CG  . ASP A 1 74 ? 17.373  7.216   2.901   1.00 19.72 ? 74  ASP A CG  1 
ATOM   511  O  OD1 . ASP A 1 74 ? 16.279  6.785   2.692   1.00 20.03 ? 74  ASP A OD1 1 
ATOM   512  O  OD2 . ASP A 1 74 ? 18.456  6.652   2.502   1.00 23.25 ? 74  ASP A OD2 1 
ATOM   513  N  N   . PHE A 1 75 ? 14.842  9.499   3.714   1.00 19.58 ? 75  PHE A N   1 
ATOM   514  C  CA  . PHE A 1 75 ? 13.485  9.707   3.222   1.00 19.79 ? 75  PHE A CA  1 
ATOM   515  C  C   . PHE A 1 75 ? 12.908  8.575   2.387   1.00 21.61 ? 75  PHE A C   1 
ATOM   516  O  O   . PHE A 1 75 ? 11.744  8.239   2.531   1.00 21.80 ? 75  PHE A O   1 
ATOM   517  C  CB  . PHE A 1 75 ? 13.321  11.022  2.425   1.00 20.16 ? 75  PHE A CB  1 
ATOM   518  C  CG  . PHE A 1 75 ? 11.864  11.273  2.086   1.00 21.71 ? 75  PHE A CG  1 
ATOM   519  C  CD1 . PHE A 1 75 ? 10.913  11.467  3.084   1.00 22.95 ? 75  PHE A CD1 1 
ATOM   520  C  CD2 . PHE A 1 75 ? 11.442  11.354  0.762   1.00 23.39 ? 75  PHE A CD2 1 
ATOM   521  C  CE1 . PHE A 1 75 ? 9.569   11.716  2.810   1.00 24.51 ? 75  PHE A CE1 1 
ATOM   522  C  CE2 . PHE A 1 75 ? 10.102  11.577  0.461   1.00 24.43 ? 75  PHE A CE2 1 
ATOM   523  C  CZ  . PHE A 1 75 ? 9.164   11.751  1.478   1.00 25.09 ? 75  PHE A CZ  1 
ATOM   524  N  N   . GLU A 1 76 ? 13.716  8.046   1.490   1.00 24.98 ? 76  GLU A N   1 
ATOM   525  C  CA  . GLU A 1 76 ? 13.289  6.929   0.664   1.00 26.52 ? 76  GLU A CA  1 
ATOM   526  C  C   . GLU A 1 76 ? 13.035  5.723   1.539   1.00 24.52 ? 76  GLU A C   1 
ATOM   527  O  O   . GLU A 1 76 ? 12.026  5.069   1.389   1.00 26.50 ? 76  GLU A O   1 
ATOM   528  C  CB  . GLU A 1 76 ? 14.342  6.653   -0.388  1.00 31.87 ? 76  GLU A CB  1 
ATOM   529  C  CG  . GLU A 1 76 ? 14.392  7.836   -1.354  1.00 39.70 ? 76  GLU A CG  1 
ATOM   530  C  CD  . GLU A 1 76 ? 13.046  8.107   -2.000  1.00 48.25 ? 76  GLU A CD  1 
ATOM   531  O  OE1 . GLU A 1 76 ? 12.301  7.240   -2.489  1.00 52.58 ? 76  GLU A OE1 1 
ATOM   532  O  OE2 . GLU A 1 76 ? 12.762  9.389   -2.004  1.00 50.01 ? 76  GLU A OE2 1 
ATOM   533  N  N   . GLU A 1 77 ? 13.870  5.430   2.537   1.00 22.77 ? 77  GLU A N   1 
ATOM   534  C  CA  . GLU A 1 77 ? 13.572  4.320   3.427   1.00 21.55 ? 77  GLU A CA  1 
ATOM   535  C  C   . GLU A 1 77 ? 12.365  4.633   4.259   1.00 23.60 ? 77  GLU A C   1 
ATOM   536  O  O   . GLU A 1 77 ? 11.558  3.805   4.623   1.00 25.08 ? 77  GLU A O   1 
ATOM   537  C  CB  . GLU A 1 77 ? 14.756  3.917   4.311   1.00 21.66 ? 77  GLU A CB  1 
ATOM   538  C  CG  . GLU A 1 77 ? 16.083  3.677   3.561   1.00 23.08 ? 77  GLU A CG  1 
ATOM   539  C  CD  . GLU A 1 77 ? 17.261  3.688   4.498   1.00 24.77 ? 77  GLU A CD  1 
ATOM   540  O  OE1 . GLU A 1 77 ? 17.409  4.452   5.421   1.00 28.30 ? 77  GLU A OE1 1 
ATOM   541  O  OE2 . GLU A 1 77 ? 18.212  2.900   4.176   1.00 22.99 ? 77  GLU A OE2 1 
ATOM   542  N  N   . PHE A 1 78 ? 12.166  5.898   4.532   1.00 24.46 ? 78  PHE A N   1 
ATOM   543  C  CA  . PHE A 1 78 ? 10.986  6.347   5.236   1.00 26.81 ? 78  PHE A CA  1 
ATOM   544  C  C   . PHE A 1 78 ? 9.690   6.139   4.406   1.00 29.52 ? 78  PHE A C   1 
ATOM   545  O  O   . PHE A 1 78 ? 8.674   5.700   4.945   1.00 30.94 ? 78  PHE A O   1 
ATOM   546  C  CB  . PHE A 1 78 ? 11.168  7.837   5.662   1.00 27.06 ? 78  PHE A CB  1 
ATOM   547  C  CG  . PHE A 1 78 ? 10.093  8.357   6.567   1.00 26.35 ? 78  PHE A CG  1 
ATOM   548  C  CD1 . PHE A 1 78 ? 10.136  8.065   7.927   1.00 25.70 ? 78  PHE A CD1 1 
ATOM   549  C  CD2 . PHE A 1 78 ? 9.107   9.192   6.042   1.00 26.83 ? 78  PHE A CD2 1 
ATOM   550  C  CE1 . PHE A 1 78 ? 9.122   8.554   8.748   1.00 27.85 ? 78  PHE A CE1 1 
ATOM   551  C  CE2 . PHE A 1 78 ? 8.102   9.714   6.852   1.00 27.66 ? 78  PHE A CE2 1 
ATOM   552  C  CZ  . PHE A 1 78 ? 8.115   9.356   8.202   1.00 28.69 ? 78  PHE A CZ  1 
ATOM   553  N  N   . LEU A 1 79 ? 9.653   6.457   3.104   1.00 32.16 ? 79  LEU A N   1 
ATOM   554  C  CA  . LEU A 1 79 ? 8.449   6.209   2.297   1.00 34.25 ? 79  LEU A CA  1 
ATOM   555  C  C   . LEU A 1 79 ? 8.145   4.731   2.310   1.00 38.49 ? 79  LEU A C   1 
ATOM   556  O  O   . LEU A 1 79 ? 7.040   4.334   2.643   1.00 39.42 ? 79  LEU A O   1 
ATOM   557  C  CB  . LEU A 1 79 ? 8.569   6.631   0.837   1.00 35.65 ? 79  LEU A CB  1 
ATOM   558  C  CG  . LEU A 1 79 ? 8.656   8.153   0.729   1.00 39.26 ? 79  LEU A CG  1 
ATOM   559  C  CD1 . LEU A 1 79 ? 8.935   8.605   -0.710  1.00 39.68 ? 79  LEU A CD1 1 
ATOM   560  C  CD2 . LEU A 1 79 ? 7.361   8.798   1.228   1.00 40.33 ? 79  LEU A CD2 1 
ATOM   561  N  N   . VAL A 1 80 ? 9.150   3.891   2.018   1.00 41.30 ? 80  VAL A N   1 
ATOM   562  C  CA  . VAL A 1 80 ? 8.955   2.432   2.047   1.00 43.07 ? 80  VAL A CA  1 
ATOM   563  C  C   . VAL A 1 80 ? 8.340   1.953   3.342   1.00 47.58 ? 80  VAL A C   1 
ATOM   564  O  O   . VAL A 1 80 ? 7.489   1.100   3.321   1.00 51.10 ? 80  VAL A O   1 
ATOM   565  C  CB  . VAL A 1 80 ? 10.206  1.614   1.909   1.00 40.52 ? 80  VAL A CB  1 
ATOM   566  C  CG1 . VAL A 1 80 ? 9.830   0.145   2.046   1.00 40.32 ? 80  VAL A CG1 1 
ATOM   567  C  CG2 . VAL A 1 80 ? 10.850  1.918   0.576   1.00 40.92 ? 80  VAL A CG2 1 
ATOM   568  N  N   . MET A 1 81 ? 8.741   2.480   4.476   1.00 48.23 ? 81  MET A N   1 
ATOM   569  C  CA  . MET A 1 81 ? 8.153   2.038   5.717   1.00 50.20 ? 81  MET A CA  1 
ATOM   570  C  C   . MET A 1 81 ? 6.703   2.441   5.880   1.00 53.75 ? 81  MET A C   1 
ATOM   571  O  O   . MET A 1 81 ? 5.991   1.954   6.765   1.00 55.10 ? 81  MET A O   1 
ATOM   572  C  CB  . MET A 1 81 ? 8.967   2.550   6.904   1.00 49.55 ? 81  MET A CB  1 
ATOM   573  C  CG  . MET A 1 81 ? 8.186   3.065   8.097   1.00 48.77 ? 81  MET A CG  1 
ATOM   574  S  SD  . MET A 1 81 ? 9.405   3.366   9.393   1.00 48.83 ? 81  MET A SD  1 
ATOM   575  C  CE  . MET A 1 81 ? 8.954   4.979   10.077  1.00 50.02 ? 81  MET A CE  1 
ATOM   576  N  N   . MET A 1 82 ? 6.261   3.382   5.053   1.00 54.64 ? 82  MET A N   1 
ATOM   577  C  CA  . MET A 1 82 ? 4.869   3.777   5.150   1.00 53.37 ? 82  MET A CA  1 
ATOM   578  C  C   . MET A 1 82 ? 4.036   3.115   4.064   1.00 50.30 ? 82  MET A C   1 
ATOM   579  O  O   . MET A 1 82 ? 2.952   2.609   4.312   1.00 49.14 ? 82  MET A O   1 
ATOM   580  C  CB  . MET A 1 82 ? 4.687   5.250   5.540   1.00 54.99 ? 82  MET A CB  1 
ATOM   581  C  CG  . MET A 1 82 ? 5.349   5.366   6.906   1.00 56.27 ? 82  MET A CG  1 
ATOM   582  S  SD  . MET A 1 82 ? 5.152   6.938   7.783   1.00 57.87 ? 82  MET A SD  1 
ATOM   583  C  CE  . MET A 1 82 ? 5.741   6.401   9.417   1.00 56.57 ? 82  MET A CE  1 
ATOM   584  N  N   . VAL A 1 83 ? 4.630   2.996   2.886   1.00 49.71 ? 83  VAL A N   1 
ATOM   585  C  CA  . VAL A 1 83 ? 3.990   2.293   1.821   1.00 51.10 ? 83  VAL A CA  1 
ATOM   586  C  C   . VAL A 1 83 ? 3.767   0.866   2.299   1.00 51.42 ? 83  VAL A C   1 
ATOM   587  O  O   . VAL A 1 83 ? 2.635   0.396   2.306   1.00 49.18 ? 83  VAL A O   1 
ATOM   588  C  CB  . VAL A 1 83 ? 4.778   2.377   0.521   1.00 52.83 ? 83  VAL A CB  1 
ATOM   589  C  CG1 . VAL A 1 83 ? 4.363   1.249   -0.436  1.00 53.85 ? 83  VAL A CG1 1 
ATOM   590  C  CG2 . VAL A 1 83 ? 4.548   3.743   -0.127  1.00 52.71 ? 83  VAL A CG2 1 
ATOM   591  N  N   . ARG A 1 84 ? 4.840   0.228   2.755   1.00 54.77 ? 84  ARG A N   1 
ATOM   592  C  CA  . ARG A 1 84 ? 4.766   -1.107  3.323   1.00 59.36 ? 84  ARG A CA  1 
ATOM   593  C  C   . ARG A 1 84 ? 3.660   -1.153  4.359   1.00 63.13 ? 84  ARG A C   1 
ATOM   594  O  O   . ARG A 1 84 ? 3.022   -2.178  4.559   1.00 64.09 ? 84  ARG A O   1 
ATOM   595  C  CB  . ARG A 1 84 ? 6.047   -1.558  4.025   1.00 60.15 ? 84  ARG A CB  1 
ATOM   596  C  CG  . ARG A 1 84 ? 5.881   -1.793  5.539   1.00 60.80 ? 84  ARG A CG  1 
ATOM   597  C  CD  . ARG A 1 84 ? 7.048   -2.574  6.138   1.00 61.40 ? 84  ARG A CD  1 
ATOM   598  N  NE  . ARG A 1 84 ? 8.194   -2.600  5.222   1.00 62.82 ? 84  ARG A NE  1 
ATOM   599  C  CZ  . ARG A 1 84 ? 9.359   -3.213  5.454   1.00 63.37 ? 84  ARG A CZ  1 
ATOM   600  N  NH1 . ARG A 1 84 ? 9.573   -3.892  6.571   1.00 63.98 ? 84  ARG A NH1 1 
ATOM   601  N  NH2 . ARG A 1 84 ? 10.336  -3.160  4.548   1.00 63.10 ? 84  ARG A NH2 1 
ATOM   602  N  N   . GLN A 1 85 ? 3.401   0.006   4.954   1.00 65.40 ? 85  GLN A N   1 
ATOM   603  C  CA  . GLN A 1 85 ? 2.373   0.132   5.962   1.00 65.94 ? 85  GLN A CA  1 
ATOM   604  C  C   . GLN A 1 85 ? 0.961   0.097   5.390   1.00 65.01 ? 85  GLN A C   1 
ATOM   605  O  O   . GLN A 1 85 ? 0.042   -0.497  5.954   1.00 64.93 ? 85  GLN A O   1 
ATOM   606  C  CB  . GLN A 1 85 ? 2.629   1.380   6.807   1.00 66.95 ? 85  GLN A CB  1 
ATOM   607  C  CG  . GLN A 1 85 ? 2.111   1.138   8.224   1.00 67.70 ? 85  GLN A CG  1 
ATOM   608  C  CD  . GLN A 1 85 ? 0.615   1.324   8.240   1.00 68.50 ? 85  GLN A CD  1 
ATOM   609  O  OE1 . GLN A 1 85 ? 0.012   1.900   7.302   1.00 68.61 ? 85  GLN A OE1 1 
ATOM   610  N  NE2 . GLN A 1 85 ? 0.046   0.844   9.330   1.00 68.72 ? 85  GLN A NE2 1 
ATOM   611  N  N   . MET A 1 86 ? 0.834   0.732   4.246   1.00 64.80 ? 86  MET A N   1 
ATOM   612  C  CA  . MET A 1 86 ? -0.406  0.820   3.527   1.00 65.89 ? 86  MET A CA  1 
ATOM   613  C  C   . MET A 1 86 ? -0.820  -0.470  2.847   1.00 63.19 ? 86  MET A C   1 
ATOM   614  O  O   . MET A 1 86 ? -1.989  -0.783  2.891   1.00 62.33 ? 86  MET A O   1 
ATOM   615  C  CB  . MET A 1 86 ? -0.314  2.001   2.562   1.00 69.55 ? 86  MET A CB  1 
ATOM   616  C  CG  . MET A 1 86 ? -0.043  3.300   3.314   1.00 72.59 ? 86  MET A CG  1 
ATOM   617  S  SD  . MET A 1 86 ? 0.565   4.620   2.220   1.00 75.66 ? 86  MET A SD  1 
ATOM   618  C  CE  . MET A 1 86 ? -0.578  4.463   0.815   1.00 76.00 ? 86  MET A CE  1 
ATOM   619  N  N   . LYS A 1 87 ? 0.129   -1.184  2.245   1.00 62.73 ? 87  LYS A N   1 
ATOM   620  C  CA  . LYS A 1 87 ? -0.117  -2.463  1.621   1.00 63.68 ? 87  LYS A CA  1 
ATOM   621  C  C   . LYS A 1 87 ? -0.540  -3.452  2.703   1.00 69.87 ? 87  LYS A C   1 
ATOM   622  O  O   . LYS A 1 87 ? -1.580  -4.114  2.602   1.00 69.70 ? 87  LYS A O   1 
ATOM   623  C  CB  . LYS A 1 87 ? 1.124   -3.009  0.949   1.00 58.90 ? 87  LYS A CB  1 
ATOM   624  C  CG  . LYS A 1 87 ? 1.538   -2.324  -0.331  1.00 55.26 ? 87  LYS A CG  1 
ATOM   625  C  CD  . LYS A 1 87 ? 2.828   -2.947  -0.839  1.00 54.56 ? 87  LYS A CD  1 
ATOM   626  C  CE  . LYS A 1 87 ? 3.225   -2.526  -2.250  1.00 55.52 ? 87  LYS A CE  1 
ATOM   627  N  NZ  . LYS A 1 87 ? 4.662   -2.248  -2.460  1.00 55.88 ? 87  LYS A NZ  1 
ATOM   628  N  N   . GLN B 1 6  ? -11.655 2.367   3.384   1.00 93.44 ? 6   GLN B N   1 
ATOM   629  C  CA  . GLN B 1 6  ? -10.561 1.767   2.630   1.00 92.05 ? 6   GLN B CA  1 
ATOM   630  C  C   . GLN B 1 6  ? -10.532 2.100   1.140   1.00 88.38 ? 6   GLN B C   1 
ATOM   631  O  O   . GLN B 1 6  ? -9.469  2.255   0.533   1.00 86.69 ? 6   GLN B O   1 
ATOM   632  C  CB  . GLN B 1 6  ? -10.214 0.310   2.996   1.00 93.43 ? 6   GLN B CB  1 
ATOM   633  C  CG  . GLN B 1 6  ? -11.214 -0.340  3.968   1.00 94.01 ? 6   GLN B CG  1 
ATOM   634  C  CD  . GLN B 1 6  ? -11.641 -1.700  3.458   1.00 94.54 ? 6   GLN B CD  1 
ATOM   635  O  OE1 . GLN B 1 6  ? -12.627 -1.797  2.699   1.00 95.37 ? 6   GLN B OE1 1 
ATOM   636  N  NE2 . GLN B 1 6  ? -10.879 -2.729  3.837   1.00 94.01 ? 6   GLN B NE2 1 
ATOM   637  N  N   . GLN B 1 7  ? -11.737 2.287   0.608   1.00 87.53 ? 7   GLN B N   1 
ATOM   638  C  CA  . GLN B 1 7  ? -11.990 2.646   -0.779  1.00 86.90 ? 7   GLN B CA  1 
ATOM   639  C  C   . GLN B 1 7  ? -11.683 4.113   -1.080  1.00 87.90 ? 7   GLN B C   1 
ATOM   640  O  O   . GLN B 1 7  ? -10.783 4.429   -1.870  1.00 88.94 ? 7   GLN B O   1 
ATOM   641  C  CB  . GLN B 1 7  ? -13.453 2.372   -1.171  1.00 84.35 ? 7   GLN B CB  1 
ATOM   642  C  CG  . GLN B 1 7  ? -14.015 1.064   -0.572  1.00 82.67 ? 7   GLN B CG  1 
ATOM   643  C  CD  . GLN B 1 7  ? -15.330 0.663   -1.222  1.00 80.07 ? 7   GLN B CD  1 
ATOM   644  O  OE1 . GLN B 1 7  ? -15.826 1.388   -2.117  1.00 78.99 ? 7   GLN B OE1 1 
ATOM   645  N  NE2 . GLN B 1 7  ? -15.886 -0.492  -0.807  1.00 78.40 ? 7   GLN B NE2 1 
ATOM   646  N  N   . ALA B 1 8  ? -12.464 5.025   -0.497  1.00 87.06 ? 8   ALA B N   1 
ATOM   647  C  CA  . ALA B 1 8  ? -12.200 6.438   -0.697  1.00 85.84 ? 8   ALA B CA  1 
ATOM   648  C  C   . ALA B 1 8  ? -10.732 6.764   -0.335  1.00 84.68 ? 8   ALA B C   1 
ATOM   649  O  O   . ALA B 1 8  ? -10.110 7.676   -0.899  1.00 84.29 ? 8   ALA B O   1 
ATOM   650  C  CB  . ALA B 1 8  ? -13.239 7.244   0.070   1.00 85.80 ? 8   ALA B CB  1 
ATOM   651  N  N   . GLU B 1 9  ? -10.193 5.928   0.580   1.00 83.95 ? 9   GLU B N   1 
ATOM   652  C  CA  . GLU B 1 9  ? -8.831  5.916   1.118   1.00 82.44 ? 9   GLU B CA  1 
ATOM   653  C  C   . GLU B 1 9  ? -7.848  5.266   0.147   1.00 78.51 ? 9   GLU B C   1 
ATOM   654  O  O   . GLU B 1 9  ? -6.638  5.328   0.305   1.00 78.50 ? 9   GLU B O   1 
ATOM   655  C  CB  . GLU B 1 9  ? -8.761  5.274   2.540   1.00 84.20 ? 9   GLU B CB  1 
ATOM   656  C  CG  . GLU B 1 9  ? -9.380  6.205   3.627   1.00 86.49 ? 9   GLU B CG  1 
ATOM   657  C  CD  . GLU B 1 9  ? -9.912  5.628   4.928   1.00 88.38 ? 9   GLU B CD  1 
ATOM   658  O  OE1 . GLU B 1 9  ? -9.873  4.443   5.268   1.00 89.82 ? 9   GLU B OE1 1 
ATOM   659  O  OE2 . GLU B 1 9  ? -10.419 6.591   5.692   1.00 88.05 ? 9   GLU B OE2 1 
ATOM   660  N  N   . ALA B 1 10 ? -8.357  4.604   -0.875  1.00 75.33 ? 10  ALA B N   1 
ATOM   661  C  CA  . ALA B 1 10 ? -7.413  4.049   -1.809  1.00 72.50 ? 10  ALA B CA  1 
ATOM   662  C  C   . ALA B 1 10 ? -7.198  5.076   -2.905  1.00 68.31 ? 10  ALA B C   1 
ATOM   663  O  O   . ALA B 1 10 ? -6.091  5.277   -3.390  1.00 67.54 ? 10  ALA B O   1 
ATOM   664  C  CB  . ALA B 1 10 ? -7.736  2.637   -2.280  1.00 72.64 ? 10  ALA B CB  1 
ATOM   665  N  N   . ARG B 1 11 ? -8.248  5.814   -3.205  1.00 64.90 ? 11  ARG B N   1 
ATOM   666  C  CA  . ARG B 1 11 ? -8.133  6.814   -4.224  1.00 63.82 ? 11  ARG B CA  1 
ATOM   667  C  C   . ARG B 1 11 ? -7.055  7.850   -3.993  1.00 60.90 ? 11  ARG B C   1 
ATOM   668  O  O   . ARG B 1 11 ? -6.171  8.008   -4.822  1.00 58.91 ? 11  ARG B O   1 
ATOM   669  C  CB  . ARG B 1 11 ? -9.455  7.519   -4.465  1.00 66.81 ? 11  ARG B CB  1 
ATOM   670  C  CG  . ARG B 1 11 ? -10.380 6.736   -5.391  1.00 69.73 ? 11  ARG B CG  1 
ATOM   671  C  CD  . ARG B 1 11 ? -10.605 7.331   -6.789  1.00 72.66 ? 11  ARG B CD  1 
ATOM   672  N  NE  . ARG B 1 11 ? -11.433 6.456   -7.633  1.00 75.39 ? 11  ARG B NE  1 
ATOM   673  C  CZ  . ARG B 1 11 ? -12.678 6.700   -8.054  1.00 77.55 ? 11  ARG B CZ  1 
ATOM   674  N  NH1 . ARG B 1 11 ? -13.329 7.838   -7.786  1.00 78.73 ? 11  ARG B NH1 1 
ATOM   675  N  NH2 . ARG B 1 11 ? -13.281 5.756   -8.781  1.00 78.01 ? 11  ARG B NH2 1 
ATOM   676  N  N   . ALA B 1 12 ? -7.189  8.620   -2.910  1.00 61.12 ? 12  ALA B N   1 
ATOM   677  C  CA  . ALA B 1 12 ? -6.274  9.726   -2.603  1.00 61.01 ? 12  ALA B CA  1 
ATOM   678  C  C   . ALA B 1 12 ? -4.907  9.295   -2.110  1.00 59.21 ? 12  ALA B C   1 
ATOM   679  O  O   . ALA B 1 12 ? -4.243  9.987   -1.354  1.00 59.76 ? 12  ALA B O   1 
ATOM   680  C  CB  . ALA B 1 12 ? -6.855  10.600  -1.502  1.00 61.77 ? 12  ALA B CB  1 
ATOM   681  N  N   . PHE B 1 13 ? -4.567  8.044   -2.263  1.00 56.35 ? 13  PHE B N   1 
ATOM   682  C  CA  . PHE B 1 13 ? -3.309  7.667   -1.687  1.00 53.84 ? 13  PHE B CA  1 
ATOM   683  C  C   . PHE B 1 13 ? -2.398  7.254   -2.812  1.00 48.16 ? 13  PHE B C   1 
ATOM   684  O  O   . PHE B 1 13 ? -1.169  7.362   -2.761  1.00 46.18 ? 13  PHE B O   1 
ATOM   685  C  CB  . PHE B 1 13 ? -3.560  6.581   -0.629  1.00 57.65 ? 13  PHE B CB  1 
ATOM   686  C  CG  . PHE B 1 13 ? -4.296  7.210   0.535   1.00 61.76 ? 13  PHE B CG  1 
ATOM   687  C  CD1 . PHE B 1 13 ? -5.517  7.855   0.357   1.00 63.51 ? 13  PHE B CD1 1 
ATOM   688  C  CD2 . PHE B 1 13 ? -3.766  7.189   1.824   1.00 64.15 ? 13  PHE B CD2 1 
ATOM   689  C  CE1 . PHE B 1 13 ? -6.185  8.497   1.394   1.00 65.04 ? 13  PHE B CE1 1 
ATOM   690  C  CE2 . PHE B 1 13 ? -4.433  7.765   2.906   1.00 64.98 ? 13  PHE B CE2 1 
ATOM   691  C  CZ  . PHE B 1 13 ? -5.640  8.424   2.676   1.00 65.49 ? 13  PHE B CZ  1 
ATOM   692  N  N   . LEU B 1 14 ? -3.104  6.856   -3.873  1.00 44.53 ? 14  LEU B N   1 
ATOM   693  C  CA  . LEU B 1 14 ? -2.505  6.371   -5.084  1.00 41.45 ? 14  LEU B CA  1 
ATOM   694  C  C   . LEU B 1 14 ? -2.268  7.490   -6.079  1.00 37.09 ? 14  LEU B C   1 
ATOM   695  O  O   . LEU B 1 14 ? -3.054  8.434   -6.195  1.00 34.75 ? 14  LEU B O   1 
ATOM   696  C  CB  . LEU B 1 14 ? -3.348  5.223   -5.733  1.00 43.78 ? 14  LEU B CB  1 
ATOM   697  C  CG  . LEU B 1 14 ? -3.394  3.852   -5.024  1.00 44.20 ? 14  LEU B CG  1 
ATOM   698  C  CD1 . LEU B 1 14 ? -4.702  3.135   -5.354  1.00 43.17 ? 14  LEU B CD1 1 
ATOM   699  C  CD2 . LEU B 1 14 ? -2.268  2.989   -5.593  1.00 44.95 ? 14  LEU B CD2 1 
ATOM   700  N  N   . SER B 1 15 ? -1.193  7.311   -6.843  1.00 37.00 ? 15  SER B N   1 
ATOM   701  C  CA  . SER B 1 15 ? -0.888  8.242   -7.893  1.00 38.45 ? 15  SER B CA  1 
ATOM   702  C  C   . SER B 1 15 ? -1.991  8.150   -8.925  1.00 40.14 ? 15  SER B C   1 
ATOM   703  O  O   . SER B 1 15 ? -2.663  7.131   -8.987  1.00 39.33 ? 15  SER B O   1 
ATOM   704  C  CB  . SER B 1 15 ? 0.487   8.006   -8.507  1.00 39.83 ? 15  SER B CB  1 
ATOM   705  O  OG  . SER B 1 15 ? 0.683   6.676   -8.950  1.00 41.48 ? 15  SER B OG  1 
ATOM   706  N  N   . GLU B 1 16 ? -2.163  9.197   -9.729  1.00 43.68 ? 16  GLU B N   1 
ATOM   707  C  CA  . GLU B 1 16 ? -3.136  9.266   -10.794 1.00 46.96 ? 16  GLU B CA  1 
ATOM   708  C  C   . GLU B 1 16 ? -2.858  8.174   -11.790 1.00 47.09 ? 16  GLU B C   1 
ATOM   709  O  O   . GLU B 1 16 ? -3.770  7.607   -12.355 1.00 46.72 ? 16  GLU B O   1 
ATOM   710  C  CB  . GLU B 1 16 ? -3.084  10.630  -11.483 1.00 52.69 ? 16  GLU B CB  1 
ATOM   711  C  CG  . GLU B 1 16 ? -4.495  11.246  -11.483 1.00 59.96 ? 16  GLU B CG  1 
ATOM   712  C  CD  . GLU B 1 16 ? -4.678  12.482  -10.626 1.00 66.21 ? 16  GLU B CD  1 
ATOM   713  O  OE1 . GLU B 1 16 ? -3.764  13.436  -10.842 1.00 68.85 ? 16  GLU B OE1 1 
ATOM   714  O  OE2 . GLU B 1 16 ? -5.645  12.597  -9.872  1.00 67.54 ? 16  GLU B OE2 1 
ATOM   715  N  N   . GLU B 1 17 ? -1.565  7.890   -11.948 1.00 49.45 ? 17  GLU B N   1 
ATOM   716  C  CA  . GLU B 1 17 ? -0.939  6.896   -12.822 1.00 52.47 ? 17  GLU B CA  1 
ATOM   717  C  C   . GLU B 1 17 ? -1.085  5.446   -12.380 1.00 50.13 ? 17  GLU B C   1 
ATOM   718  O  O   . GLU B 1 17 ? -1.150  4.558   -13.206 1.00 50.22 ? 17  GLU B O   1 
ATOM   719  C  CB  . GLU B 1 17 ? 0.539   7.242   -13.139 1.00 58.37 ? 17  GLU B CB  1 
ATOM   720  C  CG  . GLU B 1 17 ? 1.586   6.348   -12.450 1.00 64.19 ? 17  GLU B CG  1 
ATOM   721  C  CD  . GLU B 1 17 ? 1.965   5.133   -13.273 1.00 69.80 ? 17  GLU B CD  1 
ATOM   722  O  OE1 . GLU B 1 17 ? 1.346   4.069   -13.234 1.00 71.65 ? 17  GLU B OE1 1 
ATOM   723  O  OE2 . GLU B 1 17 ? 3.034   5.327   -14.034 1.00 71.58 ? 17  GLU B OE2 1 
ATOM   724  N  N   . MET B 1 18 ? -1.074  5.187   -11.085 1.00 48.25 ? 18  MET B N   1 
ATOM   725  C  CA  . MET B 1 18 ? -1.282  3.871   -10.520 1.00 46.94 ? 18  MET B CA  1 
ATOM   726  C  C   . MET B 1 18 ? -2.745  3.483   -10.798 1.00 40.67 ? 18  MET B C   1 
ATOM   727  O  O   . MET B 1 18 ? -3.104  2.422   -11.312 1.00 37.96 ? 18  MET B O   1 
ATOM   728  C  CB  . MET B 1 18 ? -1.109  4.040   -8.999  1.00 52.72 ? 18  MET B CB  1 
ATOM   729  C  CG  . MET B 1 18 ? -0.695  2.751   -8.332  1.00 59.60 ? 18  MET B CG  1 
ATOM   730  S  SD  . MET B 1 18 ? 0.245   1.718   -9.490  1.00 66.46 ? 18  MET B SD  1 
ATOM   731  C  CE  . MET B 1 18 ? 0.986   0.541   -8.318  1.00 66.90 ? 18  MET B CE  1 
ATOM   732  N  N   . ILE B 1 19 ? -3.623  4.415   -10.465 1.00 36.53 ? 19  ILE B N   1 
ATOM   733  C  CA  . ILE B 1 19 ? -5.027  4.224   -10.675 1.00 35.04 ? 19  ILE B CA  1 
ATOM   734  C  C   . ILE B 1 19 ? -5.418  3.991   -12.127 1.00 35.57 ? 19  ILE B C   1 
ATOM   735  O  O   . ILE B 1 19 ? -6.371  3.280   -12.399 1.00 35.56 ? 19  ILE B O   1 
ATOM   736  C  CB  . ILE B 1 19 ? -5.760  5.415   -10.108 1.00 33.95 ? 19  ILE B CB  1 
ATOM   737  C  CG1 . ILE B 1 19 ? -5.479  5.463   -8.623  1.00 32.92 ? 19  ILE B CG1 1 
ATOM   738  C  CG2 . ILE B 1 19 ? -7.269  5.387   -10.381 1.00 33.90 ? 19  ILE B CG2 1 
ATOM   739  C  CD1 . ILE B 1 19 ? -6.375  6.487   -7.965  1.00 33.27 ? 19  ILE B CD1 1 
ATOM   740  N  N   . ALA B 1 20 ? -4.743  4.631   -13.077 1.00 36.19 ? 20  ALA B N   1 
ATOM   741  C  CA  . ALA B 1 20 ? -5.064  4.448   -14.482 1.00 36.02 ? 20  ALA B CA  1 
ATOM   742  C  C   . ALA B 1 20 ? -4.673  3.034   -14.958 1.00 36.99 ? 20  ALA B C   1 
ATOM   743  O  O   . ALA B 1 20 ? -5.380  2.396   -15.718 1.00 37.24 ? 20  ALA B O   1 
ATOM   744  C  CB  . ALA B 1 20 ? -4.530  5.585   -15.346 1.00 35.05 ? 20  ALA B CB  1 
ATOM   745  N  N   . GLU B 1 21 ? -3.566  2.512   -14.463 1.00 37.64 ? 21  GLU B N   1 
ATOM   746  C  CA  . GLU B 1 21 ? -3.074  1.169   -14.704 1.00 40.03 ? 21  GLU B CA  1 
ATOM   747  C  C   . GLU B 1 21 ? -4.015  0.150   -14.061 1.00 39.10 ? 21  GLU B C   1 
ATOM   748  O  O   . GLU B 1 21 ? -4.253  -0.920  -14.613 1.00 39.74 ? 21  GLU B O   1 
ATOM   749  C  CB  . GLU B 1 21 ? -1.721  0.982   -14.007 1.00 44.80 ? 21  GLU B CB  1 
ATOM   750  C  CG  . GLU B 1 21 ? -0.578  1.669   -14.761 1.00 50.70 ? 21  GLU B CG  1 
ATOM   751  C  CD  . GLU B 1 21 ? -0.507  0.988   -16.086 1.00 56.04 ? 21  GLU B CD  1 
ATOM   752  O  OE1 . GLU B 1 21 ? -0.080  -0.148  -16.159 1.00 58.21 ? 21  GLU B OE1 1 
ATOM   753  O  OE2 . GLU B 1 21 ? -1.181  1.602   -17.049 1.00 57.41 ? 21  GLU B OE2 1 
ATOM   754  N  N   . PHE B 1 22 ? -4.551  0.450   -12.873 1.00 35.98 ? 22  PHE B N   1 
ATOM   755  C  CA  . PHE B 1 22 ? -5.506  -0.460  -12.275 1.00 34.33 ? 22  PHE B CA  1 
ATOM   756  C  C   . PHE B 1 22 ? -6.839  -0.456  -13.048 1.00 32.64 ? 22  PHE B C   1 
ATOM   757  O  O   . PHE B 1 22 ? -7.529  -1.457  -13.172 1.00 32.90 ? 22  PHE B O   1 
ATOM   758  C  CB  . PHE B 1 22 ? -5.785  -0.033  -10.845 1.00 35.95 ? 22  PHE B CB  1 
ATOM   759  C  CG  . PHE B 1 22 ? -4.666  -0.501  -10.009 1.00 39.01 ? 22  PHE B CG  1 
ATOM   760  C  CD1 . PHE B 1 22 ? -3.858  -1.511  -10.523 1.00 40.98 ? 22  PHE B CD1 1 
ATOM   761  C  CD2 . PHE B 1 22 ? -4.418  0.035   -8.746  1.00 41.48 ? 22  PHE B CD2 1 
ATOM   762  C  CE1 . PHE B 1 22 ? -2.779  -1.993  -9.781  1.00 43.05 ? 22  PHE B CE1 1 
ATOM   763  C  CE2 . PHE B 1 22 ? -3.338  -0.437  -7.996  1.00 42.88 ? 22  PHE B CE2 1 
ATOM   764  C  CZ  . PHE B 1 22 ? -2.527  -1.446  -8.520  1.00 43.44 ? 22  PHE B CZ  1 
ATOM   765  N  N   . LYS B 1 23 ? -7.238  0.692   -13.578 1.00 31.21 ? 23  LYS B N   1 
ATOM   766  C  CA  . LYS B 1 23 ? -8.462  0.803   -14.324 1.00 32.63 ? 23  LYS B CA  1 
ATOM   767  C  C   . LYS B 1 23 ? -8.419  -0.026  -15.631 1.00 30.51 ? 23  LYS B C   1 
ATOM   768  O  O   . LYS B 1 23 ? -9.391  -0.636  -16.041 1.00 28.35 ? 23  LYS B O   1 
ATOM   769  C  CB  . LYS B 1 23 ? -8.701  2.282   -14.540 1.00 36.73 ? 23  LYS B CB  1 
ATOM   770  C  CG  . LYS B 1 23 ? -10.066 2.566   -15.113 1.00 40.82 ? 23  LYS B CG  1 
ATOM   771  C  CD  . LYS B 1 23 ? -10.981 1.491   -14.576 1.00 44.94 ? 23  LYS B CD  1 
ATOM   772  C  CE  . LYS B 1 23 ? -11.706 1.851   -13.291 1.00 47.86 ? 23  LYS B CE  1 
ATOM   773  N  NZ  . LYS B 1 23 ? -13.182 1.785   -13.446 1.00 48.76 ? 23  LYS B NZ  1 
ATOM   774  N  N   . ALA B 1 24 ? -7.249  -0.066  -16.266 1.00 31.48 ? 24  ALA B N   1 
ATOM   775  C  CA  . ALA B 1 24 ? -6.975  -0.809  -17.496 1.00 31.77 ? 24  ALA B CA  1 
ATOM   776  C  C   . ALA B 1 24 ? -7.154  -2.299  -17.265 1.00 31.42 ? 24  ALA B C   1 
ATOM   777  O  O   . ALA B 1 24 ? -7.784  -2.959  -18.094 1.00 32.09 ? 24  ALA B O   1 
ATOM   778  C  CB  . ALA B 1 24 ? -5.556  -0.568  -18.001 1.00 31.00 ? 24  ALA B CB  1 
ATOM   779  N  N   . ALA B 1 25 ? -6.575  -2.756  -16.142 1.00 29.59 ? 25  ALA B N   1 
ATOM   780  C  CA  . ALA B 1 25 ? -6.647  -4.121  -15.674 1.00 29.78 ? 25  ALA B CA  1 
ATOM   781  C  C   . ALA B 1 25 ? -8.093  -4.430  -15.365 1.00 30.33 ? 25  ALA B C   1 
ATOM   782  O  O   . ALA B 1 25 ? -8.628  -5.427  -15.821 1.00 31.93 ? 25  ALA B O   1 
ATOM   783  C  CB  . ALA B 1 25 ? -5.861  -4.337  -14.389 1.00 29.90 ? 25  ALA B CB  1 
ATOM   784  N  N   . PHE B 1 26 ? -8.758  -3.574  -14.612 1.00 26.99 ? 26  PHE B N   1 
ATOM   785  C  CA  . PHE B 1 26 ? -10.145 -3.832  -14.288 1.00 25.50 ? 26  PHE B CA  1 
ATOM   786  C  C   . PHE B 1 26 ? -11.006 -4.011  -15.522 1.00 26.79 ? 26  PHE B C   1 
ATOM   787  O  O   . PHE B 1 26 ? -11.970 -4.785  -15.607 1.00 24.81 ? 26  PHE B O   1 
ATOM   788  C  CB  . PHE B 1 26 ? -10.697 -2.582  -13.586 1.00 23.75 ? 26  PHE B CB  1 
ATOM   789  C  CG  . PHE B 1 26 ? -12.156 -2.707  -13.221 1.00 20.71 ? 26  PHE B CG  1 
ATOM   790  C  CD1 . PHE B 1 26 ? -12.560 -3.438  -12.107 1.00 19.17 ? 26  PHE B CD1 1 
ATOM   791  C  CD2 . PHE B 1 26 ? -13.114 -2.014  -13.953 1.00 20.02 ? 26  PHE B CD2 1 
ATOM   792  C  CE1 . PHE B 1 26 ? -13.899 -3.522  -11.749 1.00 18.38 ? 26  PHE B CE1 1 
ATOM   793  C  CE2 . PHE B 1 26 ? -14.458 -2.053  -13.602 1.00 20.16 ? 26  PHE B CE2 1 
ATOM   794  C  CZ  . PHE B 1 26 ? -14.836 -2.816  -12.497 1.00 19.48 ? 26  PHE B CZ  1 
ATOM   795  N  N   . ASP B 1 27 ? -10.719 -3.153  -16.468 1.00 29.13 ? 27  ASP B N   1 
ATOM   796  C  CA  . ASP B 1 27 ? -11.472 -3.162  -17.700 1.00 31.41 ? 27  ASP B CA  1 
ATOM   797  C  C   . ASP B 1 27 ? -11.294 -4.482  -18.409 1.00 32.96 ? 27  ASP B C   1 
ATOM   798  O  O   . ASP B 1 27 ? -12.201 -5.020  -19.022 1.00 33.00 ? 27  ASP B O   1 
ATOM   799  C  CB  . ASP B 1 27 ? -11.028 -1.989  -18.575 1.00 32.13 ? 27  ASP B CB  1 
ATOM   800  C  CG  . ASP B 1 27 ? -11.727 -0.717  -18.191 1.00 34.62 ? 27  ASP B CG  1 
ATOM   801  O  OD1 . ASP B 1 27 ? -12.652 -0.861  -17.282 1.00 34.17 ? 27  ASP B OD1 1 
ATOM   802  O  OD2 . ASP B 1 27 ? -11.551 0.328   -18.760 1.00 36.74 ? 27  ASP B OD2 1 
ATOM   803  N  N   . MET B 1 28 ? -10.117 -5.029  -18.323 1.00 35.41 ? 28  MET B N   1 
ATOM   804  C  CA  . MET B 1 28 ? -9.946  -6.294  -19.003 1.00 40.86 ? 28  MET B CA  1 
ATOM   805  C  C   . MET B 1 28 ? -10.799 -7.397  -18.376 1.00 36.95 ? 28  MET B C   1 
ATOM   806  O  O   . MET B 1 28 ? -11.318 -8.249  -19.095 1.00 37.50 ? 28  MET B O   1 
ATOM   807  C  CB  . MET B 1 28 ? -8.461  -6.684  -19.187 1.00 49.94 ? 28  MET B CB  1 
ATOM   808  C  CG  . MET B 1 28 ? -7.945  -6.331  -20.582 1.00 59.15 ? 28  MET B CG  1 
ATOM   809  S  SD  . MET B 1 28 ? -6.885  -4.847  -20.686 1.00 66.83 ? 28  MET B SD  1 
ATOM   810  C  CE  . MET B 1 28 ? -8.143  -3.531  -20.803 1.00 67.06 ? 28  MET B CE  1 
ATOM   811  N  N   . PHE B 1 29 ? -10.976 -7.369  -17.047 1.00 31.54 ? 29  PHE B N   1 
ATOM   812  C  CA  . PHE B 1 29 ? -11.787 -8.368  -16.380 1.00 27.60 ? 29  PHE B CA  1 
ATOM   813  C  C   . PHE B 1 29 ? -13.251 -8.151  -16.662 1.00 23.51 ? 29  PHE B C   1 
ATOM   814  O  O   . PHE B 1 29 ? -14.003 -9.118  -16.816 1.00 21.82 ? 29  PHE B O   1 
ATOM   815  C  CB  . PHE B 1 29 ? -11.617 -8.421  -14.858 1.00 29.04 ? 29  PHE B CB  1 
ATOM   816  C  CG  . PHE B 1 29 ? -10.317 -8.954  -14.321 1.00 32.15 ? 29  PHE B CG  1 
ATOM   817  C  CD1 . PHE B 1 29 ? -9.182  -8.150  -14.280 1.00 33.41 ? 29  PHE B CD1 1 
ATOM   818  C  CD2 . PHE B 1 29 ? -10.232 -10.238 -13.778 1.00 35.49 ? 29  PHE B CD2 1 
ATOM   819  C  CE1 . PHE B 1 29 ? -7.982  -8.613  -13.738 1.00 35.27 ? 29  PHE B CE1 1 
ATOM   820  C  CE2 . PHE B 1 29 ? -9.029  -10.727 -13.260 1.00 36.63 ? 29  PHE B CE2 1 
ATOM   821  C  CZ  . PHE B 1 29 ? -7.901  -9.908  -13.231 1.00 35.70 ? 29  PHE B CZ  1 
ATOM   822  N  N   . ASP B 1 30 ? -13.652 -6.872  -16.680 1.00 19.43 ? 30  ASP B N   1 
ATOM   823  C  CA  . ASP B 1 30 ? -15.013 -6.507  -16.863 1.00 19.79 ? 30  ASP B CA  1 
ATOM   824  C  C   . ASP B 1 30 ? -15.416 -6.586  -18.316 1.00 25.22 ? 30  ASP B C   1 
ATOM   825  O  O   . ASP B 1 30 ? -15.770 -5.625  -18.995 1.00 25.09 ? 30  ASP B O   1 
ATOM   826  C  CB  . ASP B 1 30 ? -15.309 -5.156  -16.190 1.00 20.40 ? 30  ASP B CB  1 
ATOM   827  C  CG  . ASP B 1 30 ? -16.721 -4.628  -16.336 1.00 20.77 ? 30  ASP B CG  1 
ATOM   828  O  OD1 . ASP B 1 30 ? -17.642 -5.586  -16.425 1.00 20.26 ? 30  ASP B OD1 1 
ATOM   829  O  OD2 . ASP B 1 30 ? -16.987 -3.403  -16.348 1.00 21.77 ? 30  ASP B OD2 1 
ATOM   830  N  N   . ALA B 1 31 ? -15.414 -7.829  -18.798 1.00 28.51 ? 31  ALA B N   1 
ATOM   831  C  CA  . ALA B 1 31 ? -15.722 -8.161  -20.182 1.00 26.62 ? 31  ALA B CA  1 
ATOM   832  C  C   . ALA B 1 31 ? -16.932 -7.467  -20.746 1.00 24.48 ? 31  ALA B C   1 
ATOM   833  O  O   . ALA B 1 31 ? -16.920 -7.077  -21.902 1.00 27.00 ? 31  ALA B O   1 
ATOM   834  C  CB  . ALA B 1 31 ? -15.827 -9.677  -20.307 1.00 26.00 ? 31  ALA B CB  1 
ATOM   835  N  N   . ASP B 1 32 ? -18.008 -7.356  -20.007 1.00 20.61 ? 32  ASP B N   1 
ATOM   836  C  CA  . ASP B 1 32 ? -19.180 -6.729  -20.577 1.00 20.22 ? 32  ASP B CA  1 
ATOM   837  C  C   . ASP B 1 32 ? -19.198 -5.230  -20.382 1.00 22.61 ? 32  ASP B C   1 
ATOM   838  O  O   . ASP B 1 32 ? -20.202 -4.620  -20.728 1.00 24.65 ? 32  ASP B O   1 
ATOM   839  C  CB  . ASP B 1 32 ? -20.521 -7.306  -20.123 1.00 20.12 ? 32  ASP B CB  1 
ATOM   840  C  CG  . ASP B 1 32 ? -20.801 -7.050  -18.654 1.00 23.41 ? 32  ASP B CG  1 
ATOM   841  O  OD1 . ASP B 1 32 ? -19.984 -6.539  -17.893 1.00 22.18 ? 32  ASP B OD1 1 
ATOM   842  O  OD2 . ASP B 1 32 ? -21.962 -7.509  -18.237 1.00 25.16 ? 32  ASP B OD2 1 
ATOM   843  N  N   . GLY B 1 33 ? -18.126 -4.694  -19.796 1.00 22.20 ? 33  GLY B N   1 
ATOM   844  C  CA  . GLY B 1 33 ? -18.068 -3.264  -19.503 1.00 23.32 ? 33  GLY B CA  1 
ATOM   845  C  C   . GLY B 1 33 ? -19.233 -2.685  -18.647 1.00 23.69 ? 33  GLY B C   1 
ATOM   846  O  O   . GLY B 1 33 ? -19.527 -1.513  -18.738 1.00 27.25 ? 33  GLY B O   1 
ATOM   847  N  N   . GLY B 1 34 ? -19.937 -3.399  -17.771 1.00 18.47 ? 34  GLY B N   1 
ATOM   848  C  CA  . GLY B 1 34 ? -21.019 -2.807  -17.015 1.00 16.85 ? 34  GLY B CA  1 
ATOM   849  C  C   . GLY B 1 34 ? -20.559 -2.281  -15.675 1.00 17.32 ? 34  GLY B C   1 
ATOM   850  O  O   . GLY B 1 34 ? -21.419 -1.893  -14.910 1.00 21.08 ? 34  GLY B O   1 
ATOM   851  N  N   . GLY B 1 35 ? -19.276 -2.318  -15.377 1.00 16.08 ? 35  GLY B N   1 
ATOM   852  C  CA  . GLY B 1 35 ? -18.815 -1.712  -14.133 1.00 17.94 ? 35  GLY B CA  1 
ATOM   853  C  C   . GLY B 1 35 ? -18.582 -2.622  -12.925 1.00 20.07 ? 35  GLY B C   1 
ATOM   854  O  O   . GLY B 1 35 ? -18.204 -2.189  -11.838 1.00 20.73 ? 35  GLY B O   1 
ATOM   855  N  N   . ASP B 1 36 ? -18.728 -3.935  -13.056 1.00 18.94 ? 36  ASP B N   1 
ATOM   856  C  CA  . ASP B 1 36 ? -18.415 -4.825  -11.961 1.00 18.29 ? 36  ASP B CA  1 
ATOM   857  C  C   . ASP B 1 36 ? -18.026 -6.194  -12.519 1.00 19.94 ? 36  ASP B C   1 
ATOM   858  O  O   . ASP B 1 36 ? -18.400 -6.542  -13.634 1.00 18.99 ? 36  ASP B O   1 
ATOM   859  C  CB  . ASP B 1 36 ? -19.475 -4.926  -10.867 1.00 18.85 ? 36  ASP B CB  1 
ATOM   860  C  CG  . ASP B 1 36 ? -20.852 -5.401  -11.216 1.00 22.30 ? 36  ASP B CG  1 
ATOM   861  O  OD1 . ASP B 1 36 ? -21.099 -5.604  -12.465 1.00 22.53 ? 36  ASP B OD1 1 
ATOM   862  O  OD2 . ASP B 1 36 ? -21.715 -5.577  -10.385 1.00 24.47 ? 36  ASP B OD2 1 
ATOM   863  N  N   . ILE B 1 37 ? -17.247 -6.923  -11.777 1.00 18.49 ? 37  ILE B N   1 
ATOM   864  C  CA  . ILE B 1 37 ? -16.781 -8.221  -12.224 1.00 17.10 ? 37  ILE B CA  1 
ATOM   865  C  C   . ILE B 1 37 ? -17.556 -9.319  -11.527 1.00 17.26 ? 37  ILE B C   1 
ATOM   866  O  O   . ILE B 1 37 ? -17.618 -9.363  -10.287 1.00 15.74 ? 37  ILE B O   1 
ATOM   867  C  CB  . ILE B 1 37 ? -15.323 -8.283  -11.835 1.00 17.21 ? 37  ILE B CB  1 
ATOM   868  C  CG1 . ILE B 1 37 ? -14.537 -7.161  -12.484 1.00 16.48 ? 37  ILE B CG1 1 
ATOM   869  C  CG2 . ILE B 1 37 ? -14.688 -9.636  -12.178 1.00 19.49 ? 37  ILE B CG2 1 
ATOM   870  C  CD1 . ILE B 1 37 ? -13.096 -7.103  -11.964 1.00 18.53 ? 37  ILE B CD1 1 
ATOM   871  N  N   . SER B 1 38 ? -18.221 -10.183 -12.325 1.00 16.53 ? 38  SER B N   1 
ATOM   872  C  CA  . SER B 1 38 ? -19.014 -11.323 -11.793 1.00 16.68 ? 38  SER B CA  1 
ATOM   873  C  C   . SER B 1 38 ? -18.149 -12.598 -11.709 1.00 16.71 ? 38  SER B C   1 
ATOM   874  O  O   . SER B 1 38 ? -17.044 -12.641 -12.228 1.00 17.14 ? 38  SER B O   1 
ATOM   875  C  CB  . SER B 1 38 ? -20.106 -11.733 -12.783 1.00 19.71 ? 38  SER B CB  1 
ATOM   876  O  OG  . SER B 1 38 ? -19.422 -12.154 -13.986 1.00 20.39 ? 38  SER B OG  1 
ATOM   877  N  N   . THR B 1 39 ? -18.630 -13.664 -11.077 1.00 17.36 ? 39  THR B N   1 
ATOM   878  C  CA  . THR B 1 39 ? -17.805 -14.879 -11.030 1.00 18.41 ? 39  THR B CA  1 
ATOM   879  C  C   . THR B 1 39 ? -17.544 -15.365 -12.437 1.00 18.20 ? 39  THR B C   1 
ATOM   880  O  O   . THR B 1 39 ? -16.482 -15.902 -12.694 1.00 21.15 ? 39  THR B O   1 
ATOM   881  C  CB  . THR B 1 39 ? -18.473 -16.035 -10.280 1.00 19.16 ? 39  THR B CB  1 
ATOM   882  O  OG1 . THR B 1 39 ? -19.800 -16.172 -10.791 1.00 18.02 ? 39  THR B OG1 1 
ATOM   883  C  CG2 . THR B 1 39 ? -18.546 -15.664 -8.782  1.00 20.03 ? 39  THR B CG2 1 
ATOM   884  N  N   . LYS B 1 40 ? -18.474 -15.168 -13.341 1.00 17.75 ? 40  LYS B N   1 
ATOM   885  C  CA  . LYS B 1 40 ? -18.237 -15.678 -14.702 1.00 19.24 ? 40  LYS B CA  1 
ATOM   886  C  C   . LYS B 1 40 ? -17.021 -15.049 -15.347 1.00 19.10 ? 40  LYS B C   1 
ATOM   887  O  O   . LYS B 1 40 ? -16.116 -15.663 -15.956 1.00 18.78 ? 40  LYS B O   1 
ATOM   888  C  CB  . LYS B 1 40 ? -19.521 -15.596 -15.496 1.00 23.06 ? 40  LYS B CB  1 
ATOM   889  C  CG  . LYS B 1 40 ? -19.305 -15.744 -16.967 1.00 31.04 ? 40  LYS B CG  1 
ATOM   890  C  CD  . LYS B 1 40 ? -20.525 -15.278 -17.724 1.00 37.62 ? 40  LYS B CD  1 
ATOM   891  C  CE  . LYS B 1 40 ? -20.145 -14.325 -18.854 1.00 42.88 ? 40  LYS B CE  1 
ATOM   892  N  NZ  . LYS B 1 40 ? -21.361 -13.793 -19.493 1.00 46.72 ? 40  LYS B NZ  1 
ATOM   893  N  N   . GLU B 1 41 ? -16.954 -13.730 -15.132 1.00 17.08 ? 41  GLU B N   1 
ATOM   894  C  CA  . GLU B 1 41 ? -15.859 -12.974 -15.670 1.00 15.02 ? 41  GLU B CA  1 
ATOM   895  C  C   . GLU B 1 41 ? -14.552 -13.262 -15.009 1.00 16.12 ? 41  GLU B C   1 
ATOM   896  O  O   . GLU B 1 41 ? -13.515 -13.313 -15.669 1.00 19.75 ? 41  GLU B O   1 
ATOM   897  C  CB  . GLU B 1 41 ? -16.175 -11.441 -15.693 1.00 15.98 ? 41  GLU B CB  1 
ATOM   898  C  CG  . GLU B 1 41 ? -17.330 -10.995 -16.607 1.00 17.39 ? 41  GLU B CG  1 
ATOM   899  C  CD  . GLU B 1 41 ? -17.761 -9.573  -16.303 1.00 22.21 ? 41  GLU B CD  1 
ATOM   900  O  OE1 . GLU B 1 41 ? -17.668 -9.074  -15.176 1.00 21.96 ? 41  GLU B OE1 1 
ATOM   901  O  OE2 . GLU B 1 41 ? -18.300 -8.975  -17.360 1.00 21.11 ? 41  GLU B OE2 1 
ATOM   902  N  N   . LEU B 1 42 ? -14.551 -13.441 -13.698 1.00 15.27 ? 42  LEU B N   1 
ATOM   903  C  CA  . LEU B 1 42 ? -13.315 -13.681 -13.014 1.00 16.13 ? 42  LEU B CA  1 
ATOM   904  C  C   . LEU B 1 42 ? -12.826 -15.064 -13.405 1.00 18.33 ? 42  LEU B C   1 
ATOM   905  O  O   . LEU B 1 42 ? -11.646 -15.302 -13.605 1.00 19.72 ? 42  LEU B O   1 
ATOM   906  C  CB  . LEU B 1 42 ? -13.715 -13.700 -11.529 1.00 18.89 ? 42  LEU B CB  1 
ATOM   907  C  CG  . LEU B 1 42 ? -12.551 -13.748 -10.558 1.00 22.18 ? 42  LEU B CG  1 
ATOM   908  C  CD1 . LEU B 1 42 ? -11.687 -12.542 -10.821 1.00 24.41 ? 42  LEU B CD1 1 
ATOM   909  C  CD2 . LEU B 1 42 ? -13.128 -13.720 -9.151  1.00 22.51 ? 42  LEU B CD2 1 
ATOM   910  N  N   . GLY B 1 43 ? -13.748 -16.002 -13.430 1.00 18.77 ? 43  GLY B N   1 
ATOM   911  C  CA  . GLY B 1 43 ? -13.362 -17.368 -13.775 1.00 20.42 ? 43  GLY B CA  1 
ATOM   912  C  C   . GLY B 1 43 ? -12.835 -17.415 -15.203 1.00 22.14 ? 43  GLY B C   1 
ATOM   913  O  O   . GLY B 1 43 ? -11.867 -18.137 -15.434 1.00 23.24 ? 43  GLY B O   1 
ATOM   914  N  N   . THR B 1 44 ? -13.456 -16.648 -16.116 1.00 22.46 ? 44  THR B N   1 
ATOM   915  C  CA  . THR B 1 44 ? -12.988 -16.539 -17.472 1.00 25.89 ? 44  THR B CA  1 
ATOM   916  C  C   . THR B 1 44 ? -11.565 -16.076 -17.566 1.00 32.56 ? 44  THR B C   1 
ATOM   917  O  O   . THR B 1 44 ? -10.859 -16.662 -18.391 1.00 35.67 ? 44  THR B O   1 
ATOM   918  C  CB  . THR B 1 44 ? -13.802 -15.666 -18.403 1.00 24.46 ? 44  THR B CB  1 
ATOM   919  O  OG1 . THR B 1 44 ? -15.063 -16.277 -18.591 1.00 24.08 ? 44  THR B OG1 1 
ATOM   920  C  CG2 . THR B 1 44 ? -13.064 -15.576 -19.717 1.00 24.03 ? 44  THR B CG2 1 
ATOM   921  N  N   . VAL B 1 45 ? -11.127 -15.069 -16.761 1.00 34.64 ? 45  VAL B N   1 
ATOM   922  C  CA  . VAL B 1 45 ? -9.748  -14.535 -16.724 1.00 33.32 ? 45  VAL B CA  1 
ATOM   923  C  C   . VAL B 1 45 ? -8.728  -15.509 -16.082 1.00 36.10 ? 45  VAL B C   1 
ATOM   924  O  O   . VAL B 1 45 ? -7.614  -15.730 -16.575 1.00 37.07 ? 45  VAL B O   1 
ATOM   925  C  CB  . VAL B 1 45 ? -9.669  -13.084 -16.199 1.00 32.14 ? 45  VAL B CB  1 
ATOM   926  C  CG1 . VAL B 1 45 ? -8.226  -12.654 -15.963 1.00 32.64 ? 45  VAL B CG1 1 
ATOM   927  C  CG2 . VAL B 1 45 ? -10.253 -12.130 -17.224 1.00 30.72 ? 45  VAL B CG2 1 
ATOM   928  N  N   . MET B 1 46 ? -9.095  -16.139 -14.965 1.00 36.87 ? 46  MET B N   1 
ATOM   929  C  CA  . MET B 1 46 ? -8.249  -17.115 -14.279 1.00 38.27 ? 46  MET B CA  1 
ATOM   930  C  C   . MET B 1 46 ? -7.823  -18.280 -15.184 1.00 40.15 ? 46  MET B C   1 
ATOM   931  O  O   . MET B 1 46 ? -6.669  -18.710 -15.152 1.00 41.01 ? 46  MET B O   1 
ATOM   932  C  CB  . MET B 1 46 ? -8.906  -17.613 -12.963 1.00 37.68 ? 46  MET B CB  1 
ATOM   933  C  CG  . MET B 1 46 ? -8.756  -16.591 -11.849 1.00 38.56 ? 46  MET B CG  1 
ATOM   934  S  SD  . MET B 1 46 ? -9.891  -16.913 -10.505 1.00 40.37 ? 46  MET B SD  1 
ATOM   935  C  CE  . MET B 1 46 ? -8.904  -17.815 -9.274  1.00 38.83 ? 46  MET B CE  1 
ATOM   936  N  N   . ARG B 1 47 ? -8.783  -18.809 -15.946 1.00 40.45 ? 47  ARG B N   1 
ATOM   937  C  CA  . ARG B 1 47 ? -8.557  -19.863 -16.878 1.00 41.34 ? 47  ARG B CA  1 
ATOM   938  C  C   . ARG B 1 47 ? -7.634  -19.333 -17.943 1.00 47.56 ? 47  ARG B C   1 
ATOM   939  O  O   . ARG B 1 47 ? -6.678  -20.029 -18.296 1.00 50.42 ? 47  ARG B O   1 
ATOM   940  C  CB  . ARG B 1 47 ? -9.843  -20.360 -17.444 1.00 38.21 ? 47  ARG B CB  1 
ATOM   941  C  CG  . ARG B 1 47 ? -10.559 -20.924 -16.261 1.00 39.72 ? 47  ARG B CG  1 
ATOM   942  C  CD  . ARG B 1 47 ? -11.449 -22.026 -16.754 1.00 45.18 ? 47  ARG B CD  1 
ATOM   943  N  NE  . ARG B 1 47 ? -12.051 -22.816 -15.688 1.00 49.70 ? 47  ARG B NE  1 
ATOM   944  C  CZ  . ARG B 1 47 ? -12.824 -22.294 -14.751 1.00 52.88 ? 47  ARG B CZ  1 
ATOM   945  N  NH1 . ARG B 1 47 ? -13.060 -20.982 -14.796 1.00 53.76 ? 47  ARG B NH1 1 
ATOM   946  N  NH2 . ARG B 1 47 ? -13.353 -23.050 -13.789 1.00 54.24 ? 47  ARG B NH2 1 
ATOM   947  N  N   . MET B 1 48 ? -7.861  -18.108 -18.412 1.00 49.79 ? 48  MET B N   1 
ATOM   948  C  CA  . MET B 1 48 ? -6.926  -17.567 -19.374 1.00 54.53 ? 48  MET B CA  1 
ATOM   949  C  C   . MET B 1 48 ? -5.529  -17.543 -18.755 1.00 55.85 ? 48  MET B C   1 
ATOM   950  O  O   . MET B 1 48 ? -4.543  -17.457 -19.467 1.00 57.55 ? 48  MET B O   1 
ATOM   951  C  CB  . MET B 1 48 ? -7.257  -16.148 -19.869 1.00 58.73 ? 48  MET B CB  1 
ATOM   952  C  CG  . MET B 1 48 ? -8.145  -16.035 -21.103 1.00 62.81 ? 48  MET B CG  1 
ATOM   953  S  SD  . MET B 1 48 ? -8.427  -14.281 -21.513 1.00 66.22 ? 48  MET B SD  1 
ATOM   954  C  CE  . MET B 1 48 ? -6.837  -13.656 -20.894 1.00 66.34 ? 48  MET B CE  1 
ATOM   955  N  N   . LEU B 1 49 ? -5.433  -17.653 -17.433 1.00 56.02 ? 49  LEU B N   1 
ATOM   956  C  CA  . LEU B 1 49 ? -4.139  -17.678 -16.772 1.00 57.36 ? 49  LEU B CA  1 
ATOM   957  C  C   . LEU B 1 49 ? -3.761  -19.064 -16.233 1.00 58.35 ? 49  LEU B C   1 
ATOM   958  O  O   . LEU B 1 49 ? -2.968  -19.205 -15.297 1.00 58.41 ? 49  LEU B O   1 
ATOM   959  C  CB  . LEU B 1 49 ? -3.867  -16.556 -15.734 1.00 58.10 ? 49  LEU B CB  1 
ATOM   960  C  CG  . LEU B 1 49 ? -4.553  -15.191 -15.921 1.00 58.02 ? 49  LEU B CG  1 
ATOM   961  C  CD1 . LEU B 1 49 ? -4.162  -14.262 -14.772 1.00 57.99 ? 49  LEU B CD1 1 
ATOM   962  C  CD2 . LEU B 1 49 ? -4.196  -14.526 -17.245 1.00 57.28 ? 49  LEU B CD2 1 
ATOM   963  N  N   . GLY B 1 50 ? -4.320  -20.099 -16.862 1.00 58.76 ? 50  GLY B N   1 
ATOM   964  C  CA  . GLY B 1 50 ? -4.007  -21.470 -16.505 1.00 59.80 ? 50  GLY B CA  1 
ATOM   965  C  C   . GLY B 1 50 ? -4.361  -21.837 -15.081 1.00 61.27 ? 50  GLY B C   1 
ATOM   966  O  O   . GLY B 1 50 ? -3.568  -22.391 -14.306 1.00 62.33 ? 50  GLY B O   1 
ATOM   967  N  N   . GLN B 1 51 ? -5.594  -21.521 -14.750 1.00 60.87 ? 51  GLN B N   1 
ATOM   968  C  CA  . GLN B 1 51 ? -6.119  -21.833 -13.455 1.00 61.30 ? 51  GLN B CA  1 
ATOM   969  C  C   . GLN B 1 51 ? -7.466  -22.425 -13.723 1.00 59.04 ? 51  GLN B C   1 
ATOM   970  O  O   . GLN B 1 51 ? -8.044  -22.116 -14.751 1.00 59.60 ? 51  GLN B O   1 
ATOM   971  C  CB  . GLN B 1 51 ? -6.323  -20.537 -12.651 1.00 65.51 ? 51  GLN B CB  1 
ATOM   972  C  CG  . GLN B 1 51 ? -5.141  -19.555 -12.761 1.00 69.26 ? 51  GLN B CG  1 
ATOM   973  C  CD  . GLN B 1 51 ? -4.282  -19.519 -11.498 1.00 72.25 ? 51  GLN B CD  1 
ATOM   974  O  OE1 . GLN B 1 51 ? -4.481  -18.665 -10.599 1.00 73.04 ? 51  GLN B OE1 1 
ATOM   975  N  NE2 . GLN B 1 51 ? -3.284  -20.419 -11.451 1.00 72.91 ? 51  GLN B NE2 1 
ATOM   976  N  N   . ASN B 1 52 ? -7.953  -23.263 -12.835 1.00 58.24 ? 52  ASN B N   1 
ATOM   977  C  CA  . ASN B 1 52 ? -9.286  -23.812 -12.985 1.00 59.51 ? 52  ASN B CA  1 
ATOM   978  C  C   . ASN B 1 52 ? -9.995  -23.696 -11.664 1.00 55.62 ? 52  ASN B C   1 
ATOM   979  O  O   . ASN B 1 52 ? -10.014 -24.627 -10.854 1.00 57.14 ? 52  ASN B O   1 
ATOM   980  C  CB  . ASN B 1 52 ? -9.433  -25.237 -13.555 1.00 64.22 ? 52  ASN B CB  1 
ATOM   981  C  CG  . ASN B 1 52 ? -8.102  -25.823 -13.959 1.00 68.82 ? 52  ASN B CG  1 
ATOM   982  O  OD1 . ASN B 1 52 ? -7.531  -26.635 -13.202 1.00 71.63 ? 52  ASN B OD1 1 
ATOM   983  N  ND2 . ASN B 1 52 ? -7.589  -25.370 -15.115 1.00 68.83 ? 52  ASN B ND2 1 
ATOM   984  N  N   . PRO B 1 53 ? -10.517 -22.506 -11.433 1.00 49.49 ? 53  PRO B N   1 
ATOM   985  C  CA  . PRO B 1 53 ? -11.207 -22.303 -10.198 1.00 46.20 ? 53  PRO B CA  1 
ATOM   986  C  C   . PRO B 1 53 ? -12.566 -22.972 -10.198 1.00 44.18 ? 53  PRO B C   1 
ATOM   987  O  O   . PRO B 1 53 ? -13.209 -23.175 -11.215 1.00 43.32 ? 53  PRO B O   1 
ATOM   988  C  CB  . PRO B 1 53 ? -11.345 -20.790 -10.043 1.00 45.46 ? 53  PRO B CB  1 
ATOM   989  C  CG  . PRO B 1 53 ? -10.847 -20.156 -11.338 1.00 45.28 ? 53  PRO B CG  1 
ATOM   990  C  CD  . PRO B 1 53 ? -10.042 -21.227 -12.041 1.00 46.80 ? 53  PRO B CD  1 
ATOM   991  N  N   . THR B 1 54 ? -13.016 -23.267 -8.992  1.00 45.38 ? 54  THR B N   1 
ATOM   992  C  CA  . THR B 1 54 ? -14.323 -23.855 -8.689  1.00 45.93 ? 54  THR B CA  1 
ATOM   993  C  C   . THR B 1 54 ? -15.285 -22.728 -8.413  1.00 44.27 ? 54  THR B C   1 
ATOM   994  O  O   . THR B 1 54 ? -14.802 -21.673 -8.017  1.00 44.45 ? 54  THR B O   1 
ATOM   995  C  CB  . THR B 1 54 ? -14.238 -24.769 -7.446  1.00 46.89 ? 54  THR B CB  1 
ATOM   996  O  OG1 . THR B 1 54 ? -13.006 -24.531 -6.758  1.00 48.97 ? 54  THR B OG1 1 
ATOM   997  C  CG2 . THR B 1 54 ? -14.264 -26.211 -7.950  1.00 46.43 ? 54  THR B CG2 1 
ATOM   998  N  N   . LYS B 1 55 ? -16.591 -22.914 -8.630  1.00 42.17 ? 55  LYS B N   1 
ATOM   999  C  CA  . LYS B 1 55 ? -17.477 -21.817 -8.323  1.00 42.29 ? 55  LYS B CA  1 
ATOM   1000 C  C   . LYS B 1 55 ? -17.335 -21.356 -6.888  1.00 44.97 ? 55  LYS B C   1 
ATOM   1001 O  O   . LYS B 1 55 ? -17.645 -20.201 -6.636  1.00 45.36 ? 55  LYS B O   1 
ATOM   1002 C  CB  . LYS B 1 55 ? -18.946 -21.958 -8.642  1.00 40.56 ? 55  LYS B CB  1 
ATOM   1003 C  CG  . LYS B 1 55 ? -19.462 -20.638 -9.163  1.00 39.75 ? 55  LYS B CG  1 
ATOM   1004 C  CD  . LYS B 1 55 ? -20.811 -20.287 -8.631  1.00 41.21 ? 55  LYS B CD  1 
ATOM   1005 C  CE  . LYS B 1 55 ? -20.982 -18.799 -8.825  1.00 43.77 ? 55  LYS B CE  1 
ATOM   1006 N  NZ  . LYS B 1 55 ? -22.024 -18.183 -7.995  1.00 45.40 ? 55  LYS B NZ  1 
ATOM   1007 N  N   . GLU B 1 56 ? -16.879 -22.264 -6.007  1.00 47.23 ? 56  GLU B N   1 
ATOM   1008 C  CA  . GLU B 1 56 ? -16.664 -22.021 -4.584  1.00 49.48 ? 56  GLU B CA  1 
ATOM   1009 C  C   . GLU B 1 56 ? -15.464 -21.148 -4.395  1.00 45.55 ? 56  GLU B C   1 
ATOM   1010 O  O   . GLU B 1 56 ? -15.491 -20.179 -3.647  1.00 46.78 ? 56  GLU B O   1 
ATOM   1011 C  CB  . GLU B 1 56 ? -16.454 -23.308 -3.749  1.00 55.81 ? 56  GLU B CB  1 
ATOM   1012 C  CG  . GLU B 1 56 ? -17.715 -23.695 -2.928  1.00 61.95 ? 56  GLU B CG  1 
ATOM   1013 C  CD  . GLU B 1 56 ? -17.563 -24.717 -1.811  1.00 67.36 ? 56  GLU B CD  1 
ATOM   1014 O  OE1 . GLU B 1 56 ? -17.162 -24.175 -0.673  1.00 69.38 ? 56  GLU B OE1 1 
ATOM   1015 O  OE2 . GLU B 1 56 ? -17.869 -25.909 -1.940  1.00 68.94 ? 56  GLU B OE2 1 
ATOM   1016 N  N   . GLU B 1 57 ? -14.421 -21.504 -5.104  1.00 41.65 ? 57  GLU B N   1 
ATOM   1017 C  CA  . GLU B 1 57 ? -13.213 -20.725 -5.075  1.00 39.92 ? 57  GLU B CA  1 
ATOM   1018 C  C   . GLU B 1 57 ? -13.546 -19.289 -5.453  1.00 34.45 ? 57  GLU B C   1 
ATOM   1019 O  O   . GLU B 1 57 ? -13.174 -18.338 -4.797  1.00 33.09 ? 57  GLU B O   1 
ATOM   1020 C  CB  . GLU B 1 57 ? -12.220 -21.247 -6.136  1.00 45.15 ? 57  GLU B CB  1 
ATOM   1021 C  CG  . GLU B 1 57 ? -10.784 -21.513 -5.638  1.00 52.08 ? 57  GLU B CG  1 
ATOM   1022 C  CD  . GLU B 1 57 ? -9.653  -21.193 -6.608  1.00 58.30 ? 57  GLU B CD  1 
ATOM   1023 O  OE1 . GLU B 1 57 ? -9.630  -20.235 -7.397  1.00 60.00 ? 57  GLU B OE1 1 
ATOM   1024 O  OE2 . GLU B 1 57 ? -8.643  -22.037 -6.448  1.00 60.14 ? 57  GLU B OE2 1 
ATOM   1025 N  N   . LEU B 1 58 ? -14.198 -19.123 -6.586  1.00 30.23 ? 58  LEU B N   1 
ATOM   1026 C  CA  . LEU B 1 58 ? -14.506 -17.808 -7.107  1.00 27.11 ? 58  LEU B CA  1 
ATOM   1027 C  C   . LEU B 1 58 ? -15.352 -17.034 -6.106  1.00 26.55 ? 58  LEU B C   1 
ATOM   1028 O  O   . LEU B 1 58 ? -15.253 -15.821 -5.931  1.00 25.32 ? 58  LEU B O   1 
ATOM   1029 C  CB  . LEU B 1 58 ? -15.249 -17.899 -8.471  1.00 24.17 ? 58  LEU B CB  1 
ATOM   1030 C  CG  . LEU B 1 58 ? -14.391 -18.474 -9.617  1.00 23.36 ? 58  LEU B CG  1 
ATOM   1031 C  CD1 . LEU B 1 58 ? -15.327 -18.863 -10.783 1.00 24.44 ? 58  LEU B CD1 1 
ATOM   1032 C  CD2 . LEU B 1 58 ? -13.234 -17.579 -10.087 1.00 21.12 ? 58  LEU B CD2 1 
ATOM   1033 N  N   . ASP B 1 59 ? -16.240 -17.763 -5.488  1.00 26.86 ? 59  ASP B N   1 
ATOM   1034 C  CA  . ASP B 1 59 ? -17.121 -17.147 -4.556  1.00 29.31 ? 59  ASP B CA  1 
ATOM   1035 C  C   . ASP B 1 59 ? -16.307 -16.665 -3.385  1.00 28.43 ? 59  ASP B C   1 
ATOM   1036 O  O   . ASP B 1 59 ? -16.499 -15.569 -2.888  1.00 27.81 ? 59  ASP B O   1 
ATOM   1037 C  CB  . ASP B 1 59 ? -18.185 -18.110 -4.059  1.00 32.48 ? 59  ASP B CB  1 
ATOM   1038 C  CG  . ASP B 1 59 ? -19.394 -18.187 -4.947  1.00 37.17 ? 59  ASP B CG  1 
ATOM   1039 O  OD1 . ASP B 1 59 ? -19.772 -17.309 -5.707  1.00 37.35 ? 59  ASP B OD1 1 
ATOM   1040 O  OD2 . ASP B 1 59 ? -20.032 -19.322 -4.766  1.00 41.56 ? 59  ASP B OD2 1 
ATOM   1041 N  N   . ALA B 1 60 ? -15.374 -17.473 -2.961  1.00 27.77 ? 60  ALA B N   1 
ATOM   1042 C  CA  . ALA B 1 60 ? -14.636 -17.055 -1.800  1.00 26.89 ? 60  ALA B CA  1 
ATOM   1043 C  C   . ALA B 1 60 ? -13.744 -15.856 -2.064  1.00 27.17 ? 60  ALA B C   1 
ATOM   1044 O  O   . ALA B 1 60 ? -13.472 -15.064 -1.167  1.00 27.55 ? 60  ALA B O   1 
ATOM   1045 C  CB  . ALA B 1 60 ? -13.918 -18.230 -1.179  1.00 25.89 ? 60  ALA B CB  1 
ATOM   1046 N  N   . ILE B 1 61 ? -13.274 -15.679 -3.299  1.00 26.22 ? 61  ILE B N   1 
ATOM   1047 C  CA  . ILE B 1 61 ? -12.385 -14.564 -3.645  1.00 26.10 ? 61  ILE B CA  1 
ATOM   1048 C  C   . ILE B 1 61 ? -13.179 -13.253 -3.650  1.00 27.53 ? 61  ILE B C   1 
ATOM   1049 O  O   . ILE B 1 61 ? -12.804 -12.204 -3.134  1.00 28.45 ? 61  ILE B O   1 
ATOM   1050 C  CB  . ILE B 1 61 ? -11.710 -14.826 -4.989  1.00 25.83 ? 61  ILE B CB  1 
ATOM   1051 C  CG1 . ILE B 1 61 ? -10.769 -16.014 -4.939  1.00 27.54 ? 61  ILE B CG1 1 
ATOM   1052 C  CG2 . ILE B 1 61 ? -10.993 -13.646 -5.640  1.00 25.00 ? 61  ILE B CG2 1 
ATOM   1053 C  CD1 . ILE B 1 61 ? -10.088 -16.223 -6.303  1.00 29.21 ? 61  ILE B CD1 1 
ATOM   1054 N  N   . ILE B 1 62 ? -14.335 -13.324 -4.247  1.00 26.54 ? 62  ILE B N   1 
ATOM   1055 C  CA  . ILE B 1 62 ? -15.143 -12.161 -4.303  1.00 27.90 ? 62  ILE B CA  1 
ATOM   1056 C  C   . ILE B 1 62 ? -15.533 -11.682 -2.891  1.00 30.00 ? 62  ILE B C   1 
ATOM   1057 O  O   . ILE B 1 62 ? -15.296 -10.544 -2.546  1.00 28.73 ? 62  ILE B O   1 
ATOM   1058 C  CB  . ILE B 1 62 ? -16.321 -12.423 -5.245  1.00 26.43 ? 62  ILE B CB  1 
ATOM   1059 C  CG1 . ILE B 1 62 ? -15.777 -12.409 -6.672  1.00 26.07 ? 62  ILE B CG1 1 
ATOM   1060 C  CG2 . ILE B 1 62 ? -17.356 -11.327 -4.997  1.00 25.49 ? 62  ILE B CG2 1 
ATOM   1061 C  CD1 . ILE B 1 62 ? -16.819 -12.894 -7.659  1.00 26.14 ? 62  ILE B CD1 1 
ATOM   1062 N  N   . GLU B 1 63 ? -16.100 -12.578 -2.074  1.00 32.26 ? 63  GLU B N   1 
ATOM   1063 C  CA  . GLU B 1 63 ? -16.561 -12.298 -0.714  1.00 35.78 ? 63  GLU B CA  1 
ATOM   1064 C  C   . GLU B 1 63 ? -15.491 -11.632 0.118   1.00 33.27 ? 63  GLU B C   1 
ATOM   1065 O  O   . GLU B 1 63 ? -15.791 -10.887 1.014   1.00 34.66 ? 63  GLU B O   1 
ATOM   1066 C  CB  . GLU B 1 63 ? -17.129 -13.537 0.004   1.00 40.71 ? 63  GLU B CB  1 
ATOM   1067 C  CG  . GLU B 1 63 ? -17.558 -13.361 1.473   1.00 45.90 ? 63  GLU B CG  1 
ATOM   1068 C  CD  . GLU B 1 63 ? -18.641 -14.344 1.855   1.00 50.20 ? 63  GLU B CD  1 
ATOM   1069 O  OE1 . GLU B 1 63 ? -19.840 -13.913 1.535   1.00 52.13 ? 63  GLU B OE1 1 
ATOM   1070 O  OE2 . GLU B 1 63 ? -18.418 -15.446 2.348   1.00 51.50 ? 63  GLU B OE2 1 
ATOM   1071 N  N   . GLU B 1 64 ? -14.251 -11.860 -0.196  1.00 30.10 ? 64  GLU B N   1 
ATOM   1072 C  CA  . GLU B 1 64 ? -13.187 -11.229 0.526   1.00 32.59 ? 64  GLU B CA  1 
ATOM   1073 C  C   . GLU B 1 64 ? -13.166 -9.724  0.301   1.00 30.14 ? 64  GLU B C   1 
ATOM   1074 O  O   . GLU B 1 64 ? -12.703 -8.977  1.154   1.00 30.61 ? 64  GLU B O   1 
ATOM   1075 C  CB  . GLU B 1 64 ? -11.871 -11.831 0.021   1.00 38.13 ? 64  GLU B CB  1 
ATOM   1076 C  CG  . GLU B 1 64 ? -10.639 -11.419 0.820   1.00 46.29 ? 64  GLU B CG  1 
ATOM   1077 C  CD  . GLU B 1 64 ? -9.994  -12.617 1.466   1.00 52.84 ? 64  GLU B CD  1 
ATOM   1078 O  OE1 . GLU B 1 64 ? -10.657 -13.508 1.987   1.00 54.42 ? 64  GLU B OE1 1 
ATOM   1079 O  OE2 . GLU B 1 64 ? -8.675  -12.615 1.391   1.00 55.64 ? 64  GLU B OE2 1 
ATOM   1080 N  N   . VAL B 1 65 ? -13.575 -9.274  -0.882  1.00 26.89 ? 65  VAL B N   1 
ATOM   1081 C  CA  . VAL B 1 65 ? -13.478 -7.859  -1.150  1.00 26.42 ? 65  VAL B CA  1 
ATOM   1082 C  C   . VAL B 1 65 ? -14.808 -7.206  -1.325  1.00 23.82 ? 65  VAL B C   1 
ATOM   1083 O  O   . VAL B 1 65 ? -14.934 -6.003  -1.529  1.00 21.29 ? 65  VAL B O   1 
ATOM   1084 C  CB  . VAL B 1 65 ? -12.671 -7.552  -2.409  1.00 29.89 ? 65  VAL B CB  1 
ATOM   1085 C  CG1 . VAL B 1 65 ? -11.182 -7.828  -2.154  1.00 31.68 ? 65  VAL B CG1 1 
ATOM   1086 C  CG2 . VAL B 1 65 ? -13.226 -8.242  -3.663  1.00 28.82 ? 65  VAL B CG2 1 
ATOM   1087 N  N   . ASP B 1 66 ? -15.821 -8.036  -1.352  1.00 23.85 ? 66  ASP B N   1 
ATOM   1088 C  CA  . ASP B 1 66 ? -17.148 -7.519  -1.615  1.00 24.34 ? 66  ASP B CA  1 
ATOM   1089 C  C   . ASP B 1 66 ? -17.723 -6.762  -0.427  1.00 26.25 ? 66  ASP B C   1 
ATOM   1090 O  O   . ASP B 1 66 ? -18.335 -7.390  0.394   1.00 27.54 ? 66  ASP B O   1 
ATOM   1091 C  CB  . ASP B 1 66 ? -18.017 -8.689  -2.091  1.00 21.61 ? 66  ASP B CB  1 
ATOM   1092 C  CG  . ASP B 1 66 ? -19.387 -8.328  -2.539  1.00 21.30 ? 66  ASP B CG  1 
ATOM   1093 O  OD1 . ASP B 1 66 ? -19.572 -7.132  -3.048  1.00 19.14 ? 66  ASP B OD1 1 
ATOM   1094 O  OD2 . ASP B 1 66 ? -20.270 -9.138  -2.452  1.00 23.76 ? 66  ASP B OD2 1 
ATOM   1095 N  N   . GLU B 1 67 ? -17.543 -5.432  -0.377  1.00 26.26 ? 67  GLU B N   1 
ATOM   1096 C  CA  . GLU B 1 67 ? -18.035 -4.608  0.715   1.00 25.39 ? 67  GLU B CA  1 
ATOM   1097 C  C   . GLU B 1 67 ? -19.506 -4.315  0.686   1.00 23.89 ? 67  GLU B C   1 
ATOM   1098 O  O   . GLU B 1 67 ? -20.087 -4.014  1.717   1.00 25.47 ? 67  GLU B O   1 
ATOM   1099 C  CB  . GLU B 1 67 ? -17.271 -3.296  0.829   1.00 31.43 ? 67  GLU B CB  1 
ATOM   1100 C  CG  . GLU B 1 67 ? -15.861 -3.427  1.443   1.00 39.34 ? 67  GLU B CG  1 
ATOM   1101 C  CD  . GLU B 1 67 ? -15.753 -4.089  2.802   1.00 47.96 ? 67  GLU B CD  1 
ATOM   1102 O  OE1 . GLU B 1 67 ? -16.491 -3.878  3.763   1.00 51.11 ? 67  GLU B OE1 1 
ATOM   1103 O  OE2 . GLU B 1 67 ? -14.735 -4.919  2.882   1.00 50.83 ? 67  GLU B OE2 1 
ATOM   1104 N  N   . ASP B 1 68 ? -20.192 -4.329  -0.446  1.00 20.35 ? 68  ASP B N   1 
ATOM   1105 C  CA  . ASP B 1 68 ? -21.582 -4.046  -0.447  1.00 17.25 ? 68  ASP B CA  1 
ATOM   1106 C  C   . ASP B 1 68 ? -22.458 -5.254  -0.619  1.00 17.03 ? 68  ASP B C   1 
ATOM   1107 O  O   . ASP B 1 68 ? -23.657 -5.159  -0.773  1.00 18.36 ? 68  ASP B O   1 
ATOM   1108 C  CB  . ASP B 1 68 ? -21.920 -2.976  -1.462  1.00 20.73 ? 68  ASP B CB  1 
ATOM   1109 C  CG  . ASP B 1 68 ? -21.650 -3.429  -2.872  1.00 24.91 ? 68  ASP B CG  1 
ATOM   1110 O  OD1 . ASP B 1 68 ? -21.101 -4.622  -3.013  1.00 23.75 ? 68  ASP B OD1 1 
ATOM   1111 O  OD2 . ASP B 1 68 ? -22.023 -2.770  -3.808  1.00 27.54 ? 68  ASP B OD2 1 
ATOM   1112 N  N   . GLY B 1 69 ? -21.887 -6.429  -0.533  1.00 18.62 ? 69  GLY B N   1 
ATOM   1113 C  CA  . GLY B 1 69 ? -22.687 -7.603  -0.645  1.00 19.17 ? 69  GLY B CA  1 
ATOM   1114 C  C   . GLY B 1 69 ? -23.235 -7.841  -2.059  1.00 21.40 ? 69  GLY B C   1 
ATOM   1115 O  O   . GLY B 1 69 ? -24.226 -8.544  -2.239  1.00 23.06 ? 69  GLY B O   1 
ATOM   1116 N  N   . SER B 1 70 ? -22.711 -7.177  -3.084  1.00 19.38 ? 70  SER B N   1 
ATOM   1117 C  CA  . SER B 1 70 ? -23.379 -7.391  -4.345  1.00 15.96 ? 70  SER B CA  1 
ATOM   1118 C  C   . SER B 1 70 ? -23.071 -8.731  -4.973  1.00 18.04 ? 70  SER B C   1 
ATOM   1119 O  O   . SER B 1 70 ? -23.612 -9.067  -5.994  1.00 20.28 ? 70  SER B O   1 
ATOM   1120 C  CB  . SER B 1 70 ? -22.997 -6.321  -5.352  1.00 14.77 ? 70  SER B CB  1 
ATOM   1121 O  OG  . SER B 1 70 ? -21.593 -6.379  -5.568  1.00 16.59 ? 70  SER B OG  1 
ATOM   1122 N  N   . GLY B 1 71 ? -22.104 -9.437  -4.523  1.00 18.27 ? 71  GLY B N   1 
ATOM   1123 C  CA  . GLY B 1 71 ? -21.684 -10.663 -5.158  1.00 20.06 ? 71  GLY B CA  1 
ATOM   1124 C  C   . GLY B 1 71 ? -20.792 -10.407 -6.376  1.00 21.16 ? 71  GLY B C   1 
ATOM   1125 O  O   . GLY B 1 71 ? -20.502 -11.336 -7.133  1.00 19.81 ? 71  GLY B O   1 
ATOM   1126 N  N   . THR B 1 72 ? -20.350 -9.153  -6.600  1.00 18.54 ? 72  THR B N   1 
ATOM   1127 C  CA  . THR B 1 72 ? -19.536 -8.763  -7.777  1.00 18.20 ? 72  THR B CA  1 
ATOM   1128 C  C   . THR B 1 72 ? -18.482 -7.772  -7.332  1.00 21.07 ? 72  THR B C   1 
ATOM   1129 O  O   . THR B 1 72 ? -18.705 -7.096  -6.326  1.00 21.41 ? 72  THR B O   1 
ATOM   1130 C  CB  . THR B 1 72 ? -20.382 -8.029  -8.839  1.00 17.42 ? 72  THR B CB  1 
ATOM   1131 O  OG1 . THR B 1 72 ? -20.951 -6.827  -8.267  1.00 18.17 ? 72  THR B OG1 1 
ATOM   1132 C  CG2 . THR B 1 72 ? -21.509 -8.913  -9.391  1.00 16.73 ? 72  THR B CG2 1 
ATOM   1133 N  N   . ILE B 1 73 ? -17.377 -7.658  -8.043  1.00 19.89 ? 73  ILE B N   1 
ATOM   1134 C  CA  . ILE B 1 73 ? -16.317 -6.721  -7.658  1.00 20.01 ? 73  ILE B CA  1 
ATOM   1135 C  C   . ILE B 1 73 ? -16.417 -5.415  -8.474  1.00 20.38 ? 73  ILE B C   1 
ATOM   1136 O  O   . ILE B 1 73 ? -16.310 -5.477  -9.712  1.00 18.48 ? 73  ILE B O   1 
ATOM   1137 C  CB  . ILE B 1 73 ? -14.920 -7.365  -7.821  1.00 18.33 ? 73  ILE B CB  1 
ATOM   1138 C  CG1 . ILE B 1 73 ? -14.804 -8.687  -7.089  1.00 20.03 ? 73  ILE B CG1 1 
ATOM   1139 C  CG2 . ILE B 1 73 ? -13.751 -6.444  -7.485  1.00 16.79 ? 73  ILE B CG2 1 
ATOM   1140 C  CD1 . ILE B 1 73 ? -13.657 -9.572  -7.582  1.00 22.74 ? 73  ILE B CD1 1 
ATOM   1141 N  N   . ASP B 1 74 ? -16.637 -4.260  -7.801  1.00 18.37 ? 74  ASP B N   1 
ATOM   1142 C  CA  . ASP B 1 74 ? -16.681 -3.003  -8.504  1.00 17.20 ? 74  ASP B CA  1 
ATOM   1143 C  C   . ASP B 1 74 ? -15.292 -2.393  -8.496  1.00 18.42 ? 74  ASP B C   1 
ATOM   1144 O  O   . ASP B 1 74 ? -14.356 -2.966  -7.961  1.00 18.23 ? 74  ASP B O   1 
ATOM   1145 C  CB  . ASP B 1 74 ? -17.822 -2.038  -8.110  1.00 19.92 ? 74  ASP B CB  1 
ATOM   1146 C  CG  . ASP B 1 74 ? -17.632 -1.455  -6.729  1.00 19.86 ? 74  ASP B CG  1 
ATOM   1147 O  OD1 . ASP B 1 74 ? -16.542 -1.335  -6.247  1.00 21.53 ? 74  ASP B OD1 1 
ATOM   1148 O  OD2 . ASP B 1 74 ? -18.736 -1.209  -6.116  1.00 19.34 ? 74  ASP B OD2 1 
ATOM   1149 N  N   . PHE B 1 75 ? -15.131 -1.256  -9.157  1.00 19.94 ? 75  PHE B N   1 
ATOM   1150 C  CA  . PHE B 1 75 ? -13.811 -0.652  -9.254  1.00 22.34 ? 75  PHE B CA  1 
ATOM   1151 C  C   . PHE B 1 75 ? -13.187 -0.315  -7.922  1.00 22.62 ? 75  PHE B C   1 
ATOM   1152 O  O   . PHE B 1 75 ? -11.989 -0.561  -7.753  1.00 20.92 ? 75  PHE B O   1 
ATOM   1153 C  CB  . PHE B 1 75 ? -13.747 0.586   -10.162 1.00 23.33 ? 75  PHE B CB  1 
ATOM   1154 C  CG  . PHE B 1 75 ? -12.315 1.009   -10.400 1.00 25.98 ? 75  PHE B CG  1 
ATOM   1155 C  CD1 . PHE B 1 75 ? -11.329 0.084   -10.754 1.00 25.36 ? 75  PHE B CD1 1 
ATOM   1156 C  CD2 . PHE B 1 75 ? -11.991 2.362   -10.307 1.00 26.77 ? 75  PHE B CD2 1 
ATOM   1157 C  CE1 . PHE B 1 75 ? -10.012 0.460   -11.005 1.00 27.32 ? 75  PHE B CE1 1 
ATOM   1158 C  CE2 . PHE B 1 75 ? -10.682 2.764   -10.568 1.00 27.86 ? 75  PHE B CE2 1 
ATOM   1159 C  CZ  . PHE B 1 75 ? -9.705  1.819   -10.896 1.00 28.66 ? 75  PHE B CZ  1 
ATOM   1160 N  N   . GLU B 1 76 ? -14.031 0.210   -7.020  1.00 26.75 ? 76  GLU B N   1 
ATOM   1161 C  CA  . GLU B 1 76 ? -13.562 0.557   -5.681  1.00 29.81 ? 76  GLU B CA  1 
ATOM   1162 C  C   . GLU B 1 76 ? -13.033 -0.657  -4.999  1.00 27.12 ? 76  GLU B C   1 
ATOM   1163 O  O   . GLU B 1 76 ? -11.971 -0.606  -4.424  1.00 27.58 ? 76  GLU B O   1 
ATOM   1164 C  CB  . GLU B 1 76 ? -14.650 0.995   -4.711  1.00 36.93 ? 76  GLU B CB  1 
ATOM   1165 C  CG  . GLU B 1 76 ? -14.697 2.512   -4.627  1.00 44.26 ? 76  GLU B CG  1 
ATOM   1166 C  CD  . GLU B 1 76 ? -15.133 2.888   -5.983  1.00 49.42 ? 76  GLU B CD  1 
ATOM   1167 O  OE1 . GLU B 1 76 ? -16.031 2.277   -6.533  1.00 52.09 ? 76  GLU B OE1 1 
ATOM   1168 O  OE2 . GLU B 1 76 ? -14.295 3.697   -6.574  1.00 52.10 ? 76  GLU B OE2 1 
ATOM   1169 N  N   . GLU B 1 77 ? -13.807 -1.736  -5.006  1.00 24.02 ? 77  GLU B N   1 
ATOM   1170 C  CA  . GLU B 1 77 ? -13.385 -2.967  -4.354  1.00 22.26 ? 77  GLU B CA  1 
ATOM   1171 C  C   . GLU B 1 77 ? -12.216 -3.636  -5.046  1.00 22.02 ? 77  GLU B C   1 
ATOM   1172 O  O   . GLU B 1 77 ? -11.364 -4.302  -4.450  1.00 24.94 ? 77  GLU B O   1 
ATOM   1173 C  CB  . GLU B 1 77 ? -14.590 -3.926  -4.163  1.00 21.38 ? 77  GLU B CB  1 
ATOM   1174 C  CG  . GLU B 1 77 ? -15.934 -3.346  -3.628  1.00 20.59 ? 77  GLU B CG  1 
ATOM   1175 C  CD  . GLU B 1 77 ? -17.179 -4.161  -3.960  1.00 21.17 ? 77  GLU B CD  1 
ATOM   1176 O  OE1 . GLU B 1 77 ? -17.429 -4.745  -5.014  1.00 22.91 ? 77  GLU B OE1 1 
ATOM   1177 O  OE2 . GLU B 1 77 ? -18.051 -4.143  -3.020  1.00 20.12 ? 77  GLU B OE2 1 
ATOM   1178 N  N   . PHE B 1 78 ? -12.101 -3.464  -6.344  1.00 21.38 ? 78  PHE B N   1 
ATOM   1179 C  CA  . PHE B 1 78 ? -10.948 -4.029  -7.032  1.00 24.78 ? 78  PHE B CA  1 
ATOM   1180 C  C   . PHE B 1 78 ? -9.654  -3.372  -6.610  1.00 28.49 ? 78  PHE B C   1 
ATOM   1181 O  O   . PHE B 1 78 ? -8.627  -4.023  -6.579  1.00 28.35 ? 78  PHE B O   1 
ATOM   1182 C  CB  . PHE B 1 78 ? -11.058 -3.750  -8.538  1.00 26.39 ? 78  PHE B CB  1 
ATOM   1183 C  CG  . PHE B 1 78 ? -9.963  -4.333  -9.392  1.00 27.59 ? 78  PHE B CG  1 
ATOM   1184 C  CD1 . PHE B 1 78 ? -10.031 -5.669  -9.799  1.00 28.33 ? 78  PHE B CD1 1 
ATOM   1185 C  CD2 . PHE B 1 78 ? -8.951  -3.525  -9.918  1.00 27.72 ? 78  PHE B CD2 1 
ATOM   1186 C  CE1 . PHE B 1 78 ? -9.072  -6.246  -10.641 1.00 27.84 ? 78  PHE B CE1 1 
ATOM   1187 C  CE2 . PHE B 1 78 ? -7.987  -4.083  -10.766 1.00 27.70 ? 78  PHE B CE2 1 
ATOM   1188 C  CZ  . PHE B 1 78 ? -8.047  -5.431  -11.130 1.00 27.29 ? 78  PHE B CZ  1 
ATOM   1189 N  N   . LEU B 1 79 ? -9.677  -2.064  -6.355  1.00 31.51 ? 79  LEU B N   1 
ATOM   1190 C  CA  . LEU B 1 79 ? -8.472  -1.369  -5.884  1.00 36.67 ? 79  LEU B CA  1 
ATOM   1191 C  C   . LEU B 1 79 ? -7.849  -2.065  -4.664  1.00 40.86 ? 79  LEU B C   1 
ATOM   1192 O  O   . LEU B 1 79 ? -6.657  -2.456  -4.648  1.00 41.57 ? 79  LEU B O   1 
ATOM   1193 C  CB  . LEU B 1 79 ? -8.685  0.116   -5.599  1.00 34.08 ? 79  LEU B CB  1 
ATOM   1194 C  CG  . LEU B 1 79 ? -8.655  0.865   -6.908  1.00 35.09 ? 79  LEU B CG  1 
ATOM   1195 C  CD1 . LEU B 1 79 ? -8.970  2.303   -6.605  1.00 36.91 ? 79  LEU B CD1 1 
ATOM   1196 C  CD2 . LEU B 1 79 ? -7.297  0.758   -7.616  1.00 35.89 ? 79  LEU B CD2 1 
ATOM   1197 N  N   . VAL B 1 80 ? -8.726  -2.283  -3.676  1.00 41.84 ? 80  VAL B N   1 
ATOM   1198 C  CA  . VAL B 1 80 ? -8.390  -2.998  -2.454  1.00 41.03 ? 80  VAL B CA  1 
ATOM   1199 C  C   . VAL B 1 80 ? -7.747  -4.371  -2.746  1.00 41.71 ? 80  VAL B C   1 
ATOM   1200 O  O   . VAL B 1 80 ? -6.613  -4.685  -2.311  1.00 40.64 ? 80  VAL B O   1 
ATOM   1201 C  CB  . VAL B 1 80 ? -9.627  -3.111  -1.587  1.00 39.44 ? 80  VAL B CB  1 
ATOM   1202 C  CG1 . VAL B 1 80 ? -9.316  -4.025  -0.409  1.00 39.32 ? 80  VAL B CG1 1 
ATOM   1203 C  CG2 . VAL B 1 80 ? -10.126 -1.726  -1.176  1.00 38.19 ? 80  VAL B CG2 1 
ATOM   1204 N  N   . MET B 1 81 ? -8.446  -5.203  -3.535  1.00 42.64 ? 81  MET B N   1 
ATOM   1205 C  CA  . MET B 1 81 ? -7.926  -6.526  -3.878  1.00 44.73 ? 81  MET B CA  1 
ATOM   1206 C  C   . MET B 1 81 ? -6.500  -6.492  -4.439  1.00 48.21 ? 81  MET B C   1 
ATOM   1207 O  O   . MET B 1 81 ? -5.655  -7.344  -4.114  1.00 48.38 ? 81  MET B O   1 
ATOM   1208 C  CB  . MET B 1 81 ? -8.914  -7.271  -4.806  1.00 45.82 ? 81  MET B CB  1 
ATOM   1209 C  CG  . MET B 1 81 ? -8.321  -8.285  -5.780  1.00 47.18 ? 81  MET B CG  1 
ATOM   1210 S  SD  . MET B 1 81 ? -9.574  -9.306  -6.620  1.00 48.80 ? 81  MET B SD  1 
ATOM   1211 C  CE  . MET B 1 81 ? -9.176  -9.001  -8.361  1.00 48.84 ? 81  MET B CE  1 
ATOM   1212 N  N   . MET B 1 82 ? -6.271  -5.466  -5.286  1.00 50.92 ? 82  MET B N   1 
ATOM   1213 C  CA  . MET B 1 82 ? -5.033  -5.126  -5.990  1.00 53.02 ? 82  MET B CA  1 
ATOM   1214 C  C   . MET B 1 82 ? -3.935  -4.716  -5.027  1.00 54.12 ? 82  MET B C   1 
ATOM   1215 O  O   . MET B 1 82 ? -2.806  -5.198  -5.115  1.00 55.08 ? 82  MET B O   1 
ATOM   1216 C  CB  . MET B 1 82 ? -5.248  -3.971  -6.984  1.00 54.62 ? 82  MET B CB  1 
ATOM   1217 C  CG  . MET B 1 82 ? -5.661  -4.476  -8.357  1.00 57.45 ? 82  MET B CG  1 
ATOM   1218 S  SD  . MET B 1 82 ? -4.985  -6.113  -8.842  1.00 60.46 ? 82  MET B SD  1 
ATOM   1219 C  CE  . MET B 1 82 ? -6.333  -7.289  -8.506  1.00 59.13 ? 82  MET B CE  1 
ATOM   1220 N  N   . VAL B 1 83 ? -4.253  -3.793  -4.127  1.00 53.18 ? 83  VAL B N   1 
ATOM   1221 C  CA  . VAL B 1 83 ? -3.288  -3.373  -3.137  1.00 53.83 ? 83  VAL B CA  1 
ATOM   1222 C  C   . VAL B 1 83 ? -2.818  -4.548  -2.246  1.00 57.80 ? 83  VAL B C   1 
ATOM   1223 O  O   . VAL B 1 83 ? -1.630  -4.801  -2.068  1.00 56.00 ? 83  VAL B O   1 
ATOM   1224 C  CB  . VAL B 1 83 ? -3.934  -2.320  -2.251  1.00 51.46 ? 83  VAL B CB  1 
ATOM   1225 C  CG1 . VAL B 1 83 ? -3.195  -2.212  -0.911  1.00 50.45 ? 83  VAL B CG1 1 
ATOM   1226 C  CG2 . VAL B 1 83 ? -4.193  -1.003  -2.980  1.00 49.62 ? 83  VAL B CG2 1 
ATOM   1227 N  N   . ARG B 1 84 ? -3.775  -5.257  -1.637  1.00 63.51 ? 84  ARG B N   1 
ATOM   1228 C  CA  . ARG B 1 84 ? -3.553  -6.421  -0.774  1.00 68.89 ? 84  ARG B CA  1 
ATOM   1229 C  C   . ARG B 1 84 ? -2.684  -7.470  -1.481  1.00 73.40 ? 84  ARG B C   1 
ATOM   1230 O  O   . ARG B 1 84 ? -1.984  -8.332  -0.924  1.00 73.49 ? 84  ARG B O   1 
ATOM   1231 C  CB  . ARG B 1 84 ? -4.907  -7.071  -0.483  1.00 69.74 ? 84  ARG B CB  1 
ATOM   1232 C  CG  . ARG B 1 84 ? -5.809  -6.295  0.472   1.00 69.99 ? 84  ARG B CG  1 
ATOM   1233 C  CD  . ARG B 1 84 ? -6.727  -7.224  1.264   1.00 69.44 ? 84  ARG B CD  1 
ATOM   1234 N  NE  . ARG B 1 84 ? -8.038  -6.629  1.454   1.00 69.64 ? 84  ARG B NE  1 
ATOM   1235 C  CZ  . ARG B 1 84 ? -9.169  -7.314  1.522   1.00 70.12 ? 84  ARG B CZ  1 
ATOM   1236 N  NH1 . ARG B 1 84 ? -9.195  -8.634  1.447   1.00 70.92 ? 84  ARG B NH1 1 
ATOM   1237 N  NH2 . ARG B 1 84 ? -10.312 -6.657  1.679   1.00 70.07 ? 84  ARG B NH2 1 
ATOM   1238 N  N   . GLN B 1 85 ? -2.806  -7.410  -2.790  1.00 77.01 ? 85  GLN B N   1 
ATOM   1239 C  CA  . GLN B 1 85 ? -2.084  -8.250  -3.705  1.00 79.41 ? 85  GLN B CA  1 
ATOM   1240 C  C   . GLN B 1 85 ? -0.618  -7.804  -3.643  1.00 80.07 ? 85  GLN B C   1 
ATOM   1241 O  O   . GLN B 1 85 ? 0.295   -8.615  -3.519  1.00 79.24 ? 85  GLN B O   1 
ATOM   1242 C  CB  . GLN B 1 85 ? -2.807  -7.981  -5.036  1.00 81.24 ? 85  GLN B CB  1 
ATOM   1243 C  CG  . GLN B 1 85 ? -1.900  -7.973  -6.257  1.00 83.32 ? 85  GLN B CG  1 
ATOM   1244 C  CD  . GLN B 1 85 ? -1.919  -9.422  -6.620  1.00 85.48 ? 85  GLN B CD  1 
ATOM   1245 O  OE1 . GLN B 1 85 ? -2.859  -10.108 -6.145  1.00 85.63 ? 85  GLN B OE1 1 
ATOM   1246 N  NE2 . GLN B 1 85 ? -0.847  -9.884  -7.285  1.00 86.42 ? 85  GLN B NE2 1 
ATOM   1247 N  N   . MET B 1 86 ? -0.436  -6.480  -3.622  1.00 82.17 ? 86  MET B N   1 
ATOM   1248 C  CA  . MET B 1 86 ? 0.858   -5.846  -3.499  1.00 84.48 ? 86  MET B CA  1 
ATOM   1249 C  C   . MET B 1 86 ? 1.560   -6.347  -2.243  1.00 87.48 ? 86  MET B C   1 
ATOM   1250 O  O   . MET B 1 86 ? 2.667   -6.885  -2.328  1.00 88.88 ? 86  MET B O   1 
ATOM   1251 C  CB  . MET B 1 86 ? 0.762   -4.303  -3.397  1.00 84.74 ? 86  MET B CB  1 
ATOM   1252 C  CG  . MET B 1 86 ? 0.685   -3.545  -4.707  1.00 85.43 ? 86  MET B CG  1 
ATOM   1253 S  SD  . MET B 1 86 ? 0.284   -4.665  -6.059  1.00 86.91 ? 86  MET B SD  1 
ATOM   1254 C  CE  . MET B 1 86 ? -0.320  -3.484  -7.283  1.00 86.90 ? 86  MET B CE  1 
ATOM   1255 N  N   . LYS B 1 87 ? 0.910   -6.147  -1.078  1.00 88.88 ? 87  LYS B N   1 
ATOM   1256 C  CA  . LYS B 1 87 ? 1.436   -6.476  0.261   1.00 89.96 ? 87  LYS B CA  1 
ATOM   1257 C  C   . LYS B 1 87 ? 2.291   -7.721  0.364   1.00 92.05 ? 87  LYS B C   1 
ATOM   1258 O  O   . LYS B 1 87 ? 3.332   -7.657  1.020   1.00 93.40 ? 87  LYS B O   1 
ATOM   1259 C  CB  . LYS B 1 87 ? 0.527   -6.293  1.474   1.00 88.23 ? 87  LYS B CB  1 
ATOM   1260 C  CG  . LYS B 1 87 ? 1.086   -6.853  2.772   1.00 86.53 ? 87  LYS B CG  1 
ATOM   1261 C  CD  . LYS B 1 87 ? 0.012   -7.584  3.562   1.00 85.62 ? 87  LYS B CD  1 
ATOM   1262 C  CE  . LYS B 1 87 ? 0.542   -8.354  4.766   1.00 85.19 ? 87  LYS B CE  1 
ATOM   1263 N  NZ  . LYS B 1 87 ? 1.961   -8.106  5.067   1.00 84.56 ? 87  LYS B NZ  1 
HETATM 1264 CA CA  . CA  C 2 .  ? 18.997  13.904  11.420  1.00 16.27 ? 93  CA  A CA  1 
HETATM 1265 CA CA  . CA  D 2 .  ? 19.674  3.899   5.844   1.00 19.07 ? 94  CA  A CA  1 
HETATM 1266 CA CA  . CA  E 2 .  ? -19.087 -7.120  -15.869 1.00 17.29 ? 93  CA  B CA  1 
HETATM 1267 CA CA  . CA  F 2 .  ? -19.469 -5.459  -4.583  1.00 18.06 ? 94  CA  B CA  1 
HETATM 1268 O  O   . HOH G 3 .  ? 20.655  13.694  9.928   1.00 16.86 ? 95  HOH A O   1 
HETATM 1269 O  O   . HOH G 3 .  ? 20.781  13.152  12.645  1.00 25.01 ? 96  HOH A O   1 
HETATM 1270 O  O   . HOH G 3 .  ? 19.554  15.371  16.102  1.00 28.00 ? 97  HOH A O   1 
HETATM 1271 O  O   . HOH G 3 .  ? 22.528  11.109  11.503  1.00 34.35 ? 98  HOH A O   1 
HETATM 1272 O  O   . HOH G 3 .  ? 22.817  14.783  10.366  1.00 32.88 ? 99  HOH A O   1 
HETATM 1273 O  O   . HOH G 3 .  ? 21.461  6.266   14.488  1.00 36.05 ? 100 HOH A O   1 
HETATM 1274 O  O   . HOH G 3 .  ? 13.525  14.155  16.629  1.00 27.63 ? 101 HOH A O   1 
HETATM 1275 O  O   . HOH G 3 .  ? 20.150  5.813   4.367   1.00 23.03 ? 102 HOH A O   1 
HETATM 1276 O  O   . HOH G 3 .  ? 26.337  1.164   10.279  1.00 58.54 ? 103 HOH A O   1 
HETATM 1277 O  O   . HOH G 3 .  ? 20.838  -1.185  10.327  1.00 29.00 ? 104 HOH A O   1 
HETATM 1278 O  O   . HOH G 3 .  ? 17.005  -6.666  -0.499  1.00 64.65 ? 105 HOH A O   1 
HETATM 1279 O  O   . HOH G 3 .  ? 19.329  -7.092  -0.842  1.00 25.25 ? 106 HOH A O   1 
HETATM 1280 O  O   . HOH G 3 .  ? 0.687   11.373  8.691   1.00 53.11 ? 108 HOH A O   1 
HETATM 1281 O  O   . HOH G 3 .  ? 7.776   19.605  9.281   1.00 49.12 ? 109 HOH A O   1 
HETATM 1282 O  O   . HOH G 3 .  ? 14.019  19.194  8.994   1.00 41.05 ? 110 HOH A O   1 
HETATM 1283 O  O   . HOH G 3 .  ? 21.095  2.619   15.052  1.00 56.49 ? 111 HOH A O   1 
HETATM 1284 O  O   . HOH G 3 .  ? 21.926  8.015   5.217   1.00 54.81 ? 112 HOH A O   1 
HETATM 1285 O  O   . HOH G 3 .  ? 16.832  11.785  2.905   1.00 26.15 ? 124 HOH A O   1 
HETATM 1286 O  O   . HOH G 3 .  ? 21.836  11.714  3.849   1.00 72.69 ? 125 HOH A O   1 
HETATM 1287 O  O   . HOH G 3 .  ? 21.915  9.025   17.529  1.00 31.81 ? 126 HOH A O   1 
HETATM 1288 O  O   . HOH G 3 .  ? 14.908  16.910  6.701   1.00 31.65 ? 127 HOH A O   1 
HETATM 1289 O  O   . HOH G 3 .  ? 23.067  16.419  14.915  1.00 46.57 ? 128 HOH A O   1 
HETATM 1290 O  O   . HOH G 3 .  ? 22.615  19.589  10.938  1.00 38.95 ? 129 HOH A O   1 
HETATM 1291 O  O   . HOH G 3 .  ? 26.519  18.605  11.440  1.00 47.87 ? 130 HOH A O   1 
HETATM 1292 O  O   . HOH G 3 .  ? 15.932  14.141  2.523   1.00 46.92 ? 131 HOH A O   1 
HETATM 1293 O  O   . HOH G 3 .  ? 13.322  1.150   3.550   1.00 37.14 ? 132 HOH A O   1 
HETATM 1294 O  O   . HOH G 3 .  ? 20.445  8.517   1.402   1.00 57.28 ? 133 HOH A O   1 
HETATM 1295 O  O   . HOH G 3 .  ? 18.483  2.887   1.461   1.00 33.77 ? 134 HOH A O   1 
HETATM 1296 O  O   . HOH G 3 .  ? 15.882  15.089  18.493  1.00 37.90 ? 143 HOH A O   1 
HETATM 1297 O  O   . HOH G 3 .  ? 5.065   15.941  -11.437 1.00 70.46 ? 154 HOH A O   1 
HETATM 1298 O  O   . HOH G 3 .  ? 4.324   20.178  -9.255  1.00 61.44 ? 155 HOH A O   1 
HETATM 1299 O  O   . HOH G 3 .  ? 17.160  10.727  0.516   1.00 43.69 ? 157 HOH A O   1 
HETATM 1300 O  O   . HOH G 3 .  ? 18.753  5.326   0.355   1.00 45.24 ? 158 HOH A O   1 
HETATM 1301 O  O   . HOH G 3 .  ? 10.121  -0.482  26.520  1.00 55.68 ? 159 HOH A O   1 
HETATM 1302 O  O   . HOH G 3 .  ? 21.466  5.406   0.526   1.00 39.98 ? 160 HOH A O   1 
HETATM 1303 O  O   . HOH G 3 .  ? 16.228  2.822   -0.248  1.00 50.23 ? 161 HOH A O   1 
HETATM 1304 O  O   . HOH G 3 .  ? 15.439  17.630  22.190  1.00 68.34 ? 162 HOH A O   1 
HETATM 1305 O  O   . HOH G 3 .  ? 14.403  -5.770  13.662  1.00 42.27 ? 169 HOH A O   1 
HETATM 1306 O  O   . HOH G 3 .  ? 14.430  -5.875  20.575  1.00 52.13 ? 170 HOH A O   1 
HETATM 1307 O  O   . HOH G 3 .  ? 22.823  -6.561  9.121   1.00 60.57 ? 171 HOH A O   1 
HETATM 1308 O  O   . HOH G 3 .  ? 20.006  -0.324  13.288  1.00 35.84 ? 172 HOH A O   1 
HETATM 1309 O  O   . HOH G 3 .  ? 18.976  -4.253  18.649  1.00 47.89 ? 173 HOH A O   1 
HETATM 1310 O  O   . HOH G 3 .  ? 17.173  -6.597  13.992  1.00 64.47 ? 174 HOH A O   1 
HETATM 1311 O  O   . HOH G 3 .  ? 17.859  -8.139  19.788  1.00 69.53 ? 175 HOH A O   1 
HETATM 1312 O  O   . HOH G 3 .  ? 19.417  -5.730  16.161  1.00 75.59 ? 176 HOH A O   1 
HETATM 1313 O  O   . HOH G 3 .  ? 7.386   12.943  27.747  1.00 67.45 ? 180 HOH A O   1 
HETATM 1314 O  O   . HOH G 3 .  ? 11.820  16.321  17.027  1.00 68.18 ? 181 HOH A O   1 
HETATM 1315 O  O   . HOH G 3 .  ? -1.041  5.571   6.008   1.00 68.38 ? 182 HOH A O   1 
HETATM 1316 O  O   . HOH G 3 .  ? 2.805   18.472  -3.751  1.00 57.88 ? 183 HOH A O   1 
HETATM 1317 O  O   . HOH G 3 .  ? 3.992   9.982   -7.751  1.00 69.04 ? 184 HOH A O   1 
HETATM 1318 O  O   . HOH G 3 .  ? 23.676  10.196  13.257  1.00 46.34 ? 185 HOH A O   1 
HETATM 1319 O  O   . HOH G 3 .  ? 23.590  7.444   13.807  1.00 59.69 ? 186 HOH A O   1 
HETATM 1320 O  O   . HOH H 3 .  ? -1.038  12.306  -8.184  1.00 39.95 ? 107 HOH B O   1 
HETATM 1321 O  O   . HOH H 3 .  ? -15.597 3.544   -10.009 1.00 58.66 ? 113 HOH B O   1 
HETATM 1322 O  O   . HOH H 3 .  ? -17.099 -0.016  -10.892 1.00 24.64 ? 114 HOH B O   1 
HETATM 1323 O  O   . HOH H 3 .  ? -20.891 -5.575  -15.053 1.00 17.84 ? 115 HOH B O   1 
HETATM 1324 O  O   . HOH H 3 .  ? -23.122 -5.633  -16.292 1.00 28.78 ? 116 HOH B O   1 
HETATM 1325 O  O   . HOH H 3 .  ? -19.666 -10.688 -19.203 1.00 44.53 ? 117 HOH B O   1 
HETATM 1326 O  O   . HOH H 3 .  ? -21.359 -14.630 -12.690 1.00 29.92 ? 118 HOH B O   1 
HETATM 1327 O  O   . HOH H 3 .  ? -20.317 -15.561 5.297   1.00 55.41 ? 119 HOH B O   1 
HETATM 1328 O  O   . HOH H 3 .  ? -24.109 -11.445 -8.962  1.00 70.22 ? 120 HOH B O   1 
HETATM 1329 O  O   . HOH H 3 .  ? -23.590 -10.664 -11.850 1.00 70.66 ? 121 HOH B O   1 
HETATM 1330 O  O   . HOH H 3 .  ? -20.113 -3.597  -5.833  1.00 24.20 ? 122 HOH B O   1 
HETATM 1331 O  O   . HOH H 3 .  ? -18.341 -1.622  -2.037  1.00 31.50 ? 123 HOH B O   1 
HETATM 1332 O  O   . HOH H 3 .  ? -16.255 1.709   -13.277 1.00 39.25 ? 135 HOH B O   1 
HETATM 1333 O  O   . HOH H 3 .  ? -15.488 -1.492  -17.224 1.00 33.88 ? 136 HOH B O   1 
HETATM 1334 O  O   . HOH H 3 .  ? -14.227 -3.871  -20.273 1.00 59.87 ? 137 HOH B O   1 
HETATM 1335 O  O   . HOH H 3 .  ? -19.595 -13.742 -3.413  1.00 52.75 ? 138 HOH B O   1 
HETATM 1336 O  O   . HOH H 3 .  ? -13.406 -15.440 1.490   1.00 47.87 ? 139 HOH B O   1 
HETATM 1337 O  O   . HOH H 3 .  ? -20.301 -0.175  -7.431  1.00 45.30 ? 140 HOH B O   1 
HETATM 1338 O  O   . HOH H 3 .  ? -22.903 -15.619 -9.663  1.00 49.40 ? 141 HOH B O   1 
HETATM 1339 O  O   . HOH H 3 .  ? -21.953 -13.820 2.920   1.00 69.83 ? 142 HOH B O   1 
HETATM 1340 O  O   . HOH H 3 .  ? -20.793 -8.746  -15.333 1.00 22.20 ? 144 HOH B O   1 
HETATM 1341 O  O   . HOH H 3 .  ? -22.353 -8.346  -13.129 1.00 37.10 ? 145 HOH B O   1 
HETATM 1342 O  O   . HOH H 3 .  ? -13.745 -11.717 -18.063 1.00 36.50 ? 146 HOH B O   1 
HETATM 1343 O  O   . HOH H 3 .  ? -23.363 -10.049 -19.489 1.00 44.18 ? 147 HOH B O   1 
HETATM 1344 O  O   . HOH H 3 .  ? -21.730 -3.609  -8.134  1.00 39.30 ? 148 HOH B O   1 
HETATM 1345 O  O   . HOH H 3 .  ? -22.054 -2.145  -12.341 1.00 41.83 ? 149 HOH B O   1 
HETATM 1346 O  O   . HOH H 3 .  ? -21.085 -0.870  -10.472 1.00 43.59 ? 150 HOH B O   1 
HETATM 1347 O  O   . HOH H 3 .  ? -19.922 -16.157 -0.642  1.00 72.72 ? 151 HOH B O   1 
HETATM 1348 O  O   . HOH H 3 .  ? -18.247 0.156   -3.937  1.00 33.80 ? 152 HOH B O   1 
HETATM 1349 O  O   . HOH H 3 .  ? -21.128 0.258   -3.734  1.00 46.77 ? 153 HOH B O   1 
HETATM 1350 O  O   . HOH H 3 .  ? -6.104  -4.849  3.214   1.00 53.97 ? 156 HOH B O   1 
HETATM 1351 O  O   . HOH H 3 .  ? -24.072 -1.222  -15.800 1.00 38.96 ? 163 HOH B O   1 
HETATM 1352 O  O   . HOH H 3 .  ? -14.756 -5.442  -24.098 1.00 66.61 ? 164 HOH B O   1 
HETATM 1353 O  O   . HOH H 3 .  ? -9.718  -25.033 -18.927 1.00 76.34 ? 165 HOH B O   1 
HETATM 1354 O  O   . HOH H 3 .  ? -17.210 -16.297 -20.249 1.00 54.83 ? 166 HOH B O   1 
HETATM 1355 O  O   . HOH H 3 .  ? -7.199  -21.278 -21.290 1.00 67.41 ? 167 HOH B O   1 
HETATM 1356 O  O   . HOH H 3 .  ? -14.527 -24.049 0.466   1.00 68.75 ? 168 HOH B O   1 
HETATM 1357 O  O   . HOH H 3 .  ? -19.832 -11.562 -1.687  1.00 36.25 ? 177 HOH B O   1 
HETATM 1358 O  O   . HOH H 3 .  ? -13.133 -3.279  -1.236  1.00 55.07 ? 178 HOH B O   1 
HETATM 1359 O  O   . HOH H 3 .  ? 3.249   7.922   -10.646 1.00 54.30 ? 179 HOH B O   1 
HETATM 1360 O  O   . HOH H 3 .  ? -26.464 -6.627  -14.502 1.00 59.40 ? 187 HOH B O   1 
# 
